data_1CDB
#
_entry.id   1CDB
#
_cell.length_a   1.000
_cell.length_b   1.000
_cell.length_c   1.000
_cell.angle_alpha   90.00
_cell.angle_beta   90.00
_cell.angle_gamma   90.00
#
_symmetry.space_group_name_H-M   'P 1'
#
_entity_poly.entity_id   1
_entity_poly.type   'polypeptide(L)'
_entity_poly.pdbx_seq_one_letter_code
;KEITNALETWGALGQDINLDIPSFQMSDDIDDIKWEKTSDKKKIAQFRKEKETFKEKDTYKLFKNGTLKIKHLKTDDQDI
YKVSIYDTKGKNVLEKIFDLKIQER
;
_entity_poly.pdbx_strand_id   A
#
# COMPACT_ATOMS: atom_id res chain seq x y z
N LYS A 1 -8.48 8.22 23.61
CA LYS A 1 -8.03 8.12 22.20
C LYS A 1 -8.54 6.80 21.56
N GLU A 2 -9.14 6.90 20.35
CA GLU A 2 -9.58 5.72 19.56
C GLU A 2 -8.36 5.03 18.90
N ILE A 3 -8.12 3.77 19.27
CA ILE A 3 -6.85 3.05 18.95
C ILE A 3 -7.07 2.30 17.60
N THR A 4 -6.20 2.60 16.62
CA THR A 4 -6.26 2.07 15.24
C THR A 4 -5.74 0.59 15.16
N ASN A 5 -5.97 -0.03 14.00
CA ASN A 5 -5.35 -1.33 13.62
C ASN A 5 -4.23 -1.14 12.55
N ALA A 6 -3.26 -0.31 12.94
CA ALA A 6 -2.24 0.24 12.03
C ALA A 6 -0.79 -0.05 12.48
N LEU A 7 0.12 -0.11 11.48
CA LEU A 7 1.58 -0.22 11.71
C LEU A 7 2.20 1.17 11.45
N GLU A 8 2.88 1.67 12.48
CA GLU A 8 3.78 2.85 12.37
C GLU A 8 5.10 2.40 11.67
N THR A 9 5.32 2.98 10.49
CA THR A 9 6.19 2.41 9.44
C THR A 9 7.13 3.56 9.00
N TRP A 10 8.39 3.50 9.43
CA TRP A 10 9.24 4.70 9.66
C TRP A 10 10.32 4.93 8.57
N GLY A 11 10.66 6.22 8.33
CA GLY A 11 11.78 6.59 7.43
C GLY A 11 12.13 8.09 7.45
N ALA A 12 13.41 8.42 7.70
CA ALA A 12 13.92 9.82 7.61
C ALA A 12 13.96 10.38 6.15
N LEU A 13 14.08 11.72 5.97
CA LEU A 13 13.97 12.37 4.62
C LEU A 13 14.97 11.79 3.57
N GLY A 14 14.46 11.42 2.38
CA GLY A 14 15.28 10.91 1.27
C GLY A 14 15.72 9.44 1.39
N GLN A 15 14.77 8.48 1.35
CA GLN A 15 15.12 7.02 1.44
C GLN A 15 14.10 6.06 0.75
N ASP A 16 14.55 4.82 0.50
CA ASP A 16 13.70 3.74 -0.08
C ASP A 16 13.04 2.89 1.05
N ILE A 17 11.71 2.73 0.98
CA ILE A 17 10.92 1.79 1.84
C ILE A 17 9.88 1.05 0.93
N ASN A 18 9.59 -0.22 1.28
CA ASN A 18 8.49 -1.00 0.63
C ASN A 18 7.23 -1.04 1.53
N LEU A 19 6.02 -1.04 0.91
CA LEU A 19 4.74 -1.33 1.63
C LEU A 19 4.30 -2.77 1.27
N ASP A 20 4.39 -3.65 2.27
CA ASP A 20 4.47 -5.12 2.08
C ASP A 20 3.59 -5.84 3.13
N ILE A 21 2.66 -6.64 2.62
CA ILE A 21 1.60 -7.34 3.41
C ILE A 21 2.09 -8.71 4.01
N PRO A 22 1.48 -9.29 5.08
CA PRO A 22 1.86 -10.64 5.60
C PRO A 22 1.62 -11.83 4.64
N SER A 23 2.16 -13.00 5.04
CA SER A 23 2.14 -14.25 4.29
C SER A 23 0.84 -15.09 4.45
N PHE A 24 -0.31 -14.38 4.46
CA PHE A 24 -1.68 -14.96 4.52
C PHE A 24 -1.96 -16.02 3.41
N GLN A 25 -2.69 -17.08 3.78
CA GLN A 25 -3.01 -18.24 2.91
C GLN A 25 -3.88 -17.90 1.66
N MET A 26 -3.58 -18.59 0.54
CA MET A 26 -4.30 -18.40 -0.75
C MET A 26 -4.85 -19.78 -1.23
N SER A 27 -6.16 -19.82 -1.56
CA SER A 27 -6.84 -21.03 -2.08
C SER A 27 -6.76 -21.11 -3.64
N ASP A 28 -7.52 -20.27 -4.37
CA ASP A 28 -7.64 -20.35 -5.84
C ASP A 28 -8.05 -18.92 -6.30
N ASP A 29 -7.08 -18.18 -6.87
CA ASP A 29 -7.28 -16.89 -7.59
C ASP A 29 -7.06 -15.67 -6.65
N ILE A 30 -5.92 -14.97 -6.84
CA ILE A 30 -5.59 -13.69 -6.16
C ILE A 30 -4.82 -12.79 -7.18
N ASP A 31 -5.24 -11.51 -7.35
CA ASP A 31 -4.68 -10.62 -8.42
C ASP A 31 -4.38 -9.15 -7.98
N ASP A 32 -5.37 -8.42 -7.44
CA ASP A 32 -5.29 -6.96 -7.22
C ASP A 32 -4.68 -6.63 -5.83
N ILE A 33 -3.80 -5.62 -5.82
CA ILE A 33 -3.21 -5.09 -4.56
C ILE A 33 -3.33 -3.55 -4.66
N LYS A 34 -4.19 -2.97 -3.81
CA LYS A 34 -4.49 -1.52 -3.77
C LYS A 34 -3.91 -0.89 -2.50
N TRP A 35 -3.31 0.29 -2.67
CA TRP A 35 -2.83 1.16 -1.56
C TRP A 35 -3.49 2.56 -1.78
N GLU A 36 -4.39 2.84 -0.81
CA GLU A 36 -5.32 4.02 -0.80
C GLU A 36 -5.11 4.89 0.48
N LYS A 37 -5.80 6.05 0.61
CA LYS A 37 -5.60 6.97 1.77
C LYS A 37 -6.65 6.73 2.89
N THR A 38 -6.30 7.03 4.17
CA THR A 38 -7.29 6.98 5.30
C THR A 38 -8.09 8.31 5.47
N SER A 39 -7.40 9.46 5.63
CA SER A 39 -8.04 10.80 5.83
C SER A 39 -8.94 11.29 4.65
N ASP A 40 -8.50 11.13 3.39
CA ASP A 40 -9.33 11.41 2.18
C ASP A 40 -10.29 10.25 1.76
N LYS A 41 -9.93 8.96 1.99
CA LYS A 41 -10.60 7.75 1.40
C LYS A 41 -10.43 7.74 -0.15
N LYS A 42 -9.18 7.49 -0.62
CA LYS A 42 -8.78 7.86 -2.00
C LYS A 42 -7.72 6.89 -2.54
N LYS A 43 -8.09 6.12 -3.59
CA LYS A 43 -7.20 5.17 -4.29
C LYS A 43 -6.13 5.89 -5.15
N ILE A 44 -4.99 6.21 -4.50
CA ILE A 44 -3.83 6.92 -5.11
C ILE A 44 -3.05 6.02 -6.11
N ALA A 45 -2.69 4.76 -5.76
CA ALA A 45 -2.29 3.78 -6.79
C ALA A 45 -2.96 2.41 -6.47
N GLN A 46 -3.17 1.60 -7.53
CA GLN A 46 -3.82 0.28 -7.42
C GLN A 46 -3.48 -0.60 -8.65
N PHE A 47 -3.43 -1.91 -8.41
CA PHE A 47 -2.98 -2.91 -9.42
C PHE A 47 -4.08 -3.94 -9.67
N ARG A 48 -4.19 -4.40 -10.93
CA ARG A 48 -4.97 -5.63 -11.26
C ARG A 48 -4.31 -6.32 -12.50
N LYS A 49 -5.01 -6.45 -13.64
CA LYS A 49 -4.69 -7.46 -14.69
C LYS A 49 -4.80 -6.82 -16.11
N GLU A 50 -3.94 -5.81 -16.39
CA GLU A 50 -4.09 -4.90 -17.58
C GLU A 50 -5.51 -4.25 -17.77
N LYS A 51 -6.17 -3.86 -16.66
CA LYS A 51 -7.53 -3.27 -16.67
C LYS A 51 -7.69 -2.43 -15.38
N GLU A 52 -7.69 -1.12 -15.65
CA GLU A 52 -7.60 -0.04 -14.62
C GLU A 52 -6.37 -0.23 -13.68
N THR A 53 -5.19 0.26 -14.10
CA THR A 53 -3.94 0.15 -13.30
C THR A 53 -3.44 1.60 -13.08
N PHE A 54 -3.68 2.12 -11.85
CA PHE A 54 -3.15 3.42 -11.41
C PHE A 54 -1.75 3.15 -10.78
N LYS A 55 -0.72 3.87 -11.24
CA LYS A 55 0.70 3.55 -10.90
C LYS A 55 1.66 4.77 -10.81
N GLU A 56 1.42 5.87 -11.56
CA GLU A 56 2.12 7.18 -11.39
C GLU A 56 3.68 7.13 -11.53
N LYS A 57 4.42 7.94 -10.76
CA LYS A 57 5.91 8.00 -10.79
C LYS A 57 6.56 6.96 -9.83
N ASP A 58 7.89 6.75 -9.99
CA ASP A 58 8.67 5.81 -9.13
C ASP A 58 8.70 6.04 -7.59
N THR A 59 8.58 7.30 -7.16
CA THR A 59 8.39 7.68 -5.73
C THR A 59 7.17 7.05 -4.99
N TYR A 60 6.11 6.62 -5.70
CA TYR A 60 5.03 5.78 -5.13
C TYR A 60 4.49 4.90 -6.28
N LYS A 61 4.95 3.63 -6.33
CA LYS A 61 4.68 2.72 -7.48
C LYS A 61 4.58 1.26 -6.96
N LEU A 62 3.42 0.61 -7.22
CA LEU A 62 3.03 -0.63 -6.49
C LEU A 62 3.43 -1.89 -7.31
N PHE A 63 4.22 -2.82 -6.73
CA PHE A 63 4.67 -4.05 -7.44
C PHE A 63 3.51 -5.03 -7.80
N LYS A 64 3.70 -5.80 -8.89
CA LYS A 64 2.65 -6.66 -9.47
C LYS A 64 2.28 -7.93 -8.65
N ASN A 65 3.25 -8.76 -8.22
CA ASN A 65 3.02 -9.92 -7.33
C ASN A 65 2.25 -9.59 -6.02
N GLY A 66 2.63 -8.48 -5.38
CA GLY A 66 1.89 -7.91 -4.24
C GLY A 66 2.84 -7.20 -3.29
N THR A 67 3.27 -5.98 -3.65
CA THR A 67 4.25 -5.18 -2.86
C THR A 67 4.04 -3.69 -3.28
N LEU A 68 4.84 -2.81 -2.68
CA LEU A 68 4.99 -1.40 -3.07
C LEU A 68 6.48 -1.00 -2.97
N LYS A 69 6.91 -0.04 -3.82
CA LYS A 69 8.26 0.57 -3.73
C LYS A 69 8.11 2.12 -3.75
N ILE A 70 8.49 2.72 -2.61
CA ILE A 70 8.63 4.19 -2.43
C ILE A 70 10.12 4.44 -2.76
N LYS A 71 10.45 4.99 -3.94
CA LYS A 71 11.88 5.15 -4.36
C LYS A 71 12.23 6.65 -4.26
N HIS A 72 12.97 7.03 -3.20
CA HIS A 72 13.24 8.45 -2.82
C HIS A 72 11.99 9.07 -2.14
N LEU A 73 12.03 9.23 -0.82
CA LEU A 73 11.03 9.96 -0.03
C LEU A 73 11.61 11.34 0.43
N LYS A 74 10.78 11.93 1.26
CA LYS A 74 10.89 13.23 1.98
C LYS A 74 9.53 13.32 2.78
N THR A 75 9.30 14.44 3.47
CA THR A 75 8.00 14.77 4.10
C THR A 75 6.79 14.95 3.12
N ASP A 76 7.02 15.62 1.98
CA ASP A 76 6.02 15.75 0.88
C ASP A 76 5.85 14.50 -0.05
N ASP A 77 6.85 13.61 -0.17
CA ASP A 77 6.68 12.28 -0.82
C ASP A 77 5.75 11.27 -0.05
N GLN A 78 5.52 11.40 1.28
CA GLN A 78 4.79 10.35 2.06
C GLN A 78 3.28 10.62 2.37
N ASP A 79 2.61 9.60 2.93
CA ASP A 79 1.21 9.70 3.42
C ASP A 79 0.86 8.57 4.46
N ILE A 80 -0.34 8.67 5.07
CA ILE A 80 -1.01 7.56 5.79
C ILE A 80 -1.72 6.63 4.73
N TYR A 81 -1.67 5.29 4.94
CA TYR A 81 -2.25 4.29 3.99
C TYR A 81 -3.28 3.34 4.67
N LYS A 82 -4.10 2.69 3.80
CA LYS A 82 -4.80 1.42 4.13
C LYS A 82 -4.69 0.53 2.86
N VAL A 83 -4.21 -0.72 3.03
CA VAL A 83 -4.27 -1.75 1.97
C VAL A 83 -5.68 -2.40 1.86
N SER A 84 -6.07 -2.73 0.61
CA SER A 84 -7.19 -3.67 0.35
C SER A 84 -6.79 -4.56 -0.85
N ILE A 85 -7.02 -5.86 -0.70
CA ILE A 85 -6.59 -6.91 -1.67
C ILE A 85 -7.89 -7.58 -2.21
N TYR A 86 -7.95 -7.71 -3.54
CA TYR A 86 -9.13 -8.25 -4.27
C TYR A 86 -8.63 -9.37 -5.23
N ASP A 87 -9.53 -10.32 -5.57
CA ASP A 87 -9.14 -11.55 -6.33
C ASP A 87 -9.01 -11.29 -7.87
N THR A 88 -8.77 -12.36 -8.67
CA THR A 88 -9.04 -12.31 -10.15
C THR A 88 -10.51 -11.98 -10.56
N LYS A 89 -11.52 -12.50 -9.81
CA LYS A 89 -12.92 -12.00 -9.88
C LYS A 89 -13.14 -10.60 -9.24
N GLY A 90 -12.43 -10.20 -8.17
CA GLY A 90 -12.68 -8.91 -7.47
C GLY A 90 -13.56 -9.11 -6.22
N LYS A 91 -12.99 -9.76 -5.18
CA LYS A 91 -13.70 -10.05 -3.91
C LYS A 91 -12.71 -9.75 -2.75
N ASN A 92 -13.16 -8.94 -1.78
CA ASN A 92 -12.26 -8.25 -0.81
C ASN A 92 -11.79 -9.30 0.24
N VAL A 93 -10.48 -9.61 0.25
CA VAL A 93 -9.89 -10.67 1.10
C VAL A 93 -9.17 -9.96 2.29
N LEU A 94 -7.90 -9.58 2.09
CA LEU A 94 -7.03 -9.04 3.16
C LEU A 94 -7.10 -7.48 3.16
N GLU A 95 -7.57 -6.91 4.29
CA GLU A 95 -7.71 -5.44 4.48
C GLU A 95 -7.09 -5.05 5.85
N LYS A 96 -6.25 -4.01 5.89
CA LYS A 96 -5.41 -3.68 7.08
C LYS A 96 -4.88 -2.22 6.95
N ILE A 97 -4.78 -1.51 8.10
CA ILE A 97 -4.42 -0.06 8.15
C ILE A 97 -2.86 0.08 8.33
N PHE A 98 -2.29 1.19 7.85
CA PHE A 98 -0.82 1.43 7.73
C PHE A 98 -0.48 2.96 7.82
N ASP A 99 0.83 3.34 7.97
CA ASP A 99 1.21 4.78 8.12
C ASP A 99 2.69 4.96 7.67
N LEU A 100 3.03 5.57 6.50
CA LEU A 100 4.42 6.08 6.31
C LEU A 100 4.62 7.38 7.14
N LYS A 101 5.53 7.31 8.13
CA LYS A 101 5.87 8.43 9.05
C LYS A 101 7.37 8.83 8.91
N ILE A 102 7.71 10.08 9.32
CA ILE A 102 9.07 10.65 9.17
C ILE A 102 9.75 10.75 10.58
N GLN A 103 10.98 10.21 10.67
CA GLN A 103 11.83 10.25 11.88
C GLN A 103 12.24 11.70 12.29
N GLU A 104 12.30 11.92 13.61
CA GLU A 104 12.70 13.21 14.23
C GLU A 104 13.67 12.86 15.39
N ARG A 105 14.95 12.79 15.01
CA ARG A 105 16.03 12.26 15.88
C ARG A 105 17.28 13.15 15.67
N LYS A 1 -10.62 11.58 16.59
CA LYS A 1 -9.44 10.70 16.44
C LYS A 1 -9.88 9.25 16.77
N GLU A 2 -10.10 8.44 15.71
CA GLU A 2 -10.63 7.05 15.84
C GLU A 2 -9.50 6.04 16.16
N ILE A 3 -9.82 5.01 16.98
CA ILE A 3 -8.84 3.96 17.41
C ILE A 3 -8.57 3.01 16.19
N THR A 4 -7.30 3.01 15.74
CA THR A 4 -6.86 2.28 14.53
C THR A 4 -6.52 0.78 14.84
N ASN A 5 -6.48 -0.02 13.75
CA ASN A 5 -6.00 -1.43 13.81
C ASN A 5 -4.94 -1.59 12.67
N ALA A 6 -3.79 -0.94 12.93
CA ALA A 6 -2.81 -0.57 11.88
C ALA A 6 -1.34 -0.91 12.27
N LEU A 7 -0.47 -0.82 11.25
CA LEU A 7 1.00 -0.89 11.42
C LEU A 7 1.54 0.57 11.50
N GLU A 8 2.31 0.82 12.57
CA GLU A 8 3.26 1.96 12.61
C GLU A 8 4.55 1.56 11.82
N THR A 9 4.79 2.31 10.74
CA THR A 9 5.78 1.97 9.69
C THR A 9 6.79 3.14 9.69
N TRP A 10 8.05 2.92 10.11
CA TRP A 10 9.02 4.03 10.38
C TRP A 10 10.02 4.28 9.22
N GLY A 11 10.49 5.54 9.13
CA GLY A 11 11.40 6.00 8.07
C GLY A 11 11.99 7.40 8.36
N ALA A 12 12.34 8.12 7.29
CA ALA A 12 13.12 9.40 7.37
C ALA A 12 12.91 10.27 6.09
N LEU A 13 13.32 11.56 6.14
CA LEU A 13 13.64 12.31 4.89
C LEU A 13 15.00 11.75 4.37
N GLY A 14 14.94 11.06 3.23
CA GLY A 14 16.12 10.40 2.63
C GLY A 14 15.95 8.89 2.48
N GLN A 15 14.94 8.45 1.70
CA GLN A 15 14.56 7.00 1.69
C GLN A 15 13.60 6.60 0.54
N ASP A 16 13.87 5.41 -0.06
CA ASP A 16 12.88 4.62 -0.83
C ASP A 16 12.26 3.56 0.14
N ILE A 17 10.92 3.55 0.19
CA ILE A 17 10.13 2.67 1.12
C ILE A 17 9.49 1.49 0.31
N ASN A 18 8.97 0.48 1.04
CA ASN A 18 8.28 -0.71 0.47
C ASN A 18 7.01 -1.06 1.32
N LEU A 19 5.85 -1.31 0.68
CA LEU A 19 4.67 -1.98 1.32
C LEU A 19 4.52 -3.43 0.81
N ASP A 20 5.36 -4.34 1.35
CA ASP A 20 5.27 -5.80 1.12
C ASP A 20 5.28 -6.47 2.53
N ILE A 21 4.09 -6.71 3.12
CA ILE A 21 3.96 -7.25 4.50
C ILE A 21 3.42 -8.74 4.51
N PRO A 22 3.85 -9.65 5.44
CA PRO A 22 3.38 -11.06 5.50
C PRO A 22 2.04 -11.27 6.29
N SER A 23 1.75 -12.56 6.52
CA SER A 23 0.71 -13.07 7.46
C SER A 23 -0.70 -13.35 6.84
N PHE A 24 -0.74 -14.12 5.74
CA PHE A 24 -1.94 -14.90 5.34
C PHE A 24 -1.48 -16.04 4.38
N GLN A 25 -1.85 -17.29 4.72
CA GLN A 25 -1.58 -18.48 3.86
C GLN A 25 -2.77 -18.62 2.85
N MET A 26 -2.49 -18.32 1.58
CA MET A 26 -3.51 -18.28 0.49
C MET A 26 -3.25 -19.46 -0.50
N SER A 27 -4.34 -20.09 -0.96
CA SER A 27 -4.31 -21.06 -2.10
C SER A 27 -3.80 -20.54 -3.50
N ASP A 28 -3.76 -19.21 -3.71
CA ASP A 28 -3.24 -18.53 -4.92
C ASP A 28 -4.32 -18.44 -6.04
N ASP A 29 -5.28 -17.53 -5.84
CA ASP A 29 -6.15 -17.01 -6.93
C ASP A 29 -6.46 -15.54 -6.53
N ILE A 30 -5.53 -14.61 -6.86
CA ILE A 30 -5.63 -13.18 -6.49
C ILE A 30 -4.97 -12.33 -7.60
N ASP A 31 -5.69 -11.29 -8.04
CA ASP A 31 -5.21 -10.33 -9.07
C ASP A 31 -5.04 -8.89 -8.48
N ASP A 32 -6.12 -8.31 -7.94
CA ASP A 32 -6.19 -6.85 -7.65
C ASP A 32 -5.59 -6.55 -6.25
N ILE A 33 -4.62 -5.61 -6.19
CA ILE A 33 -3.90 -5.29 -4.92
C ILE A 33 -3.81 -3.73 -4.88
N LYS A 34 -4.57 -3.15 -3.93
CA LYS A 34 -5.00 -1.72 -3.98
C LYS A 34 -4.49 -0.95 -2.74
N TRP A 35 -3.98 0.29 -2.96
CA TRP A 35 -3.37 1.11 -1.88
C TRP A 35 -3.83 2.60 -1.97
N GLU A 36 -4.47 3.01 -0.86
CA GLU A 36 -5.08 4.37 -0.64
C GLU A 36 -4.26 5.19 0.42
N LYS A 37 -4.63 6.48 0.67
CA LYS A 37 -4.34 7.14 1.97
C LYS A 37 -5.62 7.17 2.86
N THR A 38 -5.43 6.88 4.16
CA THR A 38 -6.43 7.19 5.23
C THR A 38 -5.97 8.47 5.98
N SER A 39 -6.50 9.62 5.53
CA SER A 39 -6.39 10.93 6.21
C SER A 39 -7.56 11.80 5.65
N ASP A 40 -7.44 12.29 4.39
CA ASP A 40 -8.59 12.81 3.61
C ASP A 40 -9.47 11.69 2.94
N LYS A 41 -8.88 10.61 2.40
CA LYS A 41 -9.50 9.60 1.50
C LYS A 41 -8.88 9.86 0.09
N LYS A 42 -7.85 9.06 -0.24
CA LYS A 42 -7.07 9.24 -1.49
C LYS A 42 -6.90 7.86 -2.18
N LYS A 43 -7.49 7.67 -3.37
CA LYS A 43 -7.20 6.48 -4.23
C LYS A 43 -5.94 6.80 -5.09
N ILE A 44 -4.77 6.47 -4.54
CA ILE A 44 -3.46 6.91 -5.09
C ILE A 44 -3.04 5.96 -6.24
N ALA A 45 -2.85 4.64 -5.98
CA ALA A 45 -2.46 3.69 -7.05
C ALA A 45 -2.98 2.29 -6.67
N GLN A 46 -3.66 1.71 -7.66
CA GLN A 46 -4.41 0.45 -7.55
C GLN A 46 -4.00 -0.41 -8.76
N PHE A 47 -3.74 -1.70 -8.46
CA PHE A 47 -3.60 -2.74 -9.50
C PHE A 47 -4.94 -3.46 -9.69
N ARG A 48 -5.33 -3.59 -10.97
CA ARG A 48 -6.47 -4.45 -11.38
C ARG A 48 -6.36 -4.74 -12.91
N LYS A 49 -6.50 -6.02 -13.28
CA LYS A 49 -6.59 -6.48 -14.70
C LYS A 49 -5.25 -6.38 -15.49
N GLU A 50 -5.03 -7.32 -16.42
CA GLU A 50 -3.91 -7.30 -17.41
C GLU A 50 -3.87 -6.15 -18.48
N LYS A 51 -4.84 -5.24 -18.44
CA LYS A 51 -5.02 -4.13 -19.39
C LYS A 51 -5.98 -3.10 -18.73
N GLU A 52 -5.45 -1.89 -18.64
CA GLU A 52 -6.00 -0.75 -17.85
C GLU A 52 -5.65 -0.94 -16.34
N THR A 53 -4.65 -0.16 -15.88
CA THR A 53 -4.06 -0.28 -14.51
C THR A 53 -3.84 1.17 -13.98
N PHE A 54 -4.21 1.42 -12.71
CA PHE A 54 -4.24 2.80 -12.13
C PHE A 54 -2.84 3.12 -11.51
N LYS A 55 -1.98 3.85 -12.27
CA LYS A 55 -0.50 3.77 -12.06
C LYS A 55 0.14 5.20 -12.16
N GLU A 56 1.06 5.46 -13.12
CA GLU A 56 1.89 6.69 -13.24
C GLU A 56 2.89 7.01 -12.06
N LYS A 57 4.02 7.67 -12.40
CA LYS A 57 5.01 8.27 -11.43
C LYS A 57 5.95 7.23 -10.73
N ASP A 58 7.27 7.54 -10.65
CA ASP A 58 8.25 6.75 -9.85
C ASP A 58 8.10 6.79 -8.30
N THR A 59 7.68 7.94 -7.77
CA THR A 59 7.43 8.15 -6.31
C THR A 59 6.19 7.38 -5.72
N TYR A 60 5.73 6.30 -6.39
CA TYR A 60 4.64 5.41 -5.96
C TYR A 60 4.59 4.31 -7.07
N LYS A 61 5.02 3.07 -6.75
CA LYS A 61 5.23 1.99 -7.77
C LYS A 61 4.70 0.64 -7.22
N LEU A 62 3.44 0.30 -7.53
CA LEU A 62 2.80 -0.95 -7.07
C LEU A 62 3.17 -2.18 -7.99
N PHE A 63 3.35 -3.37 -7.39
CA PHE A 63 3.54 -4.65 -8.14
C PHE A 63 2.27 -5.57 -8.11
N LYS A 64 2.29 -6.66 -8.92
CA LYS A 64 1.26 -7.73 -8.88
C LYS A 64 1.42 -8.83 -7.79
N ASN A 65 2.63 -9.27 -7.40
CA ASN A 65 2.84 -10.26 -6.32
C ASN A 65 2.22 -9.85 -4.94
N GLY A 66 2.48 -8.60 -4.54
CA GLY A 66 1.77 -7.96 -3.40
C GLY A 66 2.63 -6.89 -2.70
N THR A 67 2.91 -5.78 -3.41
CA THR A 67 4.05 -4.89 -3.05
C THR A 67 3.77 -3.42 -3.49
N LEU A 68 4.43 -2.49 -2.77
CA LEU A 68 4.56 -1.05 -3.14
C LEU A 68 6.07 -0.67 -3.14
N LYS A 69 6.46 0.36 -3.90
CA LYS A 69 7.83 0.93 -3.90
C LYS A 69 7.66 2.49 -3.98
N ILE A 70 7.78 3.20 -2.84
CA ILE A 70 7.62 4.68 -2.79
C ILE A 70 9.04 5.30 -3.01
N LYS A 71 9.37 5.85 -4.19
CA LYS A 71 10.71 6.47 -4.42
C LYS A 71 10.81 7.90 -3.80
N HIS A 72 12.05 8.26 -3.39
CA HIS A 72 12.48 9.65 -3.08
C HIS A 72 12.16 10.08 -1.61
N LEU A 73 13.21 10.55 -0.93
CA LEU A 73 13.23 11.60 0.12
C LEU A 73 12.03 12.58 0.21
N LYS A 74 11.22 12.44 1.27
CA LYS A 74 10.62 13.57 2.05
C LYS A 74 9.64 12.95 3.11
N THR A 75 9.02 13.83 3.94
CA THR A 75 7.68 13.64 4.52
C THR A 75 6.54 13.50 3.47
N ASP A 76 6.40 14.51 2.62
CA ASP A 76 5.41 14.53 1.50
C ASP A 76 5.63 13.54 0.30
N ASP A 77 6.85 13.00 0.10
CA ASP A 77 7.06 11.82 -0.77
C ASP A 77 6.55 10.47 -0.20
N GLN A 78 6.45 10.23 1.14
CA GLN A 78 6.04 8.90 1.67
C GLN A 78 5.25 9.01 3.01
N ASP A 79 4.03 8.41 3.02
CA ASP A 79 2.92 8.85 3.89
C ASP A 79 1.96 7.70 4.38
N ILE A 80 0.89 8.10 5.12
CA ILE A 80 -0.12 7.21 5.74
C ILE A 80 -0.94 6.43 4.67
N TYR A 81 -1.02 5.08 4.79
CA TYR A 81 -1.71 4.23 3.79
C TYR A 81 -2.81 3.29 4.38
N LYS A 82 -3.51 2.57 3.49
CA LYS A 82 -4.52 1.55 3.87
C LYS A 82 -4.78 0.64 2.64
N VAL A 83 -4.72 -0.69 2.87
CA VAL A 83 -4.82 -1.73 1.80
C VAL A 83 -6.22 -2.41 1.76
N SER A 84 -6.71 -2.66 0.53
CA SER A 84 -7.72 -3.71 0.24
C SER A 84 -7.16 -4.68 -0.85
N ILE A 85 -7.62 -5.94 -0.81
CA ILE A 85 -7.21 -7.00 -1.80
C ILE A 85 -8.53 -7.67 -2.32
N TYR A 86 -8.68 -7.65 -3.66
CA TYR A 86 -9.83 -8.28 -4.38
C TYR A 86 -9.23 -9.37 -5.31
N ASP A 87 -9.94 -10.50 -5.43
CA ASP A 87 -9.45 -11.69 -6.18
C ASP A 87 -9.52 -11.55 -7.74
N THR A 88 -9.24 -12.65 -8.45
CA THR A 88 -9.49 -12.74 -9.94
C THR A 88 -10.96 -12.48 -10.41
N LYS A 89 -11.95 -12.97 -9.65
CA LYS A 89 -13.37 -12.55 -9.78
C LYS A 89 -13.67 -11.06 -9.35
N GLY A 90 -13.03 -10.51 -8.29
CA GLY A 90 -13.33 -9.15 -7.79
C GLY A 90 -14.28 -9.13 -6.57
N LYS A 91 -13.81 -9.71 -5.45
CA LYS A 91 -14.57 -9.77 -4.17
C LYS A 91 -13.53 -9.64 -3.01
N ASN A 92 -13.82 -8.76 -2.04
CA ASN A 92 -12.81 -8.31 -1.06
C ASN A 92 -12.54 -9.39 0.03
N VAL A 93 -11.32 -9.97 -0.03
CA VAL A 93 -10.87 -11.03 0.90
C VAL A 93 -10.20 -10.43 2.18
N LEU A 94 -9.11 -9.67 1.96
CA LEU A 94 -8.23 -9.13 3.03
C LEU A 94 -8.27 -7.58 3.08
N GLU A 95 -8.22 -7.04 4.32
CA GLU A 95 -8.24 -5.58 4.59
C GLU A 95 -7.29 -5.32 5.80
N LYS A 96 -6.35 -4.38 5.64
CA LYS A 96 -5.42 -3.95 6.73
C LYS A 96 -5.06 -2.43 6.56
N ILE A 97 -4.47 -1.84 7.61
CA ILE A 97 -4.22 -0.36 7.72
C ILE A 97 -2.70 -0.16 8.06
N PHE A 98 -2.11 0.93 7.53
CA PHE A 98 -0.63 1.15 7.49
C PHE A 98 -0.30 2.68 7.64
N ASP A 99 0.94 3.07 7.98
CA ASP A 99 1.23 4.48 8.38
C ASP A 99 2.72 4.84 8.17
N LEU A 100 3.16 5.65 7.15
CA LEU A 100 4.58 6.12 7.14
C LEU A 100 4.84 7.34 8.08
N LYS A 101 5.89 7.16 8.91
CA LYS A 101 6.30 8.08 9.99
C LYS A 101 7.76 8.56 9.71
N ILE A 102 8.10 9.79 10.16
CA ILE A 102 9.39 10.46 9.82
C ILE A 102 10.07 10.83 11.16
N GLN A 103 11.33 10.39 11.34
CA GLN A 103 12.07 10.52 12.64
C GLN A 103 12.48 11.99 12.97
N GLU A 104 12.31 12.37 14.24
CA GLU A 104 12.55 13.75 14.73
C GLU A 104 12.68 13.71 16.28
N ARG A 105 13.94 13.75 16.74
CA ARG A 105 14.29 13.75 18.19
C ARG A 105 14.17 15.18 18.76
N LYS A 1 -11.67 -7.94 24.26
CA LYS A 1 -11.37 -6.73 23.46
C LYS A 1 -9.92 -6.78 22.88
N GLU A 2 -9.78 -6.35 21.61
CA GLU A 2 -8.47 -6.33 20.90
C GLU A 2 -8.24 -4.91 20.29
N ILE A 3 -7.01 -4.39 20.46
CA ILE A 3 -6.57 -3.09 19.89
C ILE A 3 -6.42 -3.13 18.32
N THR A 4 -6.30 -1.93 17.71
CA THR A 4 -6.31 -1.74 16.23
C THR A 4 -5.23 -2.57 15.46
N ASN A 5 -5.48 -2.77 14.16
CA ASN A 5 -4.55 -3.49 13.23
C ASN A 5 -3.80 -2.50 12.30
N ALA A 6 -3.12 -1.54 12.94
CA ALA A 6 -2.37 -0.46 12.26
C ALA A 6 -0.86 -0.57 12.58
N LEU A 7 -0.05 -0.39 11.50
CA LEU A 7 1.41 -0.41 11.58
C LEU A 7 1.90 1.06 11.68
N GLU A 8 2.58 1.36 12.80
CA GLU A 8 3.43 2.58 12.95
C GLU A 8 4.78 2.32 12.19
N THR A 9 4.93 3.00 11.03
CA THR A 9 5.93 2.65 9.99
C THR A 9 6.88 3.88 9.85
N TRP A 10 8.20 3.70 10.05
CA TRP A 10 9.14 4.84 10.27
C TRP A 10 10.38 4.83 9.34
N GLY A 11 10.88 6.05 9.07
CA GLY A 11 12.21 6.25 8.45
C GLY A 11 12.68 7.73 8.57
N ALA A 12 13.42 8.18 7.55
CA ALA A 12 14.02 9.56 7.50
C ALA A 12 13.87 10.20 6.09
N LEU A 13 14.27 11.47 5.94
CA LEU A 13 14.62 12.04 4.60
C LEU A 13 15.93 11.34 4.13
N GLY A 14 15.75 10.42 3.18
CA GLY A 14 16.72 9.34 2.89
C GLY A 14 16.01 7.98 2.87
N GLN A 15 15.15 7.71 1.85
CA GLN A 15 14.20 6.58 1.93
C GLN A 15 13.85 5.96 0.53
N ASP A 16 13.76 4.61 0.50
CA ASP A 16 12.88 3.89 -0.45
C ASP A 16 12.19 2.74 0.35
N ILE A 17 10.85 2.79 0.40
CA ILE A 17 10.01 1.77 1.11
C ILE A 17 9.48 0.68 0.14
N ASN A 18 9.13 -0.49 0.72
CA ASN A 18 8.24 -1.49 0.06
C ASN A 18 6.96 -1.71 0.93
N LEU A 19 5.75 -1.69 0.31
CA LEU A 19 4.49 -2.10 1.01
C LEU A 19 4.03 -3.47 0.47
N ASP A 20 4.43 -4.51 1.22
CA ASP A 20 4.00 -5.91 1.01
C ASP A 20 2.67 -6.15 1.84
N ILE A 21 2.27 -7.42 2.04
CA ILE A 21 1.12 -7.78 2.92
C ILE A 21 1.39 -9.13 3.67
N PRO A 22 1.64 -9.16 5.01
CA PRO A 22 1.57 -10.39 5.84
C PRO A 22 0.17 -11.08 5.97
N SER A 23 0.20 -12.29 6.54
CA SER A 23 -1.01 -13.11 6.84
C SER A 23 -1.79 -13.58 5.58
N PHE A 24 -1.13 -14.40 4.73
CA PHE A 24 -1.73 -14.98 3.51
C PHE A 24 -1.25 -16.45 3.36
N GLN A 25 -2.24 -17.38 3.31
CA GLN A 25 -1.99 -18.80 2.92
C GLN A 25 -2.37 -18.91 1.42
N MET A 26 -1.35 -18.94 0.54
CA MET A 26 -1.55 -18.72 -0.91
C MET A 26 -1.96 -20.04 -1.63
N SER A 27 -3.10 -19.96 -2.31
CA SER A 27 -3.56 -20.99 -3.29
C SER A 27 -3.24 -20.71 -4.79
N ASP A 28 -2.64 -19.56 -5.15
CA ASP A 28 -2.40 -19.10 -6.56
C ASP A 28 -3.73 -18.66 -7.23
N ASP A 29 -4.29 -17.51 -6.76
CA ASP A 29 -5.66 -17.06 -7.12
C ASP A 29 -5.81 -15.50 -6.99
N ILE A 30 -5.34 -14.87 -5.89
CA ILE A 30 -5.62 -13.46 -5.54
C ILE A 30 -4.97 -12.50 -6.60
N ASP A 31 -5.87 -11.86 -7.35
CA ASP A 31 -5.51 -11.07 -8.56
C ASP A 31 -5.42 -9.53 -8.28
N ASP A 32 -6.50 -8.92 -7.72
CA ASP A 32 -6.59 -7.47 -7.45
C ASP A 32 -6.03 -7.15 -6.03
N ILE A 33 -5.27 -6.06 -5.96
CA ILE A 33 -4.77 -5.50 -4.67
C ILE A 33 -5.05 -3.96 -4.74
N LYS A 34 -5.08 -3.27 -3.58
CA LYS A 34 -5.41 -1.82 -3.52
C LYS A 34 -4.70 -1.14 -2.33
N TRP A 35 -4.19 0.08 -2.56
CA TRP A 35 -3.62 0.94 -1.50
C TRP A 35 -4.28 2.36 -1.61
N GLU A 36 -5.04 2.69 -0.55
CA GLU A 36 -5.73 4.00 -0.36
C GLU A 36 -5.02 4.87 0.73
N LYS A 37 -5.58 6.05 1.09
CA LYS A 37 -4.98 6.92 2.13
C LYS A 37 -6.04 7.29 3.21
N THR A 38 -5.67 7.22 4.50
CA THR A 38 -6.59 7.56 5.63
C THR A 38 -6.87 9.10 5.85
N SER A 39 -6.01 10.02 5.36
CA SER A 39 -6.15 11.50 5.56
C SER A 39 -7.54 12.11 5.18
N ASP A 40 -8.06 11.81 3.98
CA ASP A 40 -9.47 12.11 3.59
C ASP A 40 -10.32 10.88 3.11
N LYS A 41 -9.83 9.62 3.19
CA LYS A 41 -10.48 8.42 2.57
C LYS A 41 -10.29 8.50 1.03
N LYS A 42 -9.11 8.07 0.55
CA LYS A 42 -8.63 8.40 -0.83
C LYS A 42 -8.04 7.16 -1.53
N LYS A 43 -8.86 6.46 -2.34
CA LYS A 43 -8.39 5.35 -3.20
C LYS A 43 -7.59 5.91 -4.41
N ILE A 44 -6.26 6.00 -4.21
CA ILE A 44 -5.33 6.67 -5.15
C ILE A 44 -4.64 5.67 -6.12
N ALA A 45 -4.09 4.52 -5.64
CA ALA A 45 -3.34 3.59 -6.51
C ALA A 45 -3.88 2.15 -6.39
N GLN A 46 -3.95 1.42 -7.52
CA GLN A 46 -4.65 0.10 -7.54
C GLN A 46 -4.16 -0.81 -8.69
N PHE A 47 -4.26 -2.11 -8.40
CA PHE A 47 -3.89 -3.24 -9.28
C PHE A 47 -5.18 -3.99 -9.64
N ARG A 48 -5.32 -4.43 -10.92
CA ARG A 48 -6.23 -5.55 -11.25
C ARG A 48 -5.53 -6.55 -12.22
N LYS A 49 -5.95 -6.66 -13.50
CA LYS A 49 -5.57 -7.81 -14.38
C LYS A 49 -5.22 -7.27 -15.79
N GLU A 50 -3.93 -7.38 -16.17
CA GLU A 50 -3.42 -7.15 -17.56
C GLU A 50 -3.87 -5.81 -18.25
N LYS A 51 -3.70 -4.69 -17.54
CA LYS A 51 -4.22 -3.34 -17.98
C LYS A 51 -3.44 -2.06 -17.52
N GLU A 52 -2.24 -2.31 -17.03
CA GLU A 52 -1.39 -1.38 -16.23
C GLU A 52 -1.94 -1.19 -14.78
N THR A 53 -1.09 -1.44 -13.78
CA THR A 53 -1.34 -1.05 -12.36
C THR A 53 -1.13 0.49 -12.24
N PHE A 54 -2.20 1.24 -11.91
CA PHE A 54 -2.19 2.72 -12.03
C PHE A 54 -1.59 3.39 -10.75
N LYS A 55 -0.52 4.17 -10.96
CA LYS A 55 -0.16 5.33 -10.10
C LYS A 55 0.60 6.37 -10.99
N GLU A 56 1.81 6.82 -10.61
CA GLU A 56 2.53 7.95 -11.28
C GLU A 56 4.00 7.95 -10.76
N LYS A 57 4.98 7.76 -11.69
CA LYS A 57 6.45 7.83 -11.40
C LYS A 57 7.00 6.64 -10.55
N ASP A 58 8.33 6.39 -10.57
CA ASP A 58 9.00 5.47 -9.57
C ASP A 58 8.88 5.87 -8.07
N THR A 59 8.88 7.20 -7.81
CA THR A 59 8.59 7.79 -6.48
C THR A 59 7.32 7.30 -5.73
N TYR A 60 6.31 6.77 -6.45
CA TYR A 60 5.20 6.02 -5.85
C TYR A 60 4.71 5.08 -6.98
N LYS A 61 5.03 3.78 -6.85
CA LYS A 61 4.81 2.80 -7.94
C LYS A 61 4.34 1.46 -7.34
N LEU A 62 3.09 1.11 -7.65
CA LEU A 62 2.47 -0.16 -7.22
C LEU A 62 2.84 -1.26 -8.29
N PHE A 63 3.41 -2.41 -7.86
CA PHE A 63 3.99 -3.46 -8.74
C PHE A 63 2.91 -4.27 -9.56
N LYS A 64 2.90 -5.62 -9.49
CA LYS A 64 1.90 -6.48 -10.18
C LYS A 64 1.55 -7.70 -9.30
N ASN A 65 2.55 -8.53 -8.90
CA ASN A 65 2.40 -9.64 -7.94
C ASN A 65 1.66 -9.30 -6.61
N GLY A 66 1.97 -8.12 -6.05
CA GLY A 66 1.20 -7.54 -4.92
C GLY A 66 2.12 -6.77 -3.97
N THR A 67 2.68 -5.64 -4.44
CA THR A 67 3.66 -4.85 -3.64
C THR A 67 3.65 -3.34 -4.05
N LEU A 68 4.29 -2.50 -3.23
CA LEU A 68 4.46 -1.04 -3.46
C LEU A 68 5.97 -0.70 -3.46
N LYS A 69 6.34 0.40 -4.11
CA LYS A 69 7.71 0.99 -4.04
C LYS A 69 7.59 2.54 -3.97
N ILE A 70 7.70 3.13 -2.76
CA ILE A 70 7.72 4.62 -2.57
C ILE A 70 9.22 5.04 -2.68
N LYS A 71 9.72 5.45 -3.86
CA LYS A 71 11.13 5.90 -3.98
C LYS A 71 11.28 7.41 -3.59
N HIS A 72 12.48 7.77 -3.13
CA HIS A 72 13.01 9.17 -3.15
C HIS A 72 12.70 9.97 -1.86
N LEU A 73 13.81 10.45 -1.28
CA LEU A 73 13.97 11.65 -0.41
C LEU A 73 12.85 12.71 -0.40
N LYS A 74 11.95 12.60 0.56
CA LYS A 74 11.53 13.69 1.50
C LYS A 74 10.36 13.15 2.41
N THR A 75 9.90 13.97 3.39
CA THR A 75 8.56 13.88 4.02
C THR A 75 7.34 14.00 3.05
N ASP A 76 7.37 15.01 2.18
CA ASP A 76 6.41 15.15 1.05
C ASP A 76 6.40 14.02 -0.04
N ASP A 77 7.48 13.22 -0.18
CA ASP A 77 7.47 11.97 -0.99
C ASP A 77 6.64 10.77 -0.40
N GLN A 78 6.18 10.80 0.87
CA GLN A 78 5.44 9.67 1.52
C GLN A 78 4.24 10.13 2.41
N ASP A 79 3.39 9.16 2.83
CA ASP A 79 2.04 9.44 3.41
C ASP A 79 1.52 8.32 4.38
N ILE A 80 0.30 8.47 4.93
CA ILE A 80 -0.44 7.38 5.64
C ILE A 80 -1.20 6.51 4.57
N TYR A 81 -1.16 5.18 4.77
CA TYR A 81 -1.73 4.17 3.83
C TYR A 81 -2.86 3.28 4.49
N LYS A 82 -3.61 2.55 3.66
CA LYS A 82 -4.53 1.46 4.11
C LYS A 82 -4.72 0.48 2.92
N VAL A 83 -4.51 -0.82 3.14
CA VAL A 83 -4.68 -1.87 2.09
C VAL A 83 -6.10 -2.52 2.12
N SER A 84 -6.57 -2.94 0.92
CA SER A 84 -7.66 -3.95 0.79
C SER A 84 -7.31 -4.93 -0.37
N ILE A 85 -7.71 -6.22 -0.20
CA ILE A 85 -7.45 -7.31 -1.18
C ILE A 85 -8.81 -7.78 -1.76
N TYR A 86 -8.81 -8.10 -3.07
CA TYR A 86 -9.99 -8.65 -3.79
C TYR A 86 -9.43 -9.73 -4.78
N ASP A 87 -10.21 -10.81 -4.99
CA ASP A 87 -9.79 -11.92 -5.89
C ASP A 87 -9.89 -11.56 -7.42
N THR A 88 -9.76 -12.59 -8.25
CA THR A 88 -10.15 -12.53 -9.71
C THR A 88 -11.68 -12.48 -9.99
N LYS A 89 -12.55 -13.08 -9.15
CA LYS A 89 -13.99 -12.72 -9.12
C LYS A 89 -14.28 -11.28 -8.55
N GLY A 90 -13.54 -10.77 -7.54
CA GLY A 90 -13.69 -9.37 -7.07
C GLY A 90 -14.65 -9.21 -5.87
N LYS A 91 -14.27 -9.79 -4.73
CA LYS A 91 -15.00 -9.62 -3.44
C LYS A 91 -13.94 -9.42 -2.33
N ASN A 92 -14.21 -8.48 -1.38
CA ASN A 92 -13.23 -8.08 -0.34
C ASN A 92 -12.85 -9.25 0.62
N VAL A 93 -11.53 -9.55 0.66
CA VAL A 93 -10.97 -10.76 1.33
C VAL A 93 -10.31 -10.36 2.69
N LEU A 94 -9.24 -9.56 2.61
CA LEU A 94 -8.47 -9.04 3.77
C LEU A 94 -8.39 -7.48 3.75
N GLU A 95 -8.25 -6.86 4.94
CA GLU A 95 -8.14 -5.37 5.08
C GLU A 95 -7.27 -5.03 6.32
N LYS A 96 -6.31 -4.09 6.16
CA LYS A 96 -5.31 -3.73 7.22
C LYS A 96 -4.84 -2.24 7.02
N ILE A 97 -4.31 -1.65 8.10
CA ILE A 97 -4.01 -0.19 8.20
C ILE A 97 -2.45 -0.02 8.37
N PHE A 98 -1.91 1.07 7.79
CA PHE A 98 -0.44 1.32 7.61
C PHE A 98 -0.21 2.85 7.72
N ASP A 99 1.01 3.31 8.13
CA ASP A 99 1.23 4.75 8.44
C ASP A 99 2.69 5.13 8.10
N LEU A 100 3.01 5.69 6.91
CA LEU A 100 4.43 6.09 6.63
C LEU A 100 4.73 7.48 7.25
N LYS A 101 5.70 7.51 8.18
CA LYS A 101 6.09 8.68 8.99
C LYS A 101 7.62 8.90 8.88
N ILE A 102 8.04 10.18 8.98
CA ILE A 102 9.47 10.60 8.88
C ILE A 102 9.84 11.52 10.09
N GLN A 103 11.15 11.56 10.39
CA GLN A 103 11.73 12.41 11.46
C GLN A 103 11.56 13.94 11.20
N GLU A 104 11.41 14.71 12.29
CA GLU A 104 11.19 16.18 12.24
C GLU A 104 11.96 16.84 13.43
N ARG A 105 13.25 17.11 13.18
CA ARG A 105 14.17 17.71 14.16
C ARG A 105 14.96 18.84 13.45
N LYS A 1 -14.98 -6.32 18.72
CA LYS A 1 -13.59 -6.42 18.22
C LYS A 1 -13.16 -5.06 17.62
N GLU A 2 -11.97 -4.59 18.03
CA GLU A 2 -11.50 -3.19 17.79
C GLU A 2 -11.04 -2.91 16.33
N ILE A 3 -11.03 -1.61 15.97
CA ILE A 3 -10.62 -1.12 14.62
C ILE A 3 -9.06 -1.15 14.53
N THR A 4 -8.54 -1.65 13.37
CA THR A 4 -7.09 -1.90 13.18
C THR A 4 -6.24 -0.59 13.12
N ASN A 5 -4.97 -0.72 13.54
CA ASN A 5 -3.90 0.27 13.21
C ASN A 5 -2.56 -0.50 13.13
N ALA A 6 -2.45 -1.27 12.04
CA ALA A 6 -1.35 -2.25 11.84
C ALA A 6 -0.35 -1.95 10.71
N LEU A 7 0.24 -0.76 10.83
CA LEU A 7 1.71 -0.60 10.82
C LEU A 7 1.98 0.88 11.22
N GLU A 8 2.70 1.10 12.33
CA GLU A 8 3.26 2.44 12.65
C GLU A 8 4.69 2.50 12.03
N THR A 9 4.82 3.32 10.99
CA THR A 9 5.86 3.15 9.95
C THR A 9 6.76 4.42 9.99
N TRP A 10 8.07 4.24 10.25
CA TRP A 10 8.99 5.37 10.56
C TRP A 10 10.27 5.28 9.69
N GLY A 11 10.70 6.45 9.17
CA GLY A 11 11.87 6.52 8.26
C GLY A 11 12.38 7.97 8.13
N ALA A 12 13.68 8.17 8.42
CA ALA A 12 14.37 9.47 8.23
C ALA A 12 14.60 9.81 6.74
N LEU A 13 14.61 11.12 6.42
CA LEU A 13 14.49 11.63 5.03
C LEU A 13 15.45 11.03 3.97
N GLY A 14 14.87 10.92 2.77
CA GLY A 14 15.53 10.40 1.55
C GLY A 14 16.06 8.96 1.63
N GLN A 15 15.16 7.96 1.81
CA GLN A 15 15.56 6.58 2.23
C GLN A 15 14.44 5.56 1.86
N ASP A 16 14.58 4.85 0.72
CA ASP A 16 13.53 3.96 0.14
C ASP A 16 12.83 2.98 1.13
N ILE A 17 11.48 2.94 1.08
CA ILE A 17 10.67 2.19 2.09
C ILE A 17 9.46 1.45 1.41
N ASN A 18 9.12 0.24 1.91
CA ASN A 18 8.15 -0.68 1.25
C ASN A 18 6.81 -0.83 2.05
N LEU A 19 5.72 -1.26 1.34
CA LEU A 19 4.46 -1.74 1.98
C LEU A 19 4.22 -3.21 1.55
N ASP A 20 3.94 -4.08 2.54
CA ASP A 20 3.94 -5.55 2.37
C ASP A 20 2.82 -6.14 3.27
N ILE A 21 2.21 -7.22 2.75
CA ILE A 21 1.22 -8.07 3.49
C ILE A 21 1.86 -9.48 3.74
N PRO A 22 2.59 -9.77 4.86
CA PRO A 22 3.36 -11.04 5.03
C PRO A 22 2.54 -12.25 5.57
N SER A 23 3.13 -13.45 5.39
CA SER A 23 2.55 -14.75 5.85
C SER A 23 1.18 -15.17 5.23
N PHE A 24 1.04 -15.00 3.90
CA PHE A 24 -0.12 -15.53 3.12
C PHE A 24 0.44 -15.93 1.73
N GLN A 25 0.79 -17.21 1.57
CA GLN A 25 1.35 -17.76 0.30
C GLN A 25 0.27 -18.65 -0.37
N MET A 26 -0.38 -18.09 -1.41
CA MET A 26 -1.44 -18.81 -2.18
C MET A 26 -1.37 -18.31 -3.65
N SER A 27 -1.41 -19.28 -4.59
CA SER A 27 -1.54 -19.01 -6.05
C SER A 27 -2.72 -19.87 -6.57
N ASP A 28 -3.87 -19.20 -6.69
CA ASP A 28 -5.16 -19.82 -7.06
C ASP A 28 -6.00 -18.75 -7.84
N ASP A 29 -6.55 -17.73 -7.15
CA ASP A 29 -7.22 -16.57 -7.81
C ASP A 29 -6.31 -15.32 -7.57
N ILE A 30 -6.77 -14.29 -6.82
CA ILE A 30 -5.94 -13.14 -6.34
C ILE A 30 -5.51 -12.23 -7.54
N ASP A 31 -6.28 -11.14 -7.77
CA ASP A 31 -6.03 -10.20 -8.92
C ASP A 31 -5.65 -8.76 -8.45
N ASP A 32 -6.42 -8.16 -7.52
CA ASP A 32 -6.34 -6.71 -7.18
C ASP A 32 -5.63 -6.49 -5.82
N ILE A 33 -4.67 -5.52 -5.81
CA ILE A 33 -3.87 -5.18 -4.60
C ILE A 33 -3.85 -3.62 -4.53
N LYS A 34 -4.66 -3.05 -3.62
CA LYS A 34 -5.00 -1.61 -3.62
C LYS A 34 -4.43 -0.88 -2.40
N TRP A 35 -3.84 0.30 -2.64
CA TRP A 35 -3.25 1.16 -1.57
C TRP A 35 -3.82 2.60 -1.75
N GLU A 36 -4.41 3.08 -0.64
CA GLU A 36 -5.61 3.95 -0.62
C GLU A 36 -5.55 4.82 0.68
N LYS A 37 -5.68 6.15 0.49
CA LYS A 37 -5.50 7.16 1.57
C LYS A 37 -6.56 7.09 2.70
N THR A 38 -6.13 7.32 3.96
CA THR A 38 -7.07 7.59 5.09
C THR A 38 -7.36 9.12 5.29
N SER A 39 -6.32 9.99 5.19
CA SER A 39 -6.44 11.45 5.40
C SER A 39 -7.40 12.19 4.42
N ASP A 40 -7.27 12.01 3.09
CA ASP A 40 -8.19 12.60 2.09
C ASP A 40 -8.53 11.63 0.91
N LYS A 41 -9.21 10.51 1.23
CA LYS A 41 -10.12 9.78 0.30
C LYS A 41 -9.38 8.71 -0.57
N LYS A 42 -9.45 7.47 -0.08
CA LYS A 42 -9.13 6.19 -0.75
C LYS A 42 -9.05 6.06 -2.30
N LYS A 43 -7.90 6.53 -2.86
CA LYS A 43 -7.47 6.27 -4.25
C LYS A 43 -6.14 7.02 -4.44
N ILE A 44 -5.02 6.26 -4.44
CA ILE A 44 -3.66 6.80 -4.73
C ILE A 44 -3.11 5.94 -5.92
N ALA A 45 -2.80 4.64 -5.68
CA ALA A 45 -2.26 3.75 -6.74
C ALA A 45 -2.67 2.30 -6.39
N GLN A 46 -3.22 1.62 -7.41
CA GLN A 46 -4.04 0.40 -7.21
C GLN A 46 -3.91 -0.55 -8.44
N PHE A 47 -3.69 -1.82 -8.11
CA PHE A 47 -3.46 -2.90 -9.12
C PHE A 47 -4.75 -3.68 -9.40
N ARG A 48 -4.85 -4.24 -10.62
CA ARG A 48 -5.94 -5.18 -10.96
C ARG A 48 -5.54 -6.31 -11.94
N LYS A 49 -5.04 -6.02 -13.17
CA LYS A 49 -4.84 -7.03 -14.26
C LYS A 49 -6.17 -7.28 -15.05
N GLU A 50 -6.05 -7.47 -16.37
CA GLU A 50 -7.16 -7.35 -17.36
C GLU A 50 -7.45 -5.83 -17.62
N LYS A 51 -6.56 -5.19 -18.41
CA LYS A 51 -6.41 -3.71 -18.56
C LYS A 51 -7.13 -2.74 -17.58
N GLU A 52 -6.42 -2.58 -16.46
CA GLU A 52 -6.74 -1.61 -15.38
C GLU A 52 -5.56 -1.69 -14.38
N THR A 53 -4.61 -0.72 -14.45
CA THR A 53 -3.44 -0.67 -13.54
C THR A 53 -3.12 0.85 -13.37
N PHE A 54 -3.43 1.39 -12.18
CA PHE A 54 -3.26 2.85 -11.90
C PHE A 54 -1.91 3.06 -11.17
N LYS A 55 -0.91 3.51 -11.96
CA LYS A 55 0.43 3.91 -11.45
C LYS A 55 1.07 4.91 -12.47
N GLU A 56 1.87 5.87 -11.97
CA GLU A 56 2.59 6.86 -12.82
C GLU A 56 4.12 6.84 -12.55
N LYS A 57 4.56 7.31 -11.37
CA LYS A 57 5.99 7.58 -11.05
C LYS A 57 6.69 6.38 -10.34
N ASP A 58 8.05 6.40 -10.33
CA ASP A 58 8.84 5.45 -9.47
C ASP A 58 8.87 5.76 -7.96
N THR A 59 8.92 7.06 -7.63
CA THR A 59 8.80 7.55 -6.23
C THR A 59 7.53 7.10 -5.44
N TYR A 60 6.46 6.67 -6.14
CA TYR A 60 5.41 5.82 -5.56
C TYR A 60 4.98 4.80 -6.64
N LYS A 61 5.43 3.55 -6.47
CA LYS A 61 5.11 2.41 -7.39
C LYS A 61 4.59 1.19 -6.58
N LEU A 62 3.74 0.36 -7.25
CA LEU A 62 3.09 -0.82 -6.63
C LEU A 62 3.57 -2.12 -7.38
N PHE A 63 3.98 -3.17 -6.64
CA PHE A 63 4.43 -4.45 -7.26
C PHE A 63 3.25 -5.46 -7.53
N LYS A 64 3.52 -6.44 -8.41
CA LYS A 64 2.56 -7.51 -8.79
C LYS A 64 2.24 -8.55 -7.67
N ASN A 65 3.23 -9.26 -7.09
CA ASN A 65 3.05 -10.27 -6.03
C ASN A 65 2.15 -9.84 -4.82
N GLY A 66 2.33 -8.58 -4.41
CA GLY A 66 1.38 -7.89 -3.52
C GLY A 66 2.12 -6.91 -2.59
N THR A 67 2.69 -5.85 -3.19
CA THR A 67 3.78 -5.07 -2.55
C THR A 67 3.75 -3.60 -3.11
N LEU A 68 4.65 -2.80 -2.56
CA LEU A 68 4.82 -1.37 -2.84
C LEU A 68 6.32 -1.01 -2.64
N LYS A 69 6.85 -0.09 -3.47
CA LYS A 69 8.17 0.54 -3.24
C LYS A 69 8.04 2.09 -3.40
N ILE A 70 8.28 2.84 -2.31
CA ILE A 70 8.23 4.33 -2.29
C ILE A 70 9.73 4.77 -2.49
N LYS A 71 10.21 5.07 -3.72
CA LYS A 71 11.67 5.37 -3.93
C LYS A 71 11.97 6.86 -3.64
N HIS A 72 12.95 7.13 -2.76
CA HIS A 72 13.31 8.50 -2.29
C HIS A 72 12.17 9.07 -1.39
N LEU A 73 12.45 9.14 -0.10
CA LEU A 73 11.43 9.22 0.99
C LEU A 73 11.61 10.50 1.86
N LYS A 74 11.61 11.63 1.16
CA LYS A 74 11.50 12.99 1.76
C LYS A 74 10.03 13.27 2.27
N THR A 75 9.76 14.46 2.85
CA THR A 75 8.43 14.77 3.47
C THR A 75 7.27 14.94 2.44
N ASP A 76 7.53 15.69 1.36
CA ASP A 76 6.67 15.62 0.13
C ASP A 76 7.14 14.48 -0.83
N ASP A 77 7.10 13.26 -0.29
CA ASP A 77 7.21 11.97 -1.01
C ASP A 77 6.26 10.89 -0.38
N GLN A 78 5.76 11.01 0.90
CA GLN A 78 4.92 9.94 1.53
C GLN A 78 3.60 10.40 2.21
N ASP A 79 2.80 9.42 2.70
CA ASP A 79 1.41 9.63 3.20
C ASP A 79 1.01 8.60 4.31
N ILE A 80 -0.19 8.79 4.91
CA ILE A 80 -0.93 7.70 5.63
C ILE A 80 -1.64 6.80 4.58
N TYR A 81 -1.50 5.47 4.74
CA TYR A 81 -2.07 4.48 3.79
C TYR A 81 -3.09 3.51 4.48
N LYS A 82 -3.75 2.70 3.64
CA LYS A 82 -4.61 1.56 4.05
C LYS A 82 -4.64 0.58 2.84
N VAL A 83 -4.79 -0.72 3.11
CA VAL A 83 -4.86 -1.78 2.07
C VAL A 83 -6.28 -2.41 2.01
N SER A 84 -6.74 -2.70 0.77
CA SER A 84 -7.82 -3.68 0.52
C SER A 84 -7.35 -4.65 -0.60
N ILE A 85 -7.75 -5.92 -0.47
CA ILE A 85 -7.36 -7.01 -1.41
C ILE A 85 -8.67 -7.68 -1.91
N TYR A 86 -8.79 -7.83 -3.24
CA TYR A 86 -9.96 -8.45 -3.92
C TYR A 86 -9.44 -9.53 -4.91
N ASP A 87 -10.21 -10.62 -5.07
CA ASP A 87 -9.82 -11.77 -5.93
C ASP A 87 -10.19 -11.54 -7.44
N THR A 88 -10.00 -12.56 -8.29
CA THR A 88 -10.54 -12.55 -9.70
C THR A 88 -12.10 -12.37 -9.88
N LYS A 89 -12.92 -12.76 -8.90
CA LYS A 89 -14.34 -12.32 -8.78
C LYS A 89 -14.56 -10.78 -8.62
N GLY A 90 -13.79 -10.09 -7.76
CA GLY A 90 -14.19 -8.78 -7.20
C GLY A 90 -14.96 -8.97 -5.87
N LYS A 91 -14.25 -9.47 -4.85
CA LYS A 91 -14.86 -10.01 -3.62
C LYS A 91 -13.81 -9.82 -2.50
N ASN A 92 -14.15 -8.96 -1.53
CA ASN A 92 -13.17 -8.46 -0.53
C ASN A 92 -12.79 -9.53 0.54
N VAL A 93 -11.47 -9.70 0.73
CA VAL A 93 -10.90 -10.68 1.69
C VAL A 93 -10.24 -9.88 2.86
N LEU A 94 -8.99 -9.45 2.65
CA LEU A 94 -8.15 -8.77 3.69
C LEU A 94 -8.31 -7.22 3.62
N GLU A 95 -8.40 -6.58 4.79
CA GLU A 95 -8.40 -5.09 4.94
C GLU A 95 -7.63 -4.71 6.25
N LYS A 96 -6.69 -3.74 6.16
CA LYS A 96 -5.75 -3.40 7.27
C LYS A 96 -5.14 -1.98 7.07
N ILE A 97 -4.92 -1.23 8.17
CA ILE A 97 -4.47 0.21 8.14
C ILE A 97 -2.93 0.29 8.43
N PHE A 98 -2.24 1.23 7.78
CA PHE A 98 -0.74 1.38 7.77
C PHE A 98 -0.44 2.92 7.73
N ASP A 99 0.77 3.40 8.10
CA ASP A 99 0.97 4.86 8.40
C ASP A 99 2.40 5.32 8.08
N LEU A 100 2.71 5.88 6.86
CA LEU A 100 4.07 6.42 6.62
C LEU A 100 4.27 7.79 7.33
N LYS A 101 5.33 7.86 8.15
CA LYS A 101 5.67 9.03 8.99
C LYS A 101 7.20 9.29 8.93
N ILE A 102 7.57 10.58 9.04
CA ILE A 102 8.99 11.03 9.00
C ILE A 102 9.41 11.38 10.46
N GLN A 103 10.60 10.90 10.86
CA GLN A 103 11.19 11.16 12.21
C GLN A 103 11.53 12.67 12.40
N GLU A 104 11.01 13.27 13.49
CA GLU A 104 11.09 14.74 13.74
C GLU A 104 11.21 14.96 15.27
N ARG A 105 12.48 15.01 15.67
CA ARG A 105 12.95 15.25 17.05
C ARG A 105 12.54 14.13 18.04
N LYS A 1 -11.81 0.68 24.88
CA LYS A 1 -10.66 -0.19 24.52
C LYS A 1 -10.81 -0.84 23.10
N GLU A 2 -10.93 0.02 22.08
CA GLU A 2 -10.91 -0.40 20.65
C GLU A 2 -9.65 0.25 20.02
N ILE A 3 -8.59 -0.57 19.84
CA ILE A 3 -7.30 -0.13 19.27
C ILE A 3 -7.25 -0.61 17.78
N THR A 4 -6.79 0.28 16.88
CA THR A 4 -6.66 0.02 15.42
C THR A 4 -5.66 -1.14 15.09
N ASN A 5 -5.75 -1.63 13.85
CA ASN A 5 -4.80 -2.63 13.28
C ASN A 5 -3.78 -2.02 12.27
N ALA A 6 -3.08 -1.02 12.80
CA ALA A 6 -2.23 -0.10 12.02
C ALA A 6 -0.75 -0.12 12.50
N LEU A 7 0.19 0.11 11.55
CA LEU A 7 1.63 0.18 11.84
C LEU A 7 2.10 1.64 11.64
N GLU A 8 2.78 2.12 12.67
CA GLU A 8 3.60 3.38 12.62
C GLU A 8 4.94 3.07 11.91
N THR A 9 5.00 3.45 10.62
CA THR A 9 5.98 2.90 9.64
C THR A 9 7.00 4.03 9.33
N TRP A 10 8.18 3.95 9.97
CA TRP A 10 9.08 5.13 10.15
C TRP A 10 10.31 5.13 9.20
N GLY A 11 10.77 6.35 8.88
CA GLY A 11 12.04 6.58 8.17
C GLY A 11 12.47 8.07 8.23
N ALA A 12 13.81 8.30 8.25
CA ALA A 12 14.37 9.66 8.04
C ALA A 12 14.49 9.96 6.52
N LEU A 13 14.14 11.20 6.13
CA LEU A 13 13.70 11.53 4.75
C LEU A 13 14.80 11.27 3.66
N GLY A 14 14.35 10.84 2.47
CA GLY A 14 15.26 10.42 1.37
C GLY A 14 15.89 9.00 1.55
N GLN A 15 15.05 7.95 1.54
CA GLN A 15 15.50 6.54 1.77
C GLN A 15 14.44 5.57 1.15
N ASP A 16 14.90 4.40 0.65
CA ASP A 16 14.04 3.42 -0.08
C ASP A 16 13.22 2.54 0.91
N ILE A 17 11.91 2.36 0.58
CA ILE A 17 10.88 1.80 1.50
C ILE A 17 9.97 0.80 0.71
N ASN A 18 9.34 -0.15 1.44
CA ASN A 18 8.31 -1.07 0.88
C ASN A 18 7.02 -1.08 1.75
N LEU A 19 5.82 -0.89 1.13
CA LEU A 19 4.51 -1.15 1.81
C LEU A 19 4.03 -2.58 1.47
N ASP A 20 4.12 -3.48 2.45
CA ASP A 20 4.07 -4.93 2.21
C ASP A 20 3.51 -5.63 3.49
N ILE A 21 2.40 -6.39 3.37
CA ILE A 21 2.15 -7.56 4.27
C ILE A 21 1.64 -8.80 3.44
N PRO A 22 2.49 -9.49 2.62
CA PRO A 22 2.11 -10.74 1.90
C PRO A 22 2.17 -12.03 2.78
N SER A 23 1.85 -13.17 2.13
CA SER A 23 1.95 -14.54 2.71
C SER A 23 0.77 -14.93 3.65
N PHE A 24 -0.45 -14.99 3.07
CA PHE A 24 -1.57 -15.80 3.62
C PHE A 24 -1.57 -17.24 2.97
N GLN A 25 -2.37 -18.15 3.55
CA GLN A 25 -2.60 -19.51 2.99
C GLN A 25 -3.59 -19.41 1.79
N MET A 26 -3.05 -19.55 0.57
CA MET A 26 -3.78 -19.25 -0.68
C MET A 26 -4.43 -20.53 -1.30
N SER A 27 -5.62 -20.36 -1.90
CA SER A 27 -6.27 -21.40 -2.73
C SER A 27 -5.69 -21.31 -4.18
N ASP A 28 -6.42 -20.77 -5.17
CA ASP A 28 -5.82 -20.30 -6.46
C ASP A 28 -6.70 -19.14 -7.01
N ASP A 29 -6.64 -17.96 -6.36
CA ASP A 29 -7.36 -16.73 -6.81
C ASP A 29 -6.79 -15.52 -6.03
N ILE A 30 -5.74 -14.87 -6.57
CA ILE A 30 -5.07 -13.69 -5.96
C ILE A 30 -4.39 -12.87 -7.09
N ASP A 31 -4.76 -11.58 -7.23
CA ASP A 31 -4.28 -10.73 -8.36
C ASP A 31 -4.11 -9.23 -8.00
N ASP A 32 -5.16 -8.58 -7.46
CA ASP A 32 -5.27 -7.09 -7.40
C ASP A 32 -4.90 -6.58 -5.98
N ILE A 33 -4.07 -5.51 -5.92
CA ILE A 33 -3.57 -4.97 -4.60
C ILE A 33 -3.67 -3.42 -4.67
N LYS A 34 -4.25 -2.82 -3.60
CA LYS A 34 -4.77 -1.44 -3.63
C LYS A 34 -4.30 -0.67 -2.37
N TRP A 35 -3.81 0.57 -2.59
CA TRP A 35 -3.28 1.43 -1.50
C TRP A 35 -3.90 2.86 -1.62
N GLU A 36 -4.63 3.22 -0.54
CA GLU A 36 -5.51 4.42 -0.42
C GLU A 36 -5.31 5.10 0.97
N LYS A 37 -5.55 6.43 1.11
CA LYS A 37 -5.34 7.15 2.41
C LYS A 37 -6.47 6.87 3.45
N THR A 38 -6.11 6.90 4.75
CA THR A 38 -7.11 6.77 5.87
C THR A 38 -8.05 8.00 6.07
N SER A 39 -7.55 9.24 6.05
CA SER A 39 -8.25 10.44 6.59
C SER A 39 -9.61 10.78 5.90
N ASP A 40 -9.60 11.08 4.57
CA ASP A 40 -10.85 11.23 3.78
C ASP A 40 -10.91 10.29 2.51
N LYS A 41 -10.29 9.08 2.54
CA LYS A 41 -10.34 8.06 1.45
C LYS A 41 -9.78 8.59 0.10
N LYS A 42 -8.44 8.77 0.08
CA LYS A 42 -7.72 9.35 -1.08
C LYS A 42 -7.02 8.23 -1.86
N LYS A 43 -7.56 7.90 -3.04
CA LYS A 43 -7.02 6.83 -3.93
C LYS A 43 -5.74 7.33 -4.65
N ILE A 44 -4.57 6.91 -4.11
CA ILE A 44 -3.25 7.14 -4.76
C ILE A 44 -3.13 6.12 -5.93
N ALA A 45 -3.06 4.79 -5.70
CA ALA A 45 -2.91 3.82 -6.81
C ALA A 45 -3.59 2.46 -6.50
N GLN A 46 -3.74 1.65 -7.56
CA GLN A 46 -4.35 0.31 -7.48
C GLN A 46 -3.89 -0.50 -8.73
N PHE A 47 -3.60 -1.79 -8.46
CA PHE A 47 -3.09 -2.74 -9.48
C PHE A 47 -4.17 -3.77 -9.87
N ARG A 48 -4.32 -3.89 -11.21
CA ARG A 48 -5.08 -4.98 -11.87
C ARG A 48 -4.32 -5.49 -13.14
N LYS A 49 -4.59 -6.75 -13.54
CA LYS A 49 -4.12 -7.30 -14.84
C LYS A 49 -5.31 -7.37 -15.86
N GLU A 50 -5.56 -6.23 -16.56
CA GLU A 50 -6.28 -6.20 -17.86
C GLU A 50 -6.32 -4.73 -18.35
N LYS A 51 -5.34 -4.36 -19.21
CA LYS A 51 -5.17 -2.99 -19.77
C LYS A 51 -5.02 -1.87 -18.68
N GLU A 52 -3.86 -1.24 -18.74
CA GLU A 52 -3.60 0.12 -18.16
C GLU A 52 -3.80 0.18 -16.61
N THR A 53 -2.67 0.13 -15.88
CA THR A 53 -2.65 0.10 -14.39
C THR A 53 -2.93 1.52 -13.80
N PHE A 54 -3.66 1.61 -12.65
CA PHE A 54 -3.90 2.92 -11.99
C PHE A 54 -2.68 3.26 -11.11
N LYS A 55 -1.96 4.34 -11.46
CA LYS A 55 -0.70 4.74 -10.77
C LYS A 55 -0.64 6.28 -10.65
N GLU A 56 -0.30 6.75 -9.43
CA GLU A 56 0.20 8.14 -9.18
C GLU A 56 1.70 8.26 -9.59
N LYS A 57 2.59 7.41 -9.02
CA LYS A 57 3.97 7.20 -9.48
C LYS A 57 4.92 8.37 -9.09
N ASP A 58 5.59 8.24 -7.94
CA ASP A 58 6.80 9.03 -7.60
C ASP A 58 8.02 8.27 -8.18
N THR A 59 8.59 7.39 -7.36
CA THR A 59 8.90 6.02 -7.80
C THR A 59 8.00 5.02 -7.02
N TYR A 60 6.66 5.26 -7.07
CA TYR A 60 5.63 4.36 -6.48
C TYR A 60 5.25 3.26 -7.51
N LYS A 61 5.36 1.98 -7.09
CA LYS A 61 5.06 0.81 -7.95
C LYS A 61 4.41 -0.28 -7.04
N LEU A 62 3.05 -0.38 -7.05
CA LEU A 62 2.31 -1.22 -6.07
C LEU A 62 2.29 -2.73 -6.52
N PHE A 63 3.33 -3.53 -6.19
CA PHE A 63 3.63 -4.81 -6.92
C PHE A 63 2.55 -5.94 -6.82
N LYS A 64 2.54 -6.82 -7.84
CA LYS A 64 1.61 -7.98 -7.94
C LYS A 64 1.75 -9.08 -6.84
N ASN A 65 2.95 -9.47 -6.41
CA ASN A 65 3.18 -10.39 -5.27
C ASN A 65 2.44 -9.99 -3.95
N GLY A 66 2.52 -8.70 -3.60
CA GLY A 66 1.71 -8.06 -2.54
C GLY A 66 2.52 -6.96 -1.81
N THR A 67 2.94 -5.90 -2.55
CA THR A 67 4.03 -4.99 -2.12
C THR A 67 3.79 -3.55 -2.71
N LEU A 68 4.66 -2.58 -2.34
CA LEU A 68 4.70 -1.23 -2.92
C LEU A 68 6.14 -0.67 -2.71
N LYS A 69 7.01 -0.64 -3.74
CA LYS A 69 8.32 0.07 -3.64
C LYS A 69 8.13 1.60 -3.85
N ILE A 70 8.55 2.39 -2.84
CA ILE A 70 8.73 3.87 -2.92
C ILE A 70 10.26 4.04 -3.06
N LYS A 71 10.80 4.67 -4.13
CA LYS A 71 12.27 5.02 -4.12
C LYS A 71 12.44 6.50 -3.67
N HIS A 72 12.86 6.69 -2.39
CA HIS A 72 12.98 8.00 -1.68
C HIS A 72 11.66 8.34 -0.95
N LEU A 73 11.70 8.38 0.40
CA LEU A 73 10.53 8.77 1.26
C LEU A 73 10.44 10.23 1.80
N LYS A 74 11.11 11.12 1.09
CA LYS A 74 11.02 12.61 1.25
C LYS A 74 9.57 13.14 1.44
N THR A 75 9.47 14.31 2.07
CA THR A 75 8.22 14.74 2.75
C THR A 75 6.96 14.83 1.83
N ASP A 76 7.14 15.36 0.61
CA ASP A 76 6.13 15.28 -0.49
C ASP A 76 6.16 13.99 -1.39
N ASP A 77 7.19 13.11 -1.31
CA ASP A 77 7.09 11.70 -1.79
C ASP A 77 6.04 10.82 -1.04
N GLN A 78 5.80 10.97 0.29
CA GLN A 78 5.03 9.94 1.07
C GLN A 78 3.70 10.45 1.72
N ASP A 79 2.93 9.49 2.29
CA ASP A 79 1.55 9.73 2.81
C ASP A 79 1.17 8.66 3.90
N ILE A 80 -0.01 8.83 4.53
CA ILE A 80 -0.69 7.77 5.33
C ILE A 80 -1.45 6.78 4.37
N TYR A 81 -1.55 5.50 4.76
CA TYR A 81 -2.10 4.41 3.89
C TYR A 81 -3.04 3.40 4.60
N LYS A 82 -3.71 2.60 3.77
CA LYS A 82 -4.61 1.51 4.20
C LYS A 82 -4.76 0.58 2.95
N VAL A 83 -4.39 -0.70 3.13
CA VAL A 83 -4.46 -1.72 2.05
C VAL A 83 -5.82 -2.47 2.09
N SER A 84 -6.38 -2.68 0.90
CA SER A 84 -7.36 -3.76 0.64
C SER A 84 -6.74 -4.72 -0.42
N ILE A 85 -7.03 -6.00 -0.26
CA ILE A 85 -6.51 -7.09 -1.13
C ILE A 85 -7.80 -7.70 -1.76
N TYR A 86 -7.84 -7.70 -3.09
CA TYR A 86 -8.98 -8.24 -3.88
C TYR A 86 -8.41 -9.36 -4.79
N ASP A 87 -9.20 -10.42 -4.96
CA ASP A 87 -8.83 -11.57 -5.83
C ASP A 87 -8.93 -11.23 -7.36
N THR A 88 -8.89 -12.28 -8.21
CA THR A 88 -9.02 -12.13 -9.69
C THR A 88 -10.34 -11.46 -10.23
N LYS A 89 -11.49 -11.75 -9.60
CA LYS A 89 -12.77 -11.05 -9.85
C LYS A 89 -12.82 -9.54 -9.42
N GLY A 90 -12.15 -9.13 -8.31
CA GLY A 90 -12.51 -7.90 -7.59
C GLY A 90 -13.51 -8.21 -6.45
N LYS A 91 -13.03 -8.92 -5.42
CA LYS A 91 -13.86 -9.39 -4.28
C LYS A 91 -12.91 -9.46 -3.06
N ASN A 92 -13.32 -8.72 -2.01
CA ASN A 92 -12.47 -8.40 -0.83
C ASN A 92 -12.02 -9.64 0.01
N VAL A 93 -10.73 -9.61 0.41
CA VAL A 93 -10.00 -10.77 0.99
C VAL A 93 -9.48 -10.34 2.40
N LEU A 94 -8.31 -9.70 2.43
CA LEU A 94 -7.64 -9.16 3.65
C LEU A 94 -7.71 -7.60 3.63
N GLU A 95 -7.76 -6.98 4.83
CA GLU A 95 -7.62 -5.51 5.01
C GLU A 95 -6.68 -5.24 6.21
N LYS A 96 -5.56 -4.53 5.94
CA LYS A 96 -4.64 -4.01 7.00
C LYS A 96 -4.48 -2.46 6.85
N ILE A 97 -3.94 -1.82 7.90
CA ILE A 97 -3.86 -0.32 8.00
C ILE A 97 -2.36 0.07 8.28
N PHE A 98 -1.94 1.27 7.82
CA PHE A 98 -0.50 1.62 7.63
C PHE A 98 -0.25 3.17 7.65
N ASP A 99 1.01 3.64 7.79
CA ASP A 99 1.29 5.11 7.82
C ASP A 99 2.78 5.36 7.45
N LEU A 100 3.20 5.99 6.30
CA LEU A 100 4.59 6.55 6.27
C LEU A 100 4.67 7.87 7.11
N LYS A 101 5.67 7.93 7.99
CA LYS A 101 5.98 9.15 8.78
C LYS A 101 7.47 9.59 8.57
N ILE A 102 7.71 10.88 8.83
CA ILE A 102 9.05 11.51 8.65
C ILE A 102 9.60 11.78 10.08
N GLN A 103 10.82 11.30 10.37
CA GLN A 103 11.50 11.57 11.67
C GLN A 103 11.87 13.07 11.78
N GLU A 104 11.41 13.70 12.88
CA GLU A 104 11.38 15.18 13.01
C GLU A 104 12.64 15.74 13.74
N ARG A 105 13.78 15.52 13.07
CA ARG A 105 15.13 15.99 13.47
C ARG A 105 15.64 15.29 14.75
N LYS A 1 -0.90 -8.94 25.55
CA LYS A 1 -1.57 -9.11 24.25
C LYS A 1 -2.23 -7.76 23.85
N GLU A 2 -1.55 -7.01 22.94
CA GLU A 2 -2.09 -5.76 22.36
C GLU A 2 -2.60 -6.07 20.93
N ILE A 3 -3.92 -5.87 20.72
CA ILE A 3 -4.56 -6.04 19.39
C ILE A 3 -4.65 -4.63 18.74
N THR A 4 -3.90 -4.48 17.65
CA THR A 4 -3.82 -3.25 16.84
C THR A 4 -4.60 -3.46 15.50
N ASN A 5 -5.09 -2.36 14.92
CA ASN A 5 -5.66 -2.34 13.54
C ASN A 5 -4.89 -1.31 12.66
N ALA A 6 -3.57 -1.52 12.55
CA ALA A 6 -2.62 -0.56 11.93
C ALA A 6 -1.16 -1.08 11.96
N LEU A 7 -0.38 -0.63 10.96
CA LEU A 7 1.10 -0.53 11.06
C LEU A 7 1.47 0.97 11.25
N GLU A 8 2.29 1.23 12.28
CA GLU A 8 3.23 2.40 12.31
C GLU A 8 4.47 2.04 11.44
N THR A 9 4.61 2.73 10.29
CA THR A 9 5.48 2.28 9.17
C THR A 9 6.83 3.05 9.26
N TRP A 10 7.85 2.40 9.86
CA TRP A 10 9.09 3.09 10.31
C TRP A 10 10.21 3.08 9.22
N GLY A 11 10.91 4.22 9.14
CA GLY A 11 12.03 4.41 8.21
C GLY A 11 12.08 5.89 7.73
N ALA A 12 13.31 6.41 7.64
CA ALA A 12 13.55 7.88 7.65
C ALA A 12 13.33 8.63 6.29
N LEU A 13 13.47 9.96 6.38
CA LEU A 13 13.39 10.93 5.23
C LEU A 13 14.65 10.75 4.33
N GLY A 14 14.38 10.36 3.09
CA GLY A 14 15.43 9.95 2.11
C GLY A 14 15.66 8.42 2.13
N GLN A 15 14.71 7.66 1.54
CA GLN A 15 14.73 6.18 1.62
C GLN A 15 13.94 5.55 0.43
N ASP A 16 14.04 4.21 0.27
CA ASP A 16 12.96 3.41 -0.36
C ASP A 16 12.19 2.67 0.77
N ILE A 17 10.86 2.86 0.81
CA ILE A 17 9.98 2.24 1.84
C ILE A 17 8.99 1.31 1.10
N ASN A 18 9.11 0.00 1.36
CA ASN A 18 8.27 -1.05 0.73
C ASN A 18 6.97 -1.28 1.55
N LEU A 19 5.82 -1.39 0.85
CA LEU A 19 4.54 -1.87 1.45
C LEU A 19 4.21 -3.28 0.89
N ASP A 20 4.33 -4.30 1.75
CA ASP A 20 3.87 -5.68 1.46
C ASP A 20 3.02 -6.15 2.67
N ILE A 21 1.68 -6.02 2.58
CA ILE A 21 0.73 -6.78 3.43
C ILE A 21 0.48 -8.29 3.01
N PRO A 22 0.39 -8.78 1.73
CA PRO A 22 -0.20 -10.11 1.42
C PRO A 22 0.69 -11.33 1.80
N SER A 23 0.11 -12.52 1.57
CA SER A 23 0.45 -13.79 2.28
C SER A 23 -0.29 -13.97 3.65
N PHE A 24 -1.59 -13.63 3.70
CA PHE A 24 -2.57 -14.29 4.62
C PHE A 24 -3.70 -14.91 3.72
N GLN A 25 -3.32 -15.91 2.89
CA GLN A 25 -4.12 -16.41 1.74
C GLN A 25 -3.31 -17.55 1.04
N MET A 26 -4.03 -18.49 0.39
CA MET A 26 -3.41 -19.51 -0.50
C MET A 26 -2.71 -18.85 -1.74
N SER A 27 -1.50 -19.31 -2.07
CA SER A 27 -0.61 -18.65 -3.07
C SER A 27 -1.09 -18.58 -4.56
N ASP A 28 -2.03 -19.42 -5.00
CA ASP A 28 -2.61 -19.36 -6.37
C ASP A 28 -3.55 -18.15 -6.64
N ASP A 29 -4.55 -17.87 -5.76
CA ASP A 29 -5.70 -16.99 -6.09
C ASP A 29 -5.58 -15.62 -5.37
N ILE A 30 -4.69 -14.76 -5.91
CA ILE A 30 -4.59 -13.32 -5.54
C ILE A 30 -4.23 -12.52 -6.83
N ASP A 31 -5.08 -11.53 -7.19
CA ASP A 31 -4.81 -10.59 -8.32
C ASP A 31 -4.46 -9.15 -7.81
N ASP A 32 -5.39 -8.53 -7.05
CA ASP A 32 -5.54 -7.05 -6.98
C ASP A 32 -5.06 -6.55 -5.59
N ILE A 33 -4.13 -5.57 -5.59
CA ILE A 33 -3.51 -5.04 -4.34
C ILE A 33 -3.67 -3.49 -4.44
N LYS A 34 -4.59 -2.94 -3.62
CA LYS A 34 -5.03 -1.53 -3.71
C LYS A 34 -4.50 -0.71 -2.50
N TRP A 35 -3.98 0.51 -2.79
CA TRP A 35 -3.38 1.37 -1.74
C TRP A 35 -3.90 2.85 -1.90
N GLU A 36 -4.61 3.28 -0.85
CA GLU A 36 -5.38 4.55 -0.79
C GLU A 36 -4.74 5.58 0.20
N LYS A 37 -5.33 6.80 0.35
CA LYS A 37 -4.96 7.78 1.41
C LYS A 37 -6.15 7.92 2.40
N THR A 38 -5.84 8.08 3.71
CA THR A 38 -6.88 8.32 4.75
C THR A 38 -7.25 9.84 4.79
N SER A 39 -8.32 10.20 4.06
CA SER A 39 -8.85 11.59 3.97
C SER A 39 -10.39 11.45 3.87
N ASP A 40 -10.93 11.11 2.68
CA ASP A 40 -12.30 10.55 2.53
C ASP A 40 -12.28 9.42 1.46
N LYS A 41 -11.52 8.32 1.71
CA LYS A 41 -11.43 7.13 0.81
C LYS A 41 -10.79 7.49 -0.57
N LYS A 42 -9.47 7.75 -0.56
CA LYS A 42 -8.76 8.45 -1.67
C LYS A 42 -7.85 7.48 -2.45
N LYS A 43 -8.23 7.14 -3.69
CA LYS A 43 -7.44 6.21 -4.54
C LYS A 43 -6.21 6.94 -5.17
N ILE A 44 -5.00 6.71 -4.61
CA ILE A 44 -3.73 7.30 -5.13
C ILE A 44 -3.02 6.30 -6.11
N ALA A 45 -2.82 5.01 -5.77
CA ALA A 45 -2.35 4.01 -6.76
C ALA A 45 -2.87 2.60 -6.37
N GLN A 46 -3.48 1.96 -7.38
CA GLN A 46 -4.34 0.76 -7.19
C GLN A 46 -3.99 -0.22 -8.32
N PHE A 47 -3.57 -1.44 -7.96
CA PHE A 47 -3.39 -2.54 -8.93
C PHE A 47 -4.68 -3.37 -9.05
N ARG A 48 -5.12 -3.50 -10.31
CA ARG A 48 -6.23 -4.40 -10.67
C ARG A 48 -6.03 -4.85 -12.14
N LYS A 49 -5.91 -6.18 -12.35
CA LYS A 49 -6.16 -6.84 -13.66
C LYS A 49 -5.07 -6.58 -14.74
N GLU A 50 -5.11 -7.45 -15.77
CA GLU A 50 -4.51 -7.21 -17.10
C GLU A 50 -5.21 -6.11 -18.00
N LYS A 51 -5.84 -5.11 -17.37
CA LYS A 51 -6.78 -4.17 -18.00
C LYS A 51 -6.39 -2.77 -17.44
N GLU A 52 -7.39 -2.11 -16.89
CA GLU A 52 -7.28 -0.78 -16.24
C GLU A 52 -6.48 -0.87 -14.91
N THR A 53 -5.21 -0.39 -14.93
CA THR A 53 -4.24 -0.57 -13.82
C THR A 53 -3.63 0.84 -13.53
N PHE A 54 -3.88 1.36 -12.32
CA PHE A 54 -3.64 2.79 -11.99
C PHE A 54 -2.24 3.00 -11.32
N LYS A 55 -1.28 3.50 -12.12
CA LYS A 55 0.08 3.88 -11.65
C LYS A 55 0.76 4.84 -12.67
N GLU A 56 1.68 5.71 -12.18
CA GLU A 56 2.39 6.71 -13.02
C GLU A 56 3.94 6.64 -12.77
N LYS A 57 4.42 7.28 -11.69
CA LYS A 57 5.88 7.57 -11.47
C LYS A 57 6.59 6.53 -10.56
N ASP A 58 7.94 6.48 -10.59
CA ASP A 58 8.74 5.61 -9.66
C ASP A 58 8.67 5.98 -8.15
N THR A 59 8.76 7.28 -7.86
CA THR A 59 8.61 7.83 -6.48
C THR A 59 7.33 7.42 -5.69
N TYR A 60 6.26 6.98 -6.38
CA TYR A 60 5.24 6.11 -5.76
C TYR A 60 4.74 5.13 -6.86
N LYS A 61 5.19 3.87 -6.77
CA LYS A 61 4.89 2.81 -7.76
C LYS A 61 4.50 1.51 -7.02
N LEU A 62 3.53 0.79 -7.61
CA LEU A 62 2.95 -0.44 -7.02
C LEU A 62 3.40 -1.66 -7.88
N PHE A 63 3.97 -2.71 -7.24
CA PHE A 63 4.45 -3.92 -7.95
C PHE A 63 3.31 -4.90 -8.37
N LYS A 64 3.58 -5.72 -9.42
CA LYS A 64 2.60 -6.68 -10.00
C LYS A 64 2.24 -7.91 -9.13
N ASN A 65 3.22 -8.67 -8.60
CA ASN A 65 2.99 -9.80 -7.67
C ASN A 65 2.08 -9.46 -6.45
N GLY A 66 2.34 -8.30 -5.82
CA GLY A 66 1.40 -7.69 -4.86
C GLY A 66 2.12 -6.86 -3.79
N THR A 67 2.63 -5.68 -4.15
CA THR A 67 3.61 -4.93 -3.32
C THR A 67 3.61 -3.41 -3.73
N LEU A 68 4.49 -2.66 -3.07
CA LEU A 68 4.70 -1.21 -3.25
C LEU A 68 6.22 -0.89 -3.10
N LYS A 69 6.70 0.12 -3.87
CA LYS A 69 8.03 0.75 -3.63
C LYS A 69 7.82 2.29 -3.71
N ILE A 70 8.02 3.01 -2.59
CA ILE A 70 7.98 4.50 -2.53
C ILE A 70 9.48 4.94 -2.75
N LYS A 71 9.91 5.35 -3.96
CA LYS A 71 11.36 5.54 -4.27
C LYS A 71 11.83 7.00 -3.95
N HIS A 72 13.00 7.16 -3.29
CA HIS A 72 13.67 8.49 -3.07
C HIS A 72 12.75 9.56 -2.39
N LEU A 73 12.70 9.57 -1.06
CA LEU A 73 11.67 10.29 -0.30
C LEU A 73 12.27 11.40 0.60
N LYS A 74 11.31 11.86 1.38
CA LYS A 74 11.24 13.10 2.16
C LYS A 74 9.87 13.00 2.93
N THR A 75 9.56 13.99 3.79
CA THR A 75 8.34 13.97 4.64
C THR A 75 7.00 13.99 3.86
N ASP A 76 6.89 14.94 2.92
CA ASP A 76 5.78 15.00 1.93
C ASP A 76 5.84 13.97 0.75
N ASP A 77 7.02 13.44 0.38
CA ASP A 77 7.11 12.25 -0.54
C ASP A 77 6.53 10.92 0.03
N GLN A 78 6.29 10.75 1.36
CA GLN A 78 5.42 9.64 1.85
C GLN A 78 4.22 10.13 2.71
N ASP A 79 3.31 9.18 3.00
CA ASP A 79 1.87 9.48 3.25
C ASP A 79 1.25 8.45 4.26
N ILE A 80 0.07 8.82 4.81
CA ILE A 80 -0.79 7.88 5.59
C ILE A 80 -1.63 7.05 4.56
N TYR A 81 -1.32 5.75 4.47
CA TYR A 81 -2.05 4.82 3.56
C TYR A 81 -3.22 4.06 4.25
N LYS A 82 -4.04 3.39 3.43
CA LYS A 82 -4.95 2.30 3.90
C LYS A 82 -5.09 1.30 2.74
N VAL A 83 -4.78 0.02 3.03
CA VAL A 83 -4.86 -1.09 2.05
C VAL A 83 -6.23 -1.83 2.10
N SER A 84 -6.69 -2.27 0.92
CA SER A 84 -7.56 -3.47 0.77
C SER A 84 -6.93 -4.41 -0.29
N ILE A 85 -7.18 -5.72 -0.13
CA ILE A 85 -6.76 -6.75 -1.14
C ILE A 85 -8.01 -7.55 -1.61
N TYR A 86 -8.17 -7.65 -2.94
CA TYR A 86 -9.24 -8.45 -3.60
C TYR A 86 -8.55 -9.59 -4.39
N ASP A 87 -9.19 -10.76 -4.40
CA ASP A 87 -8.65 -11.96 -5.08
C ASP A 87 -8.80 -11.88 -6.64
N THR A 88 -8.33 -12.91 -7.36
CA THR A 88 -8.68 -13.10 -8.80
C THR A 88 -10.19 -13.44 -9.10
N LYS A 89 -10.91 -14.05 -8.15
CA LYS A 89 -12.40 -13.96 -8.09
C LYS A 89 -12.95 -12.52 -7.84
N GLY A 90 -12.38 -11.75 -6.90
CA GLY A 90 -12.73 -10.32 -6.69
C GLY A 90 -13.58 -10.03 -5.43
N LYS A 91 -13.14 -10.54 -4.26
CA LYS A 91 -13.85 -10.36 -2.96
C LYS A 91 -12.78 -9.91 -1.93
N ASN A 92 -13.10 -8.84 -1.18
CA ASN A 92 -12.15 -8.19 -0.24
C ASN A 92 -11.89 -9.09 1.00
N VAL A 93 -10.64 -9.61 1.13
CA VAL A 93 -10.28 -10.61 2.19
C VAL A 93 -9.57 -9.97 3.41
N LEU A 94 -8.54 -9.16 3.16
CA LEU A 94 -7.66 -8.57 4.21
C LEU A 94 -7.56 -7.03 3.97
N GLU A 95 -7.75 -6.24 5.05
CA GLU A 95 -7.68 -4.75 5.00
C GLU A 95 -7.09 -4.17 6.33
N LYS A 96 -6.13 -3.24 6.20
CA LYS A 96 -5.30 -2.71 7.33
C LYS A 96 -4.93 -1.22 7.05
N ILE A 97 -4.37 -0.53 8.08
CA ILE A 97 -4.37 0.96 8.15
C ILE A 97 -2.90 1.42 8.41
N PHE A 98 -2.25 1.89 7.35
CA PHE A 98 -0.78 2.07 7.29
C PHE A 98 -0.41 3.58 7.40
N ASP A 99 0.80 3.89 7.90
CA ASP A 99 1.12 5.27 8.34
C ASP A 99 2.63 5.54 8.19
N LEU A 100 3.10 6.44 7.28
CA LEU A 100 4.49 6.99 7.39
C LEU A 100 4.92 7.48 8.81
N LYS A 101 6.12 7.07 9.26
CA LYS A 101 6.75 7.62 10.49
C LYS A 101 8.28 7.65 10.24
N ILE A 102 8.85 8.85 10.41
CA ILE A 102 10.29 9.13 10.14
C ILE A 102 11.06 9.35 11.48
N GLN A 103 12.35 9.00 11.46
CA GLN A 103 13.23 9.01 12.66
C GLN A 103 13.98 10.37 12.77
N GLU A 104 14.02 10.92 14.00
CA GLU A 104 14.60 12.27 14.27
C GLU A 104 15.51 12.15 15.53
N ARG A 105 16.75 11.75 15.25
CA ARG A 105 17.81 11.56 16.27
C ARG A 105 18.50 12.89 16.66
N LYS A 1 -7.36 9.02 24.23
CA LYS A 1 -6.65 8.74 22.96
C LYS A 1 -7.09 7.34 22.45
N GLU A 2 -7.66 7.30 21.23
CA GLU A 2 -8.13 6.05 20.59
C GLU A 2 -6.99 5.37 19.79
N ILE A 3 -6.68 4.10 20.12
CA ILE A 3 -5.47 3.39 19.62
C ILE A 3 -5.89 2.57 18.35
N THR A 4 -5.16 2.79 17.24
CA THR A 4 -5.46 2.18 15.91
C THR A 4 -4.98 0.69 15.83
N ASN A 5 -5.47 0.02 14.77
CA ASN A 5 -4.95 -1.33 14.37
C ASN A 5 -4.07 -1.22 13.09
N ALA A 6 -3.00 -0.42 13.25
CA ALA A 6 -2.10 -0.01 12.15
C ALA A 6 -0.60 -0.19 12.53
N LEU A 7 0.26 -0.17 11.50
CA LEU A 7 1.72 -0.29 11.68
C LEU A 7 2.34 1.12 11.60
N GLU A 8 2.97 1.48 12.73
CA GLU A 8 3.78 2.71 12.88
C GLU A 8 5.12 2.57 12.11
N THR A 9 5.18 3.23 10.95
CA THR A 9 6.17 2.93 9.89
C THR A 9 6.97 4.24 9.66
N TRP A 10 8.23 4.26 10.15
CA TRP A 10 9.02 5.51 10.30
C TRP A 10 10.22 5.56 9.32
N GLY A 11 10.57 6.78 8.89
CA GLY A 11 11.71 6.98 7.97
C GLY A 11 11.98 8.47 7.66
N ALA A 12 13.22 8.92 7.91
CA ALA A 12 13.65 10.32 7.67
C ALA A 12 13.94 10.64 6.18
N LEU A 13 13.26 11.68 5.66
CA LEU A 13 13.32 12.19 4.25
C LEU A 13 14.76 12.19 3.62
N GLY A 14 14.84 11.66 2.40
CA GLY A 14 16.05 10.92 1.93
C GLY A 14 15.87 9.41 2.21
N GLN A 15 14.88 8.74 1.57
CA GLN A 15 14.31 7.47 2.15
C GLN A 15 13.56 6.52 1.17
N ASP A 16 14.02 5.25 1.12
CA ASP A 16 13.25 4.11 0.51
C ASP A 16 12.34 3.46 1.59
N ILE A 17 11.04 3.26 1.29
CA ILE A 17 10.12 2.41 2.12
C ILE A 17 9.27 1.53 1.15
N ASN A 18 9.17 0.21 1.45
CA ASN A 18 8.23 -0.72 0.76
C ASN A 18 6.94 -0.98 1.60
N LEU A 19 5.85 -1.37 0.91
CA LEU A 19 4.60 -1.88 1.56
C LEU A 19 4.39 -3.35 1.16
N ASP A 20 4.12 -4.21 2.16
CA ASP A 20 3.98 -5.68 1.96
C ASP A 20 3.19 -6.25 3.18
N ILE A 21 2.22 -7.16 2.95
CA ILE A 21 1.48 -7.85 4.05
C ILE A 21 1.78 -9.39 4.07
N PRO A 22 2.36 -10.01 5.14
CA PRO A 22 2.31 -11.48 5.38
C PRO A 22 0.89 -12.10 5.58
N SER A 23 0.90 -13.43 5.82
CA SER A 23 -0.31 -14.27 6.04
C SER A 23 -1.14 -14.50 4.74
N PHE A 24 -0.56 -15.27 3.79
CA PHE A 24 -1.23 -15.66 2.53
C PHE A 24 -1.42 -17.20 2.53
N GLN A 25 -2.70 -17.65 2.56
CA GLN A 25 -3.05 -19.08 2.37
C GLN A 25 -3.14 -19.41 0.85
N MET A 26 -2.54 -20.56 0.46
CA MET A 26 -2.41 -20.96 -0.98
C MET A 26 -3.78 -21.34 -1.63
N SER A 27 -4.05 -20.71 -2.79
CA SER A 27 -5.35 -20.81 -3.51
C SER A 27 -5.20 -20.70 -5.05
N ASP A 28 -4.48 -19.66 -5.55
CA ASP A 28 -4.37 -19.30 -6.99
C ASP A 28 -5.67 -18.71 -7.64
N ASP A 29 -6.40 -17.83 -6.91
CA ASP A 29 -7.47 -16.97 -7.47
C ASP A 29 -7.43 -15.61 -6.71
N ILE A 30 -6.37 -14.80 -6.96
CA ILE A 30 -6.14 -13.50 -6.25
C ILE A 30 -5.58 -12.56 -7.36
N ASP A 31 -6.40 -11.58 -7.79
CA ASP A 31 -6.04 -10.63 -8.89
C ASP A 31 -5.71 -9.20 -8.37
N ASP A 32 -6.68 -8.57 -7.69
CA ASP A 32 -6.64 -7.12 -7.35
C ASP A 32 -5.85 -6.89 -6.04
N ILE A 33 -4.94 -5.90 -6.05
CA ILE A 33 -4.06 -5.58 -4.88
C ILE A 33 -4.05 -4.04 -4.76
N LYS A 34 -4.51 -3.52 -3.61
CA LYS A 34 -5.01 -2.12 -3.52
C LYS A 34 -4.33 -1.41 -2.33
N TRP A 35 -3.91 -0.16 -2.56
CA TRP A 35 -3.37 0.72 -1.50
C TRP A 35 -4.01 2.12 -1.69
N GLU A 36 -4.90 2.43 -0.74
CA GLU A 36 -5.70 3.70 -0.64
C GLU A 36 -5.11 4.57 0.53
N LYS A 37 -5.42 5.89 0.64
CA LYS A 37 -4.94 6.71 1.80
C LYS A 37 -6.11 7.14 2.74
N THR A 38 -5.87 7.02 4.07
CA THR A 38 -6.92 7.20 5.12
C THR A 38 -7.49 8.63 5.36
N SER A 39 -6.90 9.69 4.77
CA SER A 39 -7.38 11.11 4.91
C SER A 39 -8.89 11.34 4.56
N ASP A 40 -9.35 10.92 3.36
CA ASP A 40 -10.81 10.77 3.07
C ASP A 40 -11.10 9.61 2.04
N LYS A 41 -10.51 8.41 2.25
CA LYS A 41 -10.56 7.26 1.29
C LYS A 41 -10.09 7.65 -0.15
N LYS A 42 -8.77 7.85 -0.27
CA LYS A 42 -8.16 8.49 -1.46
C LYS A 42 -7.39 7.43 -2.28
N LYS A 43 -7.98 6.98 -3.40
CA LYS A 43 -7.40 5.94 -4.29
C LYS A 43 -6.14 6.48 -5.01
N ILE A 44 -5.00 6.12 -4.41
CA ILE A 44 -3.65 6.63 -4.76
C ILE A 44 -2.99 5.68 -5.80
N ALA A 45 -2.89 4.35 -5.53
CA ALA A 45 -2.57 3.36 -6.59
C ALA A 45 -3.37 2.04 -6.37
N GLN A 46 -3.47 1.23 -7.45
CA GLN A 46 -4.18 -0.08 -7.39
C GLN A 46 -3.75 -0.98 -8.58
N PHE A 47 -3.81 -2.30 -8.33
CA PHE A 47 -3.72 -3.34 -9.38
C PHE A 47 -5.16 -3.80 -9.67
N ARG A 48 -5.48 -3.91 -10.98
CA ARG A 48 -6.57 -4.79 -11.44
C ARG A 48 -6.05 -5.69 -12.61
N LYS A 49 -6.47 -5.48 -13.87
CA LYS A 49 -6.67 -6.61 -14.82
C LYS A 49 -6.43 -6.18 -16.29
N GLU A 50 -5.39 -6.76 -16.93
CA GLU A 50 -5.10 -6.62 -18.38
C GLU A 50 -4.72 -5.16 -18.78
N LYS A 51 -3.42 -4.82 -18.66
CA LYS A 51 -2.91 -3.42 -18.84
C LYS A 51 -3.28 -2.26 -17.86
N GLU A 52 -4.04 -2.64 -16.86
CA GLU A 52 -4.69 -1.71 -15.89
C GLU A 52 -3.94 -1.77 -14.55
N THR A 53 -3.02 -0.80 -14.34
CA THR A 53 -2.28 -0.64 -13.06
C THR A 53 -2.11 0.90 -12.85
N PHE A 54 -2.88 1.46 -11.91
CA PHE A 54 -2.64 2.82 -11.35
C PHE A 54 -1.36 2.84 -10.48
N LYS A 55 -0.55 3.90 -10.66
CA LYS A 55 0.73 4.11 -9.92
C LYS A 55 0.82 5.54 -9.30
N GLU A 56 0.55 6.61 -10.08
CA GLU A 56 0.70 8.04 -9.65
C GLU A 56 2.14 8.61 -9.91
N LYS A 57 3.17 7.99 -9.31
CA LYS A 57 4.61 8.31 -9.59
C LYS A 57 5.10 9.55 -8.80
N ASP A 58 5.78 9.28 -7.68
CA ASP A 58 6.78 10.19 -7.07
C ASP A 58 8.16 9.66 -7.53
N THR A 59 8.78 8.84 -6.69
CA THR A 59 9.45 7.59 -7.14
C THR A 59 8.56 6.37 -6.72
N TYR A 60 7.28 6.40 -7.15
CA TYR A 60 6.22 5.53 -6.60
C TYR A 60 5.75 4.51 -7.66
N LYS A 61 5.72 3.22 -7.29
CA LYS A 61 5.27 2.12 -8.18
C LYS A 61 4.63 1.02 -7.30
N LEU A 62 3.37 0.65 -7.58
CA LEU A 62 2.74 -0.57 -6.99
C LEU A 62 3.18 -1.82 -7.83
N PHE A 63 3.92 -2.78 -7.20
CA PHE A 63 4.76 -3.81 -7.88
C PHE A 63 4.05 -4.83 -8.84
N LYS A 64 4.22 -6.15 -8.60
CA LYS A 64 3.74 -7.24 -9.44
C LYS A 64 3.90 -8.51 -8.57
N ASN A 65 2.75 -8.98 -8.08
CA ASN A 65 2.56 -9.99 -7.01
C ASN A 65 1.69 -9.34 -5.89
N GLY A 66 2.22 -8.29 -5.21
CA GLY A 66 1.37 -7.51 -4.28
C GLY A 66 2.19 -6.67 -3.29
N THR A 67 2.77 -5.57 -3.79
CA THR A 67 3.75 -4.75 -3.01
C THR A 67 3.69 -3.25 -3.47
N LEU A 68 4.26 -2.34 -2.65
CA LEU A 68 4.52 -0.91 -3.01
C LEU A 68 6.05 -0.59 -2.83
N LYS A 69 6.55 0.40 -3.60
CA LYS A 69 7.94 0.95 -3.45
C LYS A 69 7.88 2.50 -3.57
N ILE A 70 8.48 3.23 -2.60
CA ILE A 70 8.40 4.72 -2.51
C ILE A 70 9.87 5.21 -2.35
N LYS A 71 10.58 5.63 -3.43
CA LYS A 71 12.03 5.27 -3.55
C LYS A 71 13.03 6.44 -3.31
N HIS A 72 13.76 6.38 -2.19
CA HIS A 72 14.97 7.19 -1.90
C HIS A 72 14.81 8.75 -1.85
N LEU A 73 13.74 9.29 -1.17
CA LEU A 73 13.61 10.75 -0.86
C LEU A 73 12.32 11.11 -0.03
N LYS A 74 11.88 12.35 -0.26
CA LYS A 74 11.30 13.30 0.72
C LYS A 74 9.96 12.97 1.43
N THR A 75 9.44 14.00 2.14
CA THR A 75 8.14 13.98 2.84
C THR A 75 6.91 13.75 1.93
N ASP A 76 6.80 14.56 0.88
CA ASP A 76 5.76 14.38 -0.19
C ASP A 76 6.01 13.22 -1.21
N ASP A 77 7.16 12.53 -1.21
CA ASP A 77 7.29 11.14 -1.71
C ASP A 77 6.36 10.11 -0.98
N GLN A 78 6.30 10.14 0.37
CA GLN A 78 5.79 9.01 1.20
C GLN A 78 4.74 9.46 2.25
N ASP A 79 3.63 8.69 2.36
CA ASP A 79 2.41 9.11 3.10
C ASP A 79 1.70 7.94 3.88
N ILE A 80 0.57 8.29 4.53
CA ILE A 80 -0.32 7.34 5.23
C ILE A 80 -1.09 6.42 4.22
N TYR A 81 -1.26 5.13 4.57
CA TYR A 81 -1.91 4.12 3.69
C TYR A 81 -2.92 3.21 4.46
N LYS A 82 -3.71 2.44 3.68
CA LYS A 82 -4.46 1.26 4.16
C LYS A 82 -4.54 0.26 2.96
N VAL A 83 -4.33 -1.03 3.25
CA VAL A 83 -4.37 -2.11 2.22
C VAL A 83 -5.74 -2.82 2.21
N SER A 84 -6.15 -3.20 1.00
CA SER A 84 -7.16 -4.26 0.78
C SER A 84 -6.68 -5.20 -0.36
N ILE A 85 -7.13 -6.45 -0.29
CA ILE A 85 -6.95 -7.44 -1.39
C ILE A 85 -8.39 -7.87 -1.80
N TYR A 86 -8.63 -7.79 -3.11
CA TYR A 86 -9.86 -8.28 -3.75
C TYR A 86 -9.43 -9.40 -4.76
N ASP A 87 -10.33 -10.37 -4.96
CA ASP A 87 -10.03 -11.63 -5.71
C ASP A 87 -10.13 -11.43 -7.27
N THR A 88 -10.13 -12.52 -8.06
CA THR A 88 -10.51 -12.47 -9.51
C THR A 88 -11.94 -11.95 -9.81
N LYS A 89 -12.95 -12.40 -9.05
CA LYS A 89 -14.29 -11.77 -9.03
C LYS A 89 -14.33 -10.34 -8.39
N GLY A 90 -13.54 -10.04 -7.35
CA GLY A 90 -13.50 -8.71 -6.70
C GLY A 90 -14.33 -8.65 -5.40
N LYS A 91 -13.86 -9.35 -4.36
CA LYS A 91 -14.50 -9.38 -3.02
C LYS A 91 -13.39 -9.25 -1.94
N ASN A 92 -13.61 -8.33 -0.98
CA ASN A 92 -12.61 -7.98 0.07
C ASN A 92 -12.32 -9.17 1.03
N VAL A 93 -11.06 -9.65 0.97
CA VAL A 93 -10.54 -10.75 1.82
C VAL A 93 -9.68 -10.11 2.95
N LEU A 94 -8.40 -9.83 2.66
CA LEU A 94 -7.46 -9.20 3.63
C LEU A 94 -7.66 -7.67 3.72
N GLU A 95 -7.56 -7.12 4.95
CA GLU A 95 -7.65 -5.65 5.19
C GLU A 95 -6.76 -5.29 6.42
N LYS A 96 -5.77 -4.40 6.20
CA LYS A 96 -4.84 -3.91 7.27
C LYS A 96 -4.58 -2.37 7.07
N ILE A 97 -3.96 -1.74 8.08
CA ILE A 97 -3.83 -0.25 8.18
C ILE A 97 -2.31 0.10 8.38
N PHE A 98 -1.86 1.20 7.76
CA PHE A 98 -0.40 1.53 7.59
C PHE A 98 -0.19 3.08 7.65
N ASP A 99 1.04 3.56 7.91
CA ASP A 99 1.28 5.02 8.16
C ASP A 99 2.74 5.40 7.82
N LEU A 100 3.12 6.12 6.72
CA LEU A 100 4.53 6.62 6.63
C LEU A 100 4.64 8.04 7.26
N LYS A 101 5.11 8.05 8.51
CA LYS A 101 5.44 9.30 9.25
C LYS A 101 6.97 9.56 9.19
N ILE A 102 7.36 10.85 9.18
CA ILE A 102 8.76 11.27 8.87
C ILE A 102 9.45 11.70 10.20
N GLN A 103 10.61 11.09 10.49
CA GLN A 103 11.39 11.34 11.75
C GLN A 103 12.00 12.76 11.80
N GLU A 104 11.97 13.38 13.00
CA GLU A 104 12.58 14.70 13.26
C GLU A 104 13.01 14.72 14.75
N ARG A 105 14.29 14.40 14.95
CA ARG A 105 14.86 14.13 16.29
C ARG A 105 15.51 15.40 16.88
N LYS A 1 -13.78 0.36 23.63
CA LYS A 1 -13.03 1.28 22.74
C LYS A 1 -13.33 0.93 21.26
N GLU A 2 -13.95 1.88 20.53
CA GLU A 2 -14.14 1.77 19.06
C GLU A 2 -13.01 2.58 18.37
N ILE A 3 -11.96 1.85 17.94
CA ILE A 3 -10.65 2.45 17.56
C ILE A 3 -10.15 1.85 16.20
N THR A 4 -9.19 2.55 15.56
CA THR A 4 -8.57 2.14 14.28
C THR A 4 -7.77 0.80 14.40
N ASN A 5 -7.47 0.21 13.23
CA ASN A 5 -6.53 -0.95 13.11
C ASN A 5 -5.38 -0.58 12.13
N ALA A 6 -4.61 0.42 12.56
CA ALA A 6 -3.54 1.07 11.75
C ALA A 6 -2.16 0.98 12.43
N LEU A 7 -1.13 1.02 11.58
CA LEU A 7 0.24 0.64 11.94
C LEU A 7 1.14 1.86 11.64
N GLU A 8 1.92 2.19 12.68
CA GLU A 8 2.93 3.28 12.61
C GLU A 8 4.18 2.71 11.90
N THR A 9 4.35 3.18 10.66
CA THR A 9 5.15 2.50 9.62
C THR A 9 6.37 3.43 9.35
N TRP A 10 7.49 3.09 9.99
CA TRP A 10 8.61 4.05 10.20
C TRP A 10 9.65 3.95 9.05
N GLY A 11 9.99 5.13 8.51
CA GLY A 11 11.02 5.28 7.46
C GLY A 11 11.96 6.47 7.75
N ALA A 12 12.37 7.15 6.67
CA ALA A 12 13.29 8.31 6.75
C ALA A 12 13.09 9.25 5.54
N LEU A 13 13.37 10.55 5.75
CA LEU A 13 13.25 11.59 4.68
C LEU A 13 14.52 11.59 3.80
N GLY A 14 14.30 11.58 2.48
CA GLY A 14 15.36 11.26 1.49
C GLY A 14 15.78 9.78 1.54
N GLN A 15 14.84 8.86 1.29
CA GLN A 15 15.05 7.40 1.55
C GLN A 15 13.88 6.54 1.01
N ASP A 16 14.24 5.43 0.33
CA ASP A 16 13.26 4.42 -0.16
C ASP A 16 12.64 3.59 1.00
N ILE A 17 11.31 3.36 0.91
CA ILE A 17 10.57 2.60 1.96
C ILE A 17 9.41 1.78 1.34
N ASN A 18 9.30 0.49 1.74
CA ASN A 18 8.37 -0.49 1.09
C ASN A 18 7.15 -0.81 2.01
N LEU A 19 5.94 -0.79 1.42
CA LEU A 19 4.71 -1.29 2.05
C LEU A 19 4.52 -2.80 1.76
N ASP A 20 4.68 -3.63 2.82
CA ASP A 20 4.56 -5.10 2.74
C ASP A 20 3.57 -5.52 3.87
N ILE A 21 2.31 -5.81 3.50
CA ILE A 21 1.34 -6.51 4.39
C ILE A 21 1.37 -8.08 4.25
N PRO A 22 1.41 -8.78 3.06
CA PRO A 22 1.05 -10.22 2.97
C PRO A 22 1.92 -11.25 3.74
N SER A 23 1.21 -12.29 4.19
CA SER A 23 1.77 -13.65 4.39
C SER A 23 0.58 -14.68 4.32
N PHE A 24 -0.11 -14.75 3.16
CA PHE A 24 -1.38 -15.51 3.01
C PHE A 24 -1.47 -15.88 1.50
N GLN A 25 -1.24 -17.17 1.18
CA GLN A 25 -1.13 -17.64 -0.24
C GLN A 25 -2.08 -18.86 -0.44
N MET A 26 -3.27 -18.57 -0.97
CA MET A 26 -4.28 -19.62 -1.33
C MET A 26 -4.06 -20.12 -2.78
N SER A 27 -4.41 -21.39 -3.03
CA SER A 27 -4.42 -21.97 -4.42
C SER A 27 -5.46 -21.40 -5.42
N ASP A 28 -6.50 -20.65 -4.98
CA ASP A 28 -7.59 -20.15 -5.85
C ASP A 28 -7.15 -18.93 -6.71
N ASP A 29 -7.03 -17.71 -6.15
CA ASP A 29 -7.00 -16.45 -6.96
C ASP A 29 -5.91 -15.49 -6.39
N ILE A 30 -6.28 -14.29 -5.87
CA ILE A 30 -5.34 -13.25 -5.34
C ILE A 30 -4.55 -12.59 -6.51
N ASP A 31 -4.96 -11.38 -6.95
CA ASP A 31 -4.32 -10.68 -8.11
C ASP A 31 -4.30 -9.12 -8.00
N ASP A 32 -5.44 -8.49 -7.64
CA ASP A 32 -5.54 -7.01 -7.46
C ASP A 32 -4.81 -6.63 -6.12
N ILE A 33 -3.85 -5.70 -6.17
CA ILE A 33 -2.98 -5.36 -5.00
C ILE A 33 -3.11 -3.82 -4.83
N LYS A 34 -4.03 -3.34 -3.97
CA LYS A 34 -4.52 -1.94 -4.06
C LYS A 34 -4.17 -1.10 -2.81
N TRP A 35 -3.67 0.14 -3.05
CA TRP A 35 -3.18 1.03 -1.96
C TRP A 35 -3.78 2.46 -2.19
N GLU A 36 -4.69 2.81 -1.28
CA GLU A 36 -5.42 4.12 -1.25
C GLU A 36 -4.88 5.04 -0.11
N LYS A 37 -5.60 6.15 0.19
CA LYS A 37 -5.28 7.04 1.34
C LYS A 37 -6.23 6.75 2.54
N THR A 38 -5.79 7.06 3.78
CA THR A 38 -6.73 7.31 4.92
C THR A 38 -6.56 8.77 5.42
N SER A 39 -7.32 9.66 4.78
CA SER A 39 -7.56 11.05 5.25
C SER A 39 -9.01 11.40 4.77
N ASP A 40 -9.20 11.61 3.46
CA ASP A 40 -10.55 11.55 2.80
C ASP A 40 -11.08 10.10 2.51
N LYS A 41 -10.20 9.09 2.26
CA LYS A 41 -10.48 7.89 1.42
C LYS A 41 -10.23 8.29 -0.05
N LYS A 42 -8.98 8.08 -0.51
CA LYS A 42 -8.52 8.66 -1.81
C LYS A 42 -7.53 7.72 -2.53
N LYS A 43 -7.96 7.11 -3.64
CA LYS A 43 -7.13 6.17 -4.45
C LYS A 43 -5.90 6.84 -5.10
N ILE A 44 -4.71 6.47 -4.59
CA ILE A 44 -3.40 7.01 -5.07
C ILE A 44 -2.90 6.08 -6.22
N ALA A 45 -2.64 4.77 -5.95
CA ALA A 45 -2.15 3.83 -6.99
C ALA A 45 -2.51 2.37 -6.58
N GLN A 46 -3.09 1.64 -7.54
CA GLN A 46 -3.82 0.38 -7.24
C GLN A 46 -3.67 -0.61 -8.43
N PHE A 47 -3.38 -1.89 -8.13
CA PHE A 47 -3.19 -2.96 -9.16
C PHE A 47 -4.45 -3.85 -9.33
N ARG A 48 -4.52 -4.43 -10.53
CA ARG A 48 -5.61 -5.29 -11.05
C ARG A 48 -7.07 -4.76 -10.95
N LYS A 49 -7.79 -4.64 -12.08
CA LYS A 49 -9.26 -4.46 -12.09
C LYS A 49 -9.78 -4.95 -13.47
N GLU A 50 -9.86 -6.29 -13.66
CA GLU A 50 -10.16 -6.94 -14.98
C GLU A 50 -9.26 -6.45 -16.16
N LYS A 51 -7.93 -6.65 -16.01
CA LYS A 51 -6.87 -5.88 -16.71
C LYS A 51 -7.02 -4.33 -16.63
N GLU A 52 -6.30 -3.76 -15.66
CA GLU A 52 -6.27 -2.30 -15.38
C GLU A 52 -5.15 -2.05 -14.34
N THR A 53 -4.15 -1.21 -14.73
CA THR A 53 -2.93 -0.98 -13.92
C THR A 53 -2.83 0.57 -13.68
N PHE A 54 -2.94 0.98 -12.41
CA PHE A 54 -2.89 2.41 -11.98
C PHE A 54 -1.58 2.64 -11.18
N LYS A 55 -0.59 3.29 -11.81
CA LYS A 55 0.68 3.73 -11.15
C LYS A 55 1.38 4.81 -12.02
N GLU A 56 2.10 5.75 -11.35
CA GLU A 56 2.80 6.88 -12.04
C GLU A 56 4.18 7.11 -11.34
N LYS A 57 5.27 7.08 -12.14
CA LYS A 57 6.68 7.30 -11.67
C LYS A 57 7.25 6.12 -10.82
N ASP A 58 8.59 6.04 -10.70
CA ASP A 58 9.26 5.18 -9.67
C ASP A 58 9.07 5.61 -8.20
N THR A 59 9.12 6.94 -7.97
CA THR A 59 8.84 7.58 -6.65
C THR A 59 7.52 7.15 -5.93
N TYR A 60 6.51 6.67 -6.66
CA TYR A 60 5.43 5.83 -6.09
C TYR A 60 5.27 4.62 -7.03
N LYS A 61 5.78 3.46 -6.58
CA LYS A 61 5.74 2.18 -7.34
C LYS A 61 4.84 1.21 -6.54
N LEU A 62 4.06 0.41 -7.28
CA LEU A 62 3.23 -0.68 -6.72
C LEU A 62 3.80 -1.99 -7.35
N PHE A 63 4.63 -2.73 -6.59
CA PHE A 63 5.32 -3.97 -7.07
C PHE A 63 4.36 -5.15 -7.45
N LYS A 64 4.90 -6.06 -8.29
CA LYS A 64 4.12 -7.19 -8.85
C LYS A 64 3.75 -8.34 -7.88
N ASN A 65 4.72 -8.92 -7.13
CA ASN A 65 4.48 -9.99 -6.16
C ASN A 65 3.45 -9.66 -5.02
N GLY A 66 3.49 -8.41 -4.52
CA GLY A 66 2.49 -7.91 -3.55
C GLY A 66 3.05 -6.82 -2.63
N THR A 67 3.45 -5.66 -3.19
CA THR A 67 4.24 -4.63 -2.46
C THR A 67 3.95 -3.20 -3.06
N LEU A 68 4.49 -2.18 -2.37
CA LEU A 68 4.52 -0.77 -2.85
C LEU A 68 5.90 -0.19 -2.44
N LYS A 69 6.80 0.10 -3.41
CA LYS A 69 8.11 0.74 -3.13
C LYS A 69 8.03 2.27 -3.41
N ILE A 70 8.15 3.11 -2.37
CA ILE A 70 8.10 4.60 -2.49
C ILE A 70 9.59 5.04 -2.69
N LYS A 71 10.05 5.34 -3.93
CA LYS A 71 11.51 5.50 -4.20
C LYS A 71 12.05 6.90 -3.84
N HIS A 72 12.69 6.97 -2.66
CA HIS A 72 13.71 8.00 -2.30
C HIS A 72 13.23 9.48 -2.37
N LEU A 73 12.56 9.98 -1.30
CA LEU A 73 12.36 11.43 -1.06
C LEU A 73 11.55 11.72 0.24
N LYS A 74 11.76 12.97 0.70
CA LYS A 74 11.12 13.69 1.83
C LYS A 74 9.75 13.29 2.46
N THR A 75 9.45 13.98 3.57
CA THR A 75 8.27 13.78 4.43
C THR A 75 6.89 13.90 3.72
N ASP A 76 6.71 14.98 2.95
CA ASP A 76 5.54 15.17 2.04
C ASP A 76 5.49 14.26 0.77
N ASP A 77 6.63 13.68 0.32
CA ASP A 77 6.65 12.60 -0.68
C ASP A 77 6.18 11.18 -0.19
N GLN A 78 6.02 10.90 1.13
CA GLN A 78 5.61 9.53 1.61
C GLN A 78 4.64 9.62 2.82
N ASP A 79 3.46 8.97 2.70
CA ASP A 79 2.22 9.40 3.41
C ASP A 79 1.29 8.23 3.91
N ILE A 80 0.13 8.62 4.48
CA ILE A 80 -0.86 7.73 5.15
C ILE A 80 -1.71 6.96 4.11
N TYR A 81 -1.81 5.63 4.31
CA TYR A 81 -2.49 4.70 3.35
C TYR A 81 -3.53 3.79 4.05
N LYS A 82 -4.40 3.14 3.26
CA LYS A 82 -5.10 1.88 3.65
C LYS A 82 -4.90 0.89 2.47
N VAL A 83 -4.53 -0.35 2.82
CA VAL A 83 -4.52 -1.49 1.86
C VAL A 83 -5.89 -2.21 1.83
N SER A 84 -6.27 -2.63 0.63
CA SER A 84 -7.15 -3.79 0.44
C SER A 84 -6.59 -4.65 -0.73
N ILE A 85 -6.66 -5.97 -0.53
CA ILE A 85 -6.21 -6.97 -1.54
C ILE A 85 -7.52 -7.65 -2.03
N TYR A 86 -7.82 -7.51 -3.33
CA TYR A 86 -8.99 -8.18 -3.96
C TYR A 86 -8.48 -9.34 -4.86
N ASP A 87 -9.28 -10.40 -4.99
CA ASP A 87 -8.98 -11.55 -5.89
C ASP A 87 -8.94 -11.18 -7.41
N THR A 88 -8.60 -12.17 -8.27
CA THR A 88 -8.89 -12.11 -9.74
C THR A 88 -10.31 -11.63 -10.16
N LYS A 89 -11.36 -12.12 -9.47
CA LYS A 89 -12.75 -11.60 -9.59
C LYS A 89 -12.97 -10.11 -9.14
N GLY A 90 -12.30 -9.64 -8.05
CA GLY A 90 -12.74 -8.41 -7.34
C GLY A 90 -13.62 -8.76 -6.12
N LYS A 91 -13.01 -9.40 -5.11
CA LYS A 91 -13.72 -9.94 -3.92
C LYS A 91 -12.73 -9.73 -2.74
N ASN A 92 -13.09 -8.86 -1.78
CA ASN A 92 -12.14 -8.35 -0.76
C ASN A 92 -11.67 -9.46 0.23
N VAL A 93 -10.33 -9.58 0.30
CA VAL A 93 -9.61 -10.70 0.96
C VAL A 93 -9.09 -10.24 2.35
N LEU A 94 -8.10 -9.33 2.30
CA LEU A 94 -7.30 -8.89 3.45
C LEU A 94 -7.30 -7.34 3.49
N GLU A 95 -7.89 -6.77 4.55
CA GLU A 95 -8.08 -5.32 4.72
C GLU A 95 -7.32 -4.86 5.99
N LYS A 96 -6.38 -3.92 5.82
CA LYS A 96 -5.55 -3.36 6.92
C LYS A 96 -5.28 -1.85 6.65
N ILE A 97 -4.93 -1.10 7.71
CA ILE A 97 -4.78 0.38 7.68
C ILE A 97 -3.29 0.70 8.03
N PHE A 98 -2.75 1.81 7.48
CA PHE A 98 -1.28 2.08 7.47
C PHE A 98 -0.99 3.61 7.54
N ASP A 99 0.25 3.98 7.94
CA ASP A 99 0.63 5.42 8.11
C ASP A 99 2.15 5.56 7.83
N LEU A 100 2.65 6.20 6.73
CA LEU A 100 4.12 6.39 6.59
C LEU A 100 4.57 7.63 7.43
N LYS A 101 5.13 7.35 8.62
CA LYS A 101 5.67 8.37 9.55
C LYS A 101 7.23 8.38 9.47
N ILE A 102 7.82 9.56 9.73
CA ILE A 102 9.27 9.83 9.49
C ILE A 102 9.98 9.92 10.88
N GLN A 103 11.09 9.19 11.01
CA GLN A 103 11.91 9.14 12.26
C GLN A 103 12.77 10.45 12.44
N GLU A 104 13.02 10.79 13.72
CA GLU A 104 13.80 12.00 14.09
C GLU A 104 14.39 11.79 15.51
N ARG A 105 15.64 11.29 15.54
CA ARG A 105 16.43 11.06 16.79
C ARG A 105 15.94 9.80 17.55
N LYS A 1 -15.48 -10.71 14.14
CA LYS A 1 -14.26 -10.24 13.45
C LYS A 1 -13.32 -9.58 14.49
N GLU A 2 -12.04 -10.01 14.48
CA GLU A 2 -10.99 -9.49 15.40
C GLU A 2 -10.59 -8.01 15.06
N ILE A 3 -10.15 -7.28 16.10
CA ILE A 3 -9.77 -5.83 16.01
C ILE A 3 -8.51 -5.67 15.09
N THR A 4 -8.55 -4.63 14.22
CA THR A 4 -7.54 -4.39 13.16
C THR A 4 -6.08 -4.17 13.69
N ASN A 5 -5.11 -4.39 12.82
CA ASN A 5 -3.66 -4.27 13.13
C ASN A 5 -2.99 -3.15 12.29
N ALA A 6 -3.48 -1.92 12.53
CA ALA A 6 -2.95 -0.69 11.91
C ALA A 6 -1.54 -0.34 12.42
N LEU A 7 -0.60 -0.18 11.48
CA LEU A 7 0.84 -0.06 11.78
C LEU A 7 1.27 1.42 11.63
N GLU A 8 1.82 1.92 12.74
CA GLU A 8 2.59 3.20 12.76
C GLU A 8 4.02 2.92 12.21
N THR A 9 4.28 3.41 10.98
CA THR A 9 5.38 2.88 10.13
C THR A 9 6.37 4.06 9.93
N TRP A 10 7.49 4.04 10.68
CA TRP A 10 8.38 5.21 10.84
C TRP A 10 9.65 5.08 9.96
N GLY A 11 10.01 6.20 9.30
CA GLY A 11 11.25 6.30 8.51
C GLY A 11 11.95 7.67 8.71
N ALA A 12 12.60 8.13 7.62
CA ALA A 12 13.44 9.35 7.65
C ALA A 12 13.41 10.05 6.26
N LEU A 13 13.46 11.39 6.26
CA LEU A 13 13.41 12.22 5.02
C LEU A 13 14.72 12.07 4.18
N GLY A 14 14.51 11.62 2.95
CA GLY A 14 15.57 11.14 2.03
C GLY A 14 15.85 9.63 2.14
N GLN A 15 14.86 8.77 1.79
CA GLN A 15 14.98 7.30 2.02
C GLN A 15 14.30 6.46 0.88
N ASP A 16 14.83 5.25 0.63
CA ASP A 16 14.17 4.21 -0.20
C ASP A 16 13.64 3.09 0.78
N ILE A 17 12.33 2.82 0.68
CA ILE A 17 11.60 1.84 1.56
C ILE A 17 10.40 1.19 0.77
N ASN A 18 9.75 0.16 1.34
CA ASN A 18 8.74 -0.68 0.61
C ASN A 18 7.41 -0.89 1.41
N LEU A 19 6.28 -1.15 0.69
CA LEU A 19 5.01 -1.67 1.30
C LEU A 19 4.90 -3.18 0.99
N ASP A 20 4.93 -3.98 2.07
CA ASP A 20 5.07 -5.45 2.01
C ASP A 20 4.47 -6.01 3.34
N ILE A 21 3.53 -6.97 3.25
CA ILE A 21 2.84 -7.54 4.45
C ILE A 21 2.66 -9.09 4.32
N PRO A 22 3.26 -9.97 5.18
CA PRO A 22 2.91 -11.41 5.28
C PRO A 22 1.62 -11.68 6.12
N SER A 23 1.35 -12.97 6.36
CA SER A 23 0.13 -13.49 7.04
C SER A 23 -1.12 -13.44 6.11
N PHE A 24 -1.12 -14.31 5.10
CA PHE A 24 -2.24 -14.48 4.14
C PHE A 24 -2.19 -15.93 3.57
N GLN A 25 -3.34 -16.63 3.57
CA GLN A 25 -3.43 -18.03 3.08
C GLN A 25 -3.42 -18.08 1.53
N MET A 26 -2.47 -18.88 0.98
CA MET A 26 -2.35 -19.10 -0.48
C MET A 26 -3.52 -19.98 -1.04
N SER A 27 -4.12 -19.49 -2.14
CA SER A 27 -5.27 -20.16 -2.83
C SER A 27 -5.06 -20.41 -4.36
N ASP A 28 -4.24 -19.60 -5.06
CA ASP A 28 -4.07 -19.63 -6.55
C ASP A 28 -5.30 -19.13 -7.39
N ASP A 29 -6.09 -18.18 -6.86
CA ASP A 29 -7.05 -17.36 -7.66
C ASP A 29 -7.10 -15.96 -6.98
N ILE A 30 -6.03 -15.17 -7.16
CA ILE A 30 -5.80 -13.91 -6.40
C ILE A 30 -5.08 -12.98 -7.43
N ASP A 31 -5.75 -11.88 -7.84
CA ASP A 31 -5.26 -11.01 -8.93
C ASP A 31 -4.90 -9.59 -8.42
N ASP A 32 -5.91 -8.73 -8.16
CA ASP A 32 -5.74 -7.25 -8.01
C ASP A 32 -5.07 -6.93 -6.65
N ILE A 33 -4.11 -5.99 -6.60
CA ILE A 33 -3.35 -5.69 -5.33
C ILE A 33 -3.28 -4.14 -5.18
N LYS A 34 -4.17 -3.59 -4.33
CA LYS A 34 -4.44 -2.14 -4.24
C LYS A 34 -3.87 -1.49 -2.96
N TRP A 35 -3.38 -0.25 -3.13
CA TRP A 35 -2.90 0.61 -2.01
C TRP A 35 -3.54 2.03 -2.21
N GLU A 36 -4.35 2.41 -1.20
CA GLU A 36 -5.34 3.52 -1.23
C GLU A 36 -5.26 4.34 0.10
N LYS A 37 -5.33 5.70 0.08
CA LYS A 37 -4.91 6.51 1.28
C LYS A 37 -6.04 6.67 2.33
N THR A 38 -5.74 6.56 3.64
CA THR A 38 -6.79 6.70 4.70
C THR A 38 -7.28 8.16 4.98
N SER A 39 -6.37 9.17 4.95
CA SER A 39 -6.65 10.56 5.42
C SER A 39 -7.88 11.25 4.75
N ASP A 40 -7.85 11.46 3.42
CA ASP A 40 -9.08 11.82 2.64
C ASP A 40 -9.95 10.60 2.19
N LYS A 41 -9.36 9.38 2.00
CA LYS A 41 -10.00 8.23 1.29
C LYS A 41 -9.80 8.42 -0.25
N LYS A 42 -8.61 8.05 -0.78
CA LYS A 42 -8.27 8.29 -2.20
C LYS A 42 -7.23 7.30 -2.76
N LYS A 43 -7.58 6.63 -3.87
CA LYS A 43 -6.71 5.62 -4.54
C LYS A 43 -5.52 6.28 -5.27
N ILE A 44 -4.30 6.06 -4.73
CA ILE A 44 -3.02 6.38 -5.42
C ILE A 44 -2.79 5.35 -6.56
N ALA A 45 -2.72 4.04 -6.27
CA ALA A 45 -2.45 3.03 -7.32
C ALA A 45 -3.13 1.69 -7.01
N GLN A 46 -3.38 0.90 -8.06
CA GLN A 46 -3.85 -0.49 -7.91
C GLN A 46 -3.30 -1.39 -9.04
N PHE A 47 -3.25 -2.69 -8.70
CA PHE A 47 -2.83 -3.77 -9.62
C PHE A 47 -4.03 -4.66 -10.01
N ARG A 48 -3.76 -5.43 -11.08
CA ARG A 48 -4.65 -6.40 -11.76
C ARG A 48 -6.17 -6.13 -11.93
N LYS A 49 -6.72 -6.29 -13.15
CA LYS A 49 -8.19 -6.34 -13.41
C LYS A 49 -8.99 -5.03 -13.08
N GLU A 50 -10.05 -4.80 -13.87
CA GLU A 50 -11.10 -3.78 -13.59
C GLU A 50 -10.56 -2.34 -13.84
N LYS A 51 -10.78 -1.82 -15.07
CA LYS A 51 -10.25 -0.50 -15.54
C LYS A 51 -8.71 -0.24 -15.73
N GLU A 52 -8.00 -1.34 -15.70
CA GLU A 52 -6.54 -1.50 -16.01
C GLU A 52 -5.62 -1.20 -14.79
N THR A 53 -4.39 -1.77 -14.83
CA THR A 53 -3.30 -1.51 -13.86
C THR A 53 -2.71 -0.08 -14.08
N PHE A 54 -2.59 0.68 -12.97
CA PHE A 54 -1.98 2.03 -12.96
C PHE A 54 -1.06 2.19 -11.71
N LYS A 55 0.13 2.77 -11.92
CA LYS A 55 1.16 3.00 -10.86
C LYS A 55 1.38 4.52 -10.63
N GLU A 56 1.94 5.24 -11.63
CA GLU A 56 2.19 6.71 -11.61
C GLU A 56 3.36 7.09 -10.65
N LYS A 57 4.50 7.57 -11.21
CA LYS A 57 5.69 8.07 -10.46
C LYS A 57 6.59 6.93 -9.89
N ASP A 58 7.91 7.19 -9.80
CA ASP A 58 8.85 6.35 -8.98
C ASP A 58 8.68 6.44 -7.44
N THR A 59 8.37 7.66 -6.95
CA THR A 59 7.94 7.90 -5.54
C THR A 59 6.72 7.08 -5.02
N TYR A 60 5.88 6.46 -5.88
CA TYR A 60 5.13 5.24 -5.49
C TYR A 60 4.77 4.41 -6.76
N LYS A 61 5.33 3.18 -6.83
CA LYS A 61 5.20 2.29 -8.02
C LYS A 61 5.06 0.85 -7.50
N LEU A 62 3.88 0.24 -7.69
CA LEU A 62 3.49 -0.99 -6.93
C LEU A 62 4.09 -2.24 -7.66
N PHE A 63 4.77 -3.18 -6.94
CA PHE A 63 5.37 -4.38 -7.58
C PHE A 63 4.30 -5.46 -7.95
N LYS A 64 4.66 -6.30 -8.94
CA LYS A 64 3.74 -7.32 -9.51
C LYS A 64 3.38 -8.51 -8.58
N ASN A 65 4.35 -9.18 -7.94
CA ASN A 65 4.13 -10.24 -6.93
C ASN A 65 3.14 -9.86 -5.78
N GLY A 66 3.32 -8.64 -5.25
CA GLY A 66 2.36 -8.02 -4.31
C GLY A 66 3.06 -7.09 -3.31
N THR A 67 3.59 -5.96 -3.81
CA THR A 67 4.58 -5.14 -3.06
C THR A 67 4.52 -3.65 -3.56
N LEU A 68 5.43 -2.80 -3.06
CA LEU A 68 5.55 -1.37 -3.43
C LEU A 68 7.01 -0.88 -3.19
N LYS A 69 7.47 0.11 -4.00
CA LYS A 69 8.68 0.92 -3.70
C LYS A 69 8.28 2.43 -3.60
N ILE A 70 8.70 3.05 -2.47
CA ILE A 70 8.87 4.53 -2.30
C ILE A 70 10.36 4.78 -2.69
N LYS A 71 10.62 5.60 -3.73
CA LYS A 71 11.99 5.81 -4.24
C LYS A 71 12.34 7.31 -4.11
N HIS A 72 13.22 7.63 -3.15
CA HIS A 72 13.63 9.02 -2.80
C HIS A 72 12.44 9.76 -2.12
N LEU A 73 12.39 9.68 -0.78
CA LEU A 73 11.28 10.23 0.03
C LEU A 73 11.73 11.55 0.71
N LYS A 74 10.72 12.09 1.38
CA LYS A 74 10.67 13.42 2.03
C LYS A 74 9.42 13.42 2.96
N THR A 75 9.10 14.59 3.56
CA THR A 75 7.81 14.81 4.24
C THR A 75 6.57 14.71 3.30
N ASP A 76 6.58 15.54 2.27
CA ASP A 76 5.65 15.47 1.11
C ASP A 76 5.76 14.23 0.17
N ASP A 77 6.94 13.58 0.07
CA ASP A 77 7.08 12.27 -0.63
C ASP A 77 6.83 11.01 0.25
N GLN A 78 6.24 11.10 1.48
CA GLN A 78 5.54 9.92 2.08
C GLN A 78 4.22 10.25 2.83
N ASP A 79 3.32 9.25 2.91
CA ASP A 79 1.88 9.46 3.24
C ASP A 79 1.24 8.22 3.96
N ILE A 80 -0.05 8.38 4.37
CA ILE A 80 -0.83 7.32 5.06
C ILE A 80 -1.50 6.36 4.01
N TYR A 81 -1.52 5.03 4.30
CA TYR A 81 -2.08 3.98 3.38
C TYR A 81 -3.00 2.95 4.10
N LYS A 82 -3.83 2.24 3.33
CA LYS A 82 -4.33 0.89 3.69
C LYS A 82 -4.32 0.02 2.41
N VAL A 83 -3.97 -1.26 2.56
CA VAL A 83 -4.09 -2.27 1.47
C VAL A 83 -5.53 -2.86 1.43
N SER A 84 -6.00 -3.13 0.21
CA SER A 84 -7.11 -4.07 -0.04
C SER A 84 -6.67 -4.99 -1.21
N ILE A 85 -6.85 -6.30 -1.03
CA ILE A 85 -6.51 -7.32 -2.06
C ILE A 85 -7.86 -7.89 -2.57
N TYR A 86 -8.14 -7.67 -3.87
CA TYR A 86 -9.37 -8.17 -4.54
C TYR A 86 -8.97 -9.36 -5.46
N ASP A 87 -9.84 -10.38 -5.53
CA ASP A 87 -9.62 -11.59 -6.36
C ASP A 87 -9.91 -11.32 -7.87
N THR A 88 -9.89 -12.38 -8.71
CA THR A 88 -10.21 -12.28 -10.17
C THR A 88 -11.60 -11.66 -10.57
N LYS A 89 -12.67 -11.94 -9.81
CA LYS A 89 -13.97 -11.20 -9.94
C LYS A 89 -14.02 -9.77 -9.30
N GLY A 90 -13.21 -9.45 -8.27
CA GLY A 90 -13.32 -8.17 -7.53
C GLY A 90 -14.07 -8.35 -6.20
N LYS A 91 -13.43 -9.07 -5.25
CA LYS A 91 -14.07 -9.52 -4.00
C LYS A 91 -12.97 -9.44 -2.91
N ASN A 92 -13.14 -8.52 -1.93
CA ASN A 92 -12.08 -8.21 -0.94
C ASN A 92 -11.89 -9.34 0.11
N VAL A 93 -10.68 -9.92 0.08
CA VAL A 93 -10.22 -10.95 1.04
C VAL A 93 -9.47 -10.25 2.21
N LEU A 94 -8.19 -9.92 2.00
CA LEU A 94 -7.28 -9.40 3.06
C LEU A 94 -7.24 -7.84 2.99
N GLU A 95 -7.56 -7.20 4.13
CA GLU A 95 -7.56 -5.71 4.26
C GLU A 95 -6.82 -5.31 5.59
N LYS A 96 -5.79 -4.46 5.47
CA LYS A 96 -4.85 -4.10 6.58
C LYS A 96 -4.44 -2.59 6.45
N ILE A 97 -4.12 -1.94 7.58
CA ILE A 97 -3.97 -0.45 7.66
C ILE A 97 -2.47 -0.10 8.01
N PHE A 98 -1.99 1.04 7.47
CA PHE A 98 -0.55 1.42 7.41
C PHE A 98 -0.39 2.98 7.47
N ASP A 99 0.83 3.50 7.76
CA ASP A 99 1.04 4.98 7.90
C ASP A 99 2.53 5.32 7.59
N LEU A 100 2.97 5.82 6.39
CA LEU A 100 4.39 6.31 6.30
C LEU A 100 4.48 7.79 6.76
N LYS A 101 5.15 7.99 7.91
CA LYS A 101 5.39 9.32 8.53
C LYS A 101 6.88 9.42 8.98
N ILE A 102 7.49 10.61 8.81
CA ILE A 102 8.94 10.83 9.12
C ILE A 102 9.14 11.26 10.62
N GLN A 103 10.34 10.96 11.15
CA GLN A 103 10.83 11.53 12.43
C GLN A 103 11.09 13.07 12.32
N GLU A 104 11.00 13.77 13.46
CA GLU A 104 11.12 15.27 13.51
C GLU A 104 12.59 15.69 13.84
N ARG A 105 13.43 15.50 12.82
CA ARG A 105 14.87 15.86 12.85
C ARG A 105 15.16 16.67 11.57
N LYS A 1 -11.27 6.33 25.58
CA LYS A 1 -10.57 6.69 24.33
C LYS A 1 -10.56 5.53 23.31
N GLU A 2 -10.70 5.87 22.00
CA GLU A 2 -10.68 4.87 20.89
C GLU A 2 -9.24 4.35 20.54
N ILE A 3 -9.17 3.18 19.89
CA ILE A 3 -7.88 2.54 19.48
C ILE A 3 -7.88 2.16 17.97
N THR A 4 -6.68 2.26 17.37
CA THR A 4 -6.42 1.92 15.96
C THR A 4 -6.22 0.37 15.77
N ASN A 5 -6.27 -0.06 14.51
CA ASN A 5 -5.90 -1.45 14.10
C ASN A 5 -4.93 -1.39 12.88
N ALA A 6 -3.72 -0.89 13.18
CA ALA A 6 -2.73 -0.46 12.15
C ALA A 6 -1.27 -0.74 12.55
N LEU A 7 -0.38 -0.48 11.58
CA LEU A 7 1.08 -0.60 11.71
C LEU A 7 1.64 0.84 11.92
N GLU A 8 2.52 0.92 12.92
CA GLU A 8 3.40 2.09 13.13
C GLU A 8 4.68 1.91 12.27
N THR A 9 4.69 2.62 11.13
CA THR A 9 5.65 2.40 10.01
C THR A 9 6.49 3.70 9.90
N TRP A 10 7.80 3.63 10.19
CA TRP A 10 8.66 4.82 10.42
C TRP A 10 9.87 4.86 9.45
N GLY A 11 10.38 6.09 9.23
CA GLY A 11 11.54 6.32 8.35
C GLY A 11 12.09 7.75 8.41
N ALA A 12 13.32 7.93 7.90
CA ALA A 12 14.03 9.24 7.90
C ALA A 12 14.11 9.87 6.47
N LEU A 13 14.42 11.18 6.39
CA LEU A 13 14.47 11.92 5.10
C LEU A 13 15.49 11.34 4.06
N GLY A 14 15.00 11.12 2.84
CA GLY A 14 15.76 10.46 1.74
C GLY A 14 15.98 8.94 1.93
N GLN A 15 14.90 8.12 1.88
CA GLN A 15 15.02 6.66 2.24
C GLN A 15 13.98 5.81 1.45
N ASP A 16 14.42 4.79 0.71
CA ASP A 16 13.50 3.90 -0.08
C ASP A 16 12.79 2.89 0.87
N ILE A 17 11.45 2.98 0.96
CA ILE A 17 10.65 2.28 2.02
C ILE A 17 9.41 1.62 1.36
N ASN A 18 9.13 0.35 1.71
CA ASN A 18 8.02 -0.46 1.13
C ASN A 18 6.68 -0.36 1.92
N LEU A 19 5.57 -0.82 1.29
CA LEU A 19 4.31 -1.18 2.01
C LEU A 19 4.08 -2.68 1.76
N ASP A 20 4.27 -3.45 2.84
CA ASP A 20 4.37 -4.92 2.80
C ASP A 20 3.04 -5.51 3.38
N ILE A 21 2.20 -5.98 2.47
CA ILE A 21 1.00 -6.82 2.78
C ILE A 21 1.31 -8.26 3.36
N PRO A 22 2.30 -9.09 2.87
CA PRO A 22 2.39 -10.56 3.18
C PRO A 22 2.37 -11.08 4.64
N SER A 23 2.36 -12.43 4.74
CA SER A 23 1.83 -13.24 5.88
C SER A 23 0.33 -13.55 5.60
N PHE A 24 0.09 -14.42 4.60
CA PHE A 24 -1.26 -14.69 4.03
C PHE A 24 -1.19 -15.99 3.15
N GLN A 25 -2.37 -16.56 2.83
CA GLN A 25 -2.49 -17.72 1.90
C GLN A 25 -1.99 -17.39 0.45
N MET A 26 -1.34 -18.38 -0.19
CA MET A 26 -0.66 -18.21 -1.51
C MET A 26 -1.59 -17.75 -2.66
N SER A 27 -1.03 -16.97 -3.61
CA SER A 27 -1.80 -16.38 -4.73
C SER A 27 -1.95 -17.35 -5.93
N ASP A 28 -2.98 -18.17 -5.75
CA ASP A 28 -3.45 -19.18 -6.75
C ASP A 28 -4.66 -18.59 -7.52
N ASP A 29 -5.82 -18.37 -6.85
CA ASP A 29 -6.92 -17.51 -7.39
C ASP A 29 -7.00 -16.19 -6.55
N ILE A 30 -5.97 -15.33 -6.70
CA ILE A 30 -5.87 -14.02 -5.98
C ILE A 30 -5.11 -13.08 -6.98
N ASP A 31 -5.74 -11.96 -7.39
CA ASP A 31 -5.22 -11.10 -8.49
C ASP A 31 -5.22 -9.56 -8.23
N ASP A 32 -6.30 -8.98 -7.68
CA ASP A 32 -6.46 -7.52 -7.52
C ASP A 32 -5.88 -7.08 -6.14
N ILE A 33 -5.01 -6.05 -6.19
CA ILE A 33 -4.38 -5.43 -4.99
C ILE A 33 -4.62 -3.89 -5.08
N LYS A 34 -4.74 -3.22 -3.92
CA LYS A 34 -5.00 -1.76 -3.86
C LYS A 34 -4.41 -1.15 -2.58
N TRP A 35 -3.77 0.02 -2.73
CA TRP A 35 -3.44 0.89 -1.58
C TRP A 35 -4.06 2.29 -1.85
N GLU A 36 -4.96 2.61 -0.92
CA GLU A 36 -5.68 3.88 -0.83
C GLU A 36 -5.29 4.66 0.47
N LYS A 37 -6.02 5.73 0.79
CA LYS A 37 -5.84 6.53 2.04
C LYS A 37 -5.96 5.78 3.41
N THR A 38 -5.47 6.39 4.51
CA THR A 38 -6.40 7.07 5.48
C THR A 38 -5.78 8.45 5.91
N SER A 39 -5.78 9.42 4.97
CA SER A 39 -5.34 10.83 5.19
C SER A 39 -5.74 11.69 3.96
N ASP A 40 -5.18 11.41 2.75
CA ASP A 40 -5.49 12.14 1.49
C ASP A 40 -6.93 12.01 0.90
N LYS A 41 -7.71 10.94 1.23
CA LYS A 41 -9.04 10.66 0.64
C LYS A 41 -9.01 10.29 -0.89
N LYS A 42 -8.24 9.25 -1.27
CA LYS A 42 -8.32 8.61 -2.61
C LYS A 42 -7.37 7.40 -2.75
N LYS A 43 -7.74 6.50 -3.69
CA LYS A 43 -6.86 5.43 -4.23
C LYS A 43 -5.61 6.03 -4.94
N ILE A 44 -4.43 5.87 -4.31
CA ILE A 44 -3.15 6.32 -4.91
C ILE A 44 -2.74 5.35 -6.05
N ALA A 45 -2.64 4.00 -5.83
CA ALA A 45 -2.54 3.07 -7.00
C ALA A 45 -3.41 1.81 -6.81
N GLN A 46 -3.57 1.03 -7.90
CA GLN A 46 -4.13 -0.34 -7.77
C GLN A 46 -3.77 -1.23 -9.00
N PHE A 47 -3.74 -2.53 -8.73
CA PHE A 47 -3.65 -3.61 -9.75
C PHE A 47 -5.06 -4.17 -9.98
N ARG A 48 -5.37 -4.48 -11.25
CA ARG A 48 -6.47 -5.41 -11.56
C ARG A 48 -6.13 -6.33 -12.76
N LYS A 49 -6.71 -7.55 -12.72
CA LYS A 49 -6.79 -8.46 -13.89
C LYS A 49 -7.98 -8.03 -14.79
N GLU A 50 -7.63 -7.93 -16.09
CA GLU A 50 -8.53 -7.52 -17.21
C GLU A 50 -8.46 -5.97 -17.36
N LYS A 51 -7.44 -5.52 -18.14
CA LYS A 51 -7.05 -4.11 -18.38
C LYS A 51 -7.58 -2.96 -17.47
N GLU A 52 -6.77 -2.72 -16.44
CA GLU A 52 -6.88 -1.57 -15.51
C GLU A 52 -5.67 -1.67 -14.55
N THR A 53 -4.61 -0.86 -14.76
CA THR A 53 -3.43 -0.79 -13.86
C THR A 53 -3.05 0.71 -13.76
N PHE A 54 -3.35 1.32 -12.60
CA PHE A 54 -3.24 2.79 -12.39
C PHE A 54 -2.00 3.10 -11.50
N LYS A 55 -0.99 3.79 -12.10
CA LYS A 55 -0.15 4.82 -11.40
C LYS A 55 0.76 5.60 -12.43
N GLU A 56 1.95 5.07 -12.82
CA GLU A 56 2.97 5.69 -13.77
C GLU A 56 3.89 6.82 -13.14
N LYS A 57 5.22 6.55 -12.98
CA LYS A 57 6.29 7.50 -12.47
C LYS A 57 6.83 7.09 -11.05
N ASP A 58 8.07 6.55 -10.92
CA ASP A 58 8.43 5.57 -9.84
C ASP A 58 8.51 6.01 -8.36
N THR A 59 8.75 7.29 -8.07
CA THR A 59 9.03 7.76 -6.68
C THR A 59 7.94 7.49 -5.58
N TYR A 60 6.70 7.13 -5.96
CA TYR A 60 5.80 6.34 -5.08
C TYR A 60 5.07 5.32 -5.98
N LYS A 61 5.55 4.05 -6.00
CA LYS A 61 5.08 3.03 -6.97
C LYS A 61 4.75 1.66 -6.35
N LEU A 62 3.56 1.17 -6.75
CA LEU A 62 2.97 -0.10 -6.31
C LEU A 62 3.37 -1.19 -7.35
N PHE A 63 4.01 -2.31 -6.90
CA PHE A 63 4.72 -3.30 -7.75
C PHE A 63 3.84 -4.09 -8.81
N LYS A 64 4.00 -5.43 -8.92
CA LYS A 64 3.10 -6.32 -9.69
C LYS A 64 3.41 -7.74 -9.16
N ASN A 65 2.60 -8.13 -8.15
CA ASN A 65 2.69 -9.36 -7.35
C ASN A 65 1.79 -9.13 -6.10
N GLY A 66 2.17 -8.17 -5.23
CA GLY A 66 1.32 -7.71 -4.10
C GLY A 66 2.16 -6.89 -3.12
N THR A 67 2.66 -5.71 -3.55
CA THR A 67 3.75 -4.99 -2.87
C THR A 67 3.63 -3.49 -3.29
N LEU A 68 4.33 -2.66 -2.51
CA LEU A 68 4.61 -1.24 -2.85
C LEU A 68 6.09 -0.92 -2.49
N LYS A 69 6.70 -0.04 -3.31
CA LYS A 69 8.08 0.48 -3.14
C LYS A 69 8.02 2.02 -3.35
N ILE A 70 8.38 2.82 -2.34
CA ILE A 70 8.34 4.30 -2.41
C ILE A 70 9.82 4.75 -2.61
N LYS A 71 10.27 5.10 -3.85
CA LYS A 71 11.70 5.38 -4.12
C LYS A 71 12.03 6.86 -3.75
N HIS A 72 12.88 7.05 -2.72
CA HIS A 72 13.23 8.38 -2.13
C HIS A 72 12.06 8.88 -1.23
N LEU A 73 12.36 9.12 0.06
CA LEU A 73 11.34 9.44 1.08
C LEU A 73 11.78 10.49 2.15
N LYS A 74 11.57 11.72 1.73
CA LYS A 74 11.45 12.93 2.61
C LYS A 74 9.96 13.13 3.07
N THR A 75 9.67 14.26 3.73
CA THR A 75 8.30 14.62 4.16
C THR A 75 7.27 14.92 3.04
N ASP A 76 7.69 15.58 1.95
CA ASP A 76 6.89 15.60 0.69
C ASP A 76 7.24 14.40 -0.24
N ASP A 77 6.98 13.20 0.30
CA ASP A 77 7.05 11.88 -0.39
C ASP A 77 6.06 10.85 0.27
N GLN A 78 5.54 11.04 1.52
CA GLN A 78 4.72 10.02 2.24
C GLN A 78 3.27 10.46 2.62
N ASP A 79 2.49 9.45 3.09
CA ASP A 79 1.10 9.60 3.57
C ASP A 79 0.79 8.52 4.67
N ILE A 80 -0.46 8.56 5.18
CA ILE A 80 -1.10 7.40 5.88
C ILE A 80 -1.94 6.59 4.82
N TYR A 81 -1.96 5.24 4.99
CA TYR A 81 -2.48 4.29 3.98
C TYR A 81 -3.47 3.25 4.61
N LYS A 82 -4.15 2.48 3.73
CA LYS A 82 -4.75 1.16 4.11
C LYS A 82 -4.84 0.28 2.83
N VAL A 83 -4.69 -1.03 3.00
CA VAL A 83 -4.76 -2.03 1.90
C VAL A 83 -6.17 -2.69 1.79
N SER A 84 -6.55 -3.06 0.56
CA SER A 84 -7.56 -4.11 0.30
C SER A 84 -6.96 -5.14 -0.71
N ILE A 85 -7.36 -6.41 -0.53
CA ILE A 85 -7.09 -7.50 -1.51
C ILE A 85 -8.50 -7.99 -1.96
N TYR A 86 -8.74 -7.92 -3.27
CA TYR A 86 -9.90 -8.58 -3.94
C TYR A 86 -9.34 -9.75 -4.81
N ASP A 87 -10.12 -10.84 -4.95
CA ASP A 87 -9.69 -12.03 -5.74
C ASP A 87 -9.76 -11.79 -7.28
N THR A 88 -9.54 -12.84 -8.10
CA THR A 88 -9.91 -12.85 -9.56
C THR A 88 -11.38 -12.43 -9.89
N LYS A 89 -12.36 -12.96 -9.12
CA LYS A 89 -13.78 -12.53 -9.19
C LYS A 89 -14.12 -11.09 -8.68
N GLY A 90 -13.34 -10.49 -7.75
CA GLY A 90 -13.74 -9.24 -7.06
C GLY A 90 -14.51 -9.53 -5.76
N LYS A 91 -13.77 -10.03 -4.75
CA LYS A 91 -14.37 -10.47 -3.45
C LYS A 91 -13.30 -10.20 -2.37
N ASN A 92 -13.63 -9.26 -1.45
CA ASN A 92 -12.65 -8.73 -0.47
C ASN A 92 -12.34 -9.75 0.67
N VAL A 93 -11.06 -10.12 0.75
CA VAL A 93 -10.55 -11.16 1.69
C VAL A 93 -9.80 -10.53 2.91
N LEU A 94 -8.75 -9.76 2.62
CA LEU A 94 -7.92 -9.05 3.64
C LEU A 94 -8.09 -7.50 3.48
N GLU A 95 -8.24 -6.80 4.61
CA GLU A 95 -8.28 -5.31 4.65
C GLU A 95 -7.63 -4.85 5.99
N LYS A 96 -6.59 -3.99 5.92
CA LYS A 96 -5.68 -3.71 7.09
C LYS A 96 -5.02 -2.32 6.92
N ILE A 97 -4.85 -1.60 8.05
CA ILE A 97 -4.47 -0.15 8.06
C ILE A 97 -2.93 -0.03 8.33
N PHE A 98 -2.30 0.99 7.73
CA PHE A 98 -0.82 1.22 7.74
C PHE A 98 -0.57 2.76 7.82
N ASP A 99 0.64 3.24 8.20
CA ASP A 99 0.86 4.70 8.45
C ASP A 99 2.35 5.07 8.17
N LEU A 100 2.80 5.59 6.98
CA LEU A 100 4.23 6.01 6.87
C LEU A 100 4.42 7.46 7.41
N LYS A 101 5.23 7.58 8.49
CA LYS A 101 5.48 8.86 9.21
C LYS A 101 7.02 9.13 9.28
N ILE A 102 7.41 10.42 9.14
CA ILE A 102 8.84 10.84 9.17
C ILE A 102 9.24 11.20 10.64
N GLN A 103 10.34 10.58 11.13
CA GLN A 103 10.92 10.90 12.47
C GLN A 103 11.88 12.13 12.43
N GLU A 104 12.01 12.80 13.60
CA GLU A 104 12.99 13.90 13.79
C GLU A 104 13.30 13.96 15.31
N ARG A 105 14.48 13.44 15.66
CA ARG A 105 14.94 13.29 17.06
C ARG A 105 15.39 14.65 17.66
N LYS A 1 -5.30 -6.31 27.12
CA LYS A 1 -4.45 -6.34 25.91
C LYS A 1 -5.38 -6.33 24.67
N GLU A 2 -5.41 -5.18 23.96
CA GLU A 2 -6.22 -5.00 22.73
C GLU A 2 -5.23 -4.72 21.58
N ILE A 3 -5.08 -5.69 20.65
CA ILE A 3 -4.06 -5.62 19.56
C ILE A 3 -4.80 -5.12 18.28
N THR A 4 -4.30 -4.00 17.75
CA THR A 4 -4.82 -3.35 16.52
C THR A 4 -4.38 -4.11 15.23
N ASN A 5 -4.99 -3.72 14.10
CA ASN A 5 -4.51 -4.12 12.75
C ASN A 5 -4.13 -2.88 11.90
N ALA A 6 -3.14 -2.13 12.43
CA ALA A 6 -2.62 -0.88 11.83
C ALA A 6 -1.16 -0.65 12.28
N LEU A 7 -0.27 -0.39 11.29
CA LEU A 7 1.19 -0.44 11.49
C LEU A 7 1.76 0.98 11.27
N GLU A 8 2.43 1.45 12.33
CA GLU A 8 3.16 2.75 12.32
C GLU A 8 4.56 2.50 11.67
N THR A 9 4.73 3.13 10.52
CA THR A 9 5.75 2.77 9.51
C THR A 9 6.70 4.01 9.41
N TRP A 10 7.91 3.87 9.99
CA TRP A 10 8.82 5.03 10.26
C TRP A 10 10.04 5.02 9.31
N GLY A 11 10.47 6.24 8.93
CA GLY A 11 11.63 6.44 8.04
C GLY A 11 12.07 7.91 8.00
N ALA A 12 13.38 8.15 8.23
CA ALA A 12 13.99 9.51 8.08
C ALA A 12 14.14 9.95 6.59
N LEU A 13 14.27 11.27 6.35
CA LEU A 13 14.25 11.84 4.97
C LEU A 13 15.31 11.20 4.01
N GLY A 14 14.80 10.60 2.92
CA GLY A 14 15.62 9.96 1.89
C GLY A 14 16.07 8.52 2.21
N GLN A 15 15.13 7.57 2.13
CA GLN A 15 15.38 6.12 2.42
C GLN A 15 14.31 5.25 1.67
N ASP A 16 14.71 4.04 1.23
CA ASP A 16 13.83 3.14 0.40
C ASP A 16 12.98 2.20 1.30
N ILE A 17 11.65 2.17 1.10
CA ILE A 17 10.71 1.38 1.97
C ILE A 17 9.57 0.75 1.10
N ASN A 18 9.36 -0.58 1.23
CA ASN A 18 8.39 -1.36 0.39
C ASN A 18 7.15 -1.80 1.21
N LEU A 19 5.94 -1.72 0.59
CA LEU A 19 4.68 -2.29 1.17
C LEU A 19 4.41 -3.73 0.68
N ASP A 20 5.24 -4.67 1.19
CA ASP A 20 5.16 -6.12 0.89
C ASP A 20 5.09 -6.89 2.25
N ILE A 21 3.87 -7.27 2.67
CA ILE A 21 3.60 -7.71 4.07
C ILE A 21 3.44 -9.28 4.18
N PRO A 22 4.13 -10.00 5.12
CA PRO A 22 3.95 -11.47 5.30
C PRO A 22 2.66 -11.87 6.07
N SER A 23 2.58 -13.17 6.42
CA SER A 23 1.52 -13.74 7.32
C SER A 23 0.08 -13.67 6.73
N PHE A 24 -0.14 -14.39 5.62
CA PHE A 24 -1.51 -14.70 5.11
C PHE A 24 -1.47 -16.04 4.35
N GLN A 25 -2.21 -17.05 4.86
CA GLN A 25 -2.28 -18.41 4.27
C GLN A 25 -3.35 -18.42 3.15
N MET A 26 -2.88 -18.62 1.91
CA MET A 26 -3.75 -18.71 0.71
C MET A 26 -3.12 -19.71 -0.31
N SER A 27 -3.97 -20.30 -1.18
CA SER A 27 -3.52 -21.25 -2.24
C SER A 27 -2.72 -20.52 -3.36
N ASP A 28 -3.35 -20.13 -4.50
CA ASP A 28 -2.69 -19.32 -5.56
C ASP A 28 -3.76 -18.82 -6.58
N ASP A 29 -4.47 -17.73 -6.24
CA ASP A 29 -5.40 -17.03 -7.18
C ASP A 29 -5.53 -15.56 -6.69
N ILE A 30 -4.54 -14.71 -7.02
CA ILE A 30 -4.45 -13.32 -6.49
C ILE A 30 -3.95 -12.45 -7.67
N ASP A 31 -4.72 -11.40 -8.01
CA ASP A 31 -4.38 -10.42 -9.09
C ASP A 31 -4.46 -8.95 -8.58
N ASP A 32 -5.67 -8.52 -8.16
CA ASP A 32 -6.03 -7.08 -8.13
C ASP A 32 -5.65 -6.49 -6.76
N ILE A 33 -4.67 -5.57 -6.76
CA ILE A 33 -4.02 -5.07 -5.52
C ILE A 33 -4.30 -3.54 -5.40
N LYS A 34 -4.58 -3.08 -4.17
CA LYS A 34 -5.14 -1.72 -3.97
C LYS A 34 -4.59 -1.09 -2.68
N TRP A 35 -4.13 0.16 -2.82
CA TRP A 35 -3.54 0.96 -1.73
C TRP A 35 -4.14 2.40 -1.81
N GLU A 36 -4.59 2.89 -0.64
CA GLU A 36 -5.65 3.93 -0.52
C GLU A 36 -5.26 4.92 0.61
N LYS A 37 -5.40 6.23 0.33
CA LYS A 37 -4.99 7.30 1.26
C LYS A 37 -5.99 7.47 2.43
N THR A 38 -5.50 7.42 3.69
CA THR A 38 -6.29 7.92 4.86
C THR A 38 -5.66 9.27 5.32
N SER A 39 -6.01 10.32 4.56
CA SER A 39 -5.66 11.74 4.85
C SER A 39 -6.60 12.64 3.99
N ASP A 40 -6.62 12.50 2.63
CA ASP A 40 -7.63 13.17 1.77
C ASP A 40 -8.15 12.20 0.65
N LYS A 41 -8.86 11.12 1.03
CA LYS A 41 -9.72 10.31 0.13
C LYS A 41 -8.93 9.17 -0.57
N LYS A 42 -9.16 7.95 -0.05
CA LYS A 42 -8.90 6.63 -0.69
C LYS A 42 -8.73 6.52 -2.22
N LYS A 43 -7.49 6.81 -2.66
CA LYS A 43 -6.98 6.52 -4.01
C LYS A 43 -5.50 7.02 -3.98
N ILE A 44 -4.57 6.11 -3.66
CA ILE A 44 -3.15 6.23 -4.08
C ILE A 44 -3.10 5.63 -5.51
N ALA A 45 -3.12 4.29 -5.66
CA ALA A 45 -3.18 3.65 -6.98
C ALA A 45 -3.50 2.13 -6.82
N GLN A 46 -3.89 1.52 -7.94
CA GLN A 46 -4.50 0.16 -7.93
C GLN A 46 -4.24 -0.50 -9.31
N PHE A 47 -4.04 -1.82 -9.19
CA PHE A 47 -3.89 -2.77 -10.31
C PHE A 47 -5.15 -3.64 -10.43
N ARG A 48 -5.59 -3.91 -11.68
CA ARG A 48 -6.59 -4.97 -11.94
C ARG A 48 -6.50 -5.59 -13.38
N LYS A 49 -7.13 -6.77 -13.54
CA LYS A 49 -7.33 -7.45 -14.84
C LYS A 49 -8.78 -7.19 -15.37
N GLU A 50 -8.96 -6.06 -16.07
CA GLU A 50 -10.12 -5.80 -16.96
C GLU A 50 -9.75 -4.50 -17.74
N LYS A 51 -8.87 -4.63 -18.78
CA LYS A 51 -7.88 -3.58 -19.19
C LYS A 51 -7.96 -2.15 -18.58
N GLU A 52 -7.28 -2.07 -17.44
CA GLU A 52 -7.33 -0.91 -16.51
C GLU A 52 -6.24 -1.13 -15.43
N THR A 53 -5.20 -0.27 -15.46
CA THR A 53 -4.18 -0.17 -14.39
C THR A 53 -3.88 1.35 -14.26
N PHE A 54 -4.27 1.96 -13.13
CA PHE A 54 -4.12 3.42 -12.90
C PHE A 54 -3.03 3.67 -11.84
N LYS A 55 -2.02 4.49 -12.20
CA LYS A 55 -0.82 4.72 -11.34
C LYS A 55 -0.26 6.17 -11.50
N GLU A 56 0.11 6.76 -10.34
CA GLU A 56 0.86 8.04 -10.26
C GLU A 56 2.10 7.83 -9.33
N LYS A 57 3.28 8.24 -9.83
CA LYS A 57 4.60 7.82 -9.27
C LYS A 57 5.33 9.03 -8.60
N ASP A 58 6.06 8.77 -7.49
CA ASP A 58 7.03 9.72 -6.91
C ASP A 58 8.44 9.26 -7.40
N THR A 59 9.17 8.62 -6.49
CA THR A 59 10.02 7.45 -6.80
C THR A 59 9.25 6.10 -6.54
N TYR A 60 7.90 6.07 -6.66
CA TYR A 60 7.06 5.03 -6.02
C TYR A 60 6.24 4.20 -7.04
N LYS A 61 6.14 2.87 -6.78
CA LYS A 61 5.98 1.83 -7.83
C LYS A 61 5.25 0.63 -7.18
N LEU A 62 4.09 0.25 -7.76
CA LEU A 62 3.04 -0.49 -7.02
C LEU A 62 2.80 -1.88 -7.67
N PHE A 63 3.60 -2.92 -7.33
CA PHE A 63 3.53 -4.23 -8.03
C PHE A 63 2.18 -4.99 -7.82
N LYS A 64 1.86 -5.87 -8.78
CA LYS A 64 0.60 -6.67 -8.78
C LYS A 64 0.41 -7.73 -7.67
N ASN A 65 1.47 -8.46 -7.23
CA ASN A 65 1.45 -9.38 -6.10
C ASN A 65 1.06 -8.70 -4.73
N GLY A 66 1.64 -7.52 -4.47
CA GLY A 66 1.28 -6.67 -3.32
C GLY A 66 2.51 -5.91 -2.80
N THR A 67 2.98 -4.87 -3.52
CA THR A 67 4.27 -4.22 -3.18
C THR A 67 4.22 -2.70 -3.52
N LEU A 68 3.97 -1.80 -2.54
CA LEU A 68 4.16 -0.32 -2.77
C LEU A 68 5.58 0.14 -2.33
N LYS A 69 6.54 0.00 -3.27
CA LYS A 69 7.91 0.57 -3.19
C LYS A 69 7.89 2.12 -3.15
N ILE A 70 8.70 2.78 -2.31
CA ILE A 70 8.80 4.28 -2.25
C ILE A 70 10.33 4.56 -2.18
N LYS A 71 10.96 5.11 -3.24
CA LYS A 71 12.45 4.95 -3.39
C LYS A 71 13.22 6.25 -3.15
N HIS A 72 13.39 6.62 -1.85
CA HIS A 72 13.87 7.95 -1.36
C HIS A 72 12.61 8.62 -0.72
N LEU A 73 12.45 8.49 0.62
CA LEU A 73 11.23 8.87 1.37
C LEU A 73 11.51 10.07 2.34
N LYS A 74 11.57 11.22 1.70
CA LYS A 74 11.33 12.56 2.32
C LYS A 74 9.81 12.80 2.57
N THR A 75 9.46 13.95 3.19
CA THR A 75 8.07 14.24 3.64
C THR A 75 6.98 14.27 2.52
N ASP A 76 7.28 15.02 1.45
CA ASP A 76 6.46 15.04 0.20
C ASP A 76 6.55 13.76 -0.70
N ASP A 77 7.59 12.92 -0.57
CA ASP A 77 7.62 11.55 -1.16
C ASP A 77 6.63 10.51 -0.53
N GLN A 78 6.04 10.74 0.67
CA GLN A 78 5.29 9.66 1.40
C GLN A 78 3.92 10.09 2.01
N ASP A 79 3.11 9.08 2.43
CA ASP A 79 1.70 9.29 2.85
C ASP A 79 1.21 8.18 3.86
N ILE A 80 0.07 8.44 4.52
CA ILE A 80 -0.69 7.41 5.31
C ILE A 80 -1.55 6.53 4.34
N TYR A 81 -1.48 5.19 4.51
CA TYR A 81 -2.09 4.20 3.56
C TYR A 81 -3.14 3.24 4.23
N LYS A 82 -3.82 2.42 3.40
CA LYS A 82 -4.52 1.17 3.84
C LYS A 82 -4.68 0.22 2.62
N VAL A 83 -4.44 -1.10 2.83
CA VAL A 83 -4.48 -2.12 1.73
C VAL A 83 -5.84 -2.86 1.65
N SER A 84 -6.23 -3.23 0.40
CA SER A 84 -7.20 -4.33 0.15
C SER A 84 -6.65 -5.27 -0.95
N ILE A 85 -6.92 -6.58 -0.77
CA ILE A 85 -6.61 -7.66 -1.75
C ILE A 85 -7.98 -8.11 -2.33
N TYR A 86 -8.12 -8.06 -3.66
CA TYR A 86 -9.24 -8.71 -4.40
C TYR A 86 -8.59 -9.76 -5.36
N ASP A 87 -9.19 -10.96 -5.46
CA ASP A 87 -8.68 -12.07 -6.32
C ASP A 87 -8.76 -11.80 -7.87
N THR A 88 -8.41 -12.81 -8.70
CA THR A 88 -8.78 -12.85 -10.15
C THR A 88 -10.29 -12.64 -10.49
N LYS A 89 -11.21 -13.22 -9.71
CA LYS A 89 -12.67 -12.89 -9.75
C LYS A 89 -13.01 -11.41 -9.37
N GLY A 90 -12.34 -10.80 -8.37
CA GLY A 90 -12.65 -9.43 -7.92
C GLY A 90 -13.67 -9.37 -6.77
N LYS A 91 -13.32 -9.98 -5.62
CA LYS A 91 -14.12 -9.93 -4.37
C LYS A 91 -13.12 -9.81 -3.18
N ASN A 92 -13.46 -8.95 -2.19
CA ASN A 92 -12.54 -8.59 -1.08
C ASN A 92 -12.27 -9.79 -0.11
N VAL A 93 -10.96 -10.04 0.07
CA VAL A 93 -10.42 -11.24 0.75
C VAL A 93 -9.99 -10.86 2.20
N LEU A 94 -8.96 -10.01 2.27
CA LEU A 94 -8.42 -9.42 3.52
C LEU A 94 -8.17 -7.89 3.29
N GLU A 95 -8.10 -7.16 4.42
CA GLU A 95 -7.75 -5.71 4.43
C GLU A 95 -6.96 -5.37 5.72
N LYS A 96 -5.85 -4.63 5.55
CA LYS A 96 -4.98 -4.16 6.66
C LYS A 96 -4.81 -2.61 6.56
N ILE A 97 -4.14 -2.01 7.56
CA ILE A 97 -4.05 -0.52 7.70
C ILE A 97 -2.54 -0.16 7.95
N PHE A 98 -2.09 0.99 7.42
CA PHE A 98 -0.64 1.38 7.36
C PHE A 98 -0.47 2.93 7.49
N ASP A 99 0.74 3.42 7.85
CA ASP A 99 0.93 4.87 8.13
C ASP A 99 2.40 5.29 7.84
N LEU A 100 2.79 5.85 6.67
CA LEU A 100 4.18 6.42 6.56
C LEU A 100 4.25 7.81 7.28
N LYS A 101 5.13 7.89 8.30
CA LYS A 101 5.43 9.13 9.07
C LYS A 101 6.96 9.37 9.14
N ILE A 102 7.37 10.65 9.06
CA ILE A 102 8.79 11.08 9.09
C ILE A 102 9.19 11.39 10.56
N GLN A 103 10.35 10.88 11.01
CA GLN A 103 10.77 10.95 12.44
C GLN A 103 10.95 12.40 12.98
N GLU A 104 10.62 12.59 14.27
CA GLU A 104 10.40 13.93 14.88
C GLU A 104 11.19 13.98 16.21
N ARG A 105 12.38 14.56 16.03
CA ARG A 105 13.39 14.73 17.11
C ARG A 105 12.95 15.85 18.10
N LYS A 1 -7.70 2.29 27.04
CA LYS A 1 -7.56 3.10 25.82
C LYS A 1 -7.83 2.21 24.58
N GLU A 2 -8.81 2.61 23.74
CA GLU A 2 -9.18 1.87 22.51
C GLU A 2 -8.23 2.27 21.34
N ILE A 3 -7.37 1.32 20.94
CA ILE A 3 -6.32 1.53 19.91
C ILE A 3 -6.80 0.94 18.54
N THR A 4 -6.31 1.54 17.44
CA THR A 4 -6.56 1.08 16.05
C THR A 4 -5.91 -0.32 15.74
N ASN A 5 -6.32 -0.90 14.61
CA ASN A 5 -5.61 -2.05 13.97
C ASN A 5 -4.76 -1.56 12.74
N ALA A 6 -3.87 -0.63 13.08
CA ALA A 6 -3.01 0.11 12.11
C ALA A 6 -1.55 0.17 12.63
N LEU A 7 -0.60 0.06 11.68
CA LEU A 7 0.84 -0.13 12.00
C LEU A 7 1.57 1.21 11.77
N GLU A 8 2.17 1.67 12.87
CA GLU A 8 3.08 2.85 12.89
C GLU A 8 4.43 2.48 12.22
N THR A 9 4.64 3.06 11.03
CA THR A 9 5.64 2.60 10.03
C THR A 9 6.56 3.82 9.75
N TRP A 10 7.87 3.64 9.91
CA TRP A 10 8.83 4.77 10.17
C TRP A 10 10.05 4.75 9.20
N GLY A 11 10.60 5.95 8.96
CA GLY A 11 11.90 6.09 8.28
C GLY A 11 12.45 7.53 8.37
N ALA A 12 12.85 8.10 7.22
CA ALA A 12 13.56 9.42 7.18
C ALA A 12 13.36 10.16 5.83
N LEU A 13 13.70 11.46 5.80
CA LEU A 13 13.68 12.30 4.56
C LEU A 13 14.84 11.92 3.61
N GLY A 14 14.52 11.76 2.31
CA GLY A 14 15.50 11.27 1.30
C GLY A 14 15.74 9.75 1.44
N GLN A 15 14.70 8.94 1.20
CA GLN A 15 14.74 7.49 1.58
C GLN A 15 13.68 6.65 0.81
N ASP A 16 14.13 5.51 0.27
CA ASP A 16 13.26 4.47 -0.34
C ASP A 16 12.64 3.58 0.78
N ILE A 17 11.30 3.46 0.80
CA ILE A 17 10.58 2.76 1.90
C ILE A 17 9.45 1.90 1.25
N ASN A 18 9.43 0.59 1.56
CA ASN A 18 8.47 -0.39 0.98
C ASN A 18 7.22 -0.63 1.88
N LEU A 19 6.07 -0.94 1.26
CA LEU A 19 4.91 -1.59 1.94
C LEU A 19 4.87 -3.10 1.61
N ASP A 20 4.42 -3.90 2.59
CA ASP A 20 4.26 -5.36 2.45
C ASP A 20 3.19 -5.78 3.52
N ILE A 21 2.18 -6.55 3.09
CA ILE A 21 1.24 -7.25 4.01
C ILE A 21 1.67 -8.76 4.10
N PRO A 22 2.21 -9.31 5.23
CA PRO A 22 2.59 -10.73 5.34
C PRO A 22 1.42 -11.69 5.75
N SER A 23 1.70 -13.01 5.61
CA SER A 23 0.77 -14.10 5.99
C SER A 23 -0.50 -14.16 5.09
N PHE A 24 -0.32 -14.57 3.81
CA PHE A 24 -1.44 -14.73 2.86
C PHE A 24 -1.17 -15.93 1.89
N GLN A 25 -2.07 -16.93 1.92
CA GLN A 25 -1.98 -18.14 1.04
C GLN A 25 -2.83 -17.93 -0.25
N MET A 26 -2.27 -18.38 -1.40
CA MET A 26 -3.00 -18.39 -2.70
C MET A 26 -4.06 -19.54 -2.74
N SER A 27 -5.31 -19.17 -3.02
CA SER A 27 -6.45 -20.12 -3.16
C SER A 27 -7.12 -19.89 -4.54
N ASP A 28 -7.87 -18.79 -4.73
CA ASP A 28 -8.38 -18.37 -6.08
C ASP A 28 -7.29 -17.83 -7.07
N ASP A 29 -6.25 -17.14 -6.56
CA ASP A 29 -5.04 -16.65 -7.30
C ASP A 29 -4.97 -15.10 -7.19
N ILE A 30 -4.51 -14.59 -6.03
CA ILE A 30 -4.63 -13.15 -5.65
C ILE A 30 -3.98 -12.14 -6.67
N ASP A 31 -4.86 -11.58 -7.52
CA ASP A 31 -4.46 -10.75 -8.69
C ASP A 31 -4.22 -9.25 -8.36
N ASP A 32 -5.14 -8.64 -7.58
CA ASP A 32 -5.26 -7.16 -7.46
C ASP A 32 -4.67 -6.71 -6.09
N ILE A 33 -3.77 -5.71 -6.11
CA ILE A 33 -3.04 -5.23 -4.90
C ILE A 33 -3.24 -3.69 -4.85
N LYS A 34 -4.05 -3.23 -3.89
CA LYS A 34 -4.52 -1.81 -3.84
C LYS A 34 -4.04 -1.10 -2.56
N TRP A 35 -3.52 0.13 -2.76
CA TRP A 35 -3.06 0.99 -1.65
C TRP A 35 -3.65 2.43 -1.88
N GLU A 36 -4.52 2.78 -0.91
CA GLU A 36 -5.37 3.99 -0.90
C GLU A 36 -5.05 4.87 0.36
N LYS A 37 -5.54 6.12 0.38
CA LYS A 37 -5.29 7.04 1.54
C LYS A 37 -6.34 6.83 2.68
N THR A 38 -6.05 7.32 3.89
CA THR A 38 -7.02 7.33 5.04
C THR A 38 -7.65 8.75 5.27
N SER A 39 -6.85 9.82 5.41
CA SER A 39 -7.31 11.17 5.81
C SER A 39 -8.29 11.84 4.79
N ASP A 40 -7.86 12.03 3.53
CA ASP A 40 -8.81 12.28 2.40
C ASP A 40 -9.68 11.03 2.02
N LYS A 41 -9.09 9.81 1.97
CA LYS A 41 -9.76 8.57 1.49
C LYS A 41 -9.76 8.57 -0.06
N LYS A 42 -8.63 8.14 -0.66
CA LYS A 42 -8.38 8.35 -2.11
C LYS A 42 -7.45 7.25 -2.64
N LYS A 43 -7.94 6.48 -3.63
CA LYS A 43 -7.15 5.42 -4.32
C LYS A 43 -6.06 6.04 -5.24
N ILE A 44 -4.85 6.20 -4.68
CA ILE A 44 -3.73 6.93 -5.34
C ILE A 44 -2.68 6.01 -6.04
N ALA A 45 -2.52 4.70 -5.73
CA ALA A 45 -1.96 3.74 -6.74
C ALA A 45 -2.45 2.31 -6.42
N GLN A 46 -2.85 1.61 -7.49
CA GLN A 46 -3.61 0.35 -7.38
C GLN A 46 -3.25 -0.52 -8.62
N PHE A 47 -3.28 -1.83 -8.39
CA PHE A 47 -3.12 -2.85 -9.45
C PHE A 47 -4.39 -3.70 -9.54
N ARG A 48 -4.86 -3.94 -10.78
CA ARG A 48 -5.99 -4.87 -11.04
C ARG A 48 -5.88 -5.56 -12.43
N LYS A 49 -6.97 -5.58 -13.23
CA LYS A 49 -7.11 -6.41 -14.45
C LYS A 49 -7.90 -5.57 -15.49
N GLU A 50 -7.22 -5.22 -16.60
CA GLU A 50 -7.82 -4.55 -17.80
C GLU A 50 -8.61 -3.20 -17.69
N LYS A 51 -8.49 -2.48 -16.57
CA LYS A 51 -8.98 -1.09 -16.42
C LYS A 51 -8.40 -0.52 -15.11
N GLU A 52 -7.57 0.50 -15.29
CA GLU A 52 -6.76 1.16 -14.23
C GLU A 52 -5.80 0.17 -13.49
N THR A 53 -4.70 -0.21 -14.15
CA THR A 53 -3.65 -1.08 -13.55
C THR A 53 -2.33 -0.25 -13.60
N PHE A 54 -2.15 0.65 -12.61
CA PHE A 54 -1.12 1.73 -12.70
C PHE A 54 -0.50 2.04 -11.30
N LYS A 55 0.83 2.23 -11.33
CA LYS A 55 1.59 2.80 -10.20
C LYS A 55 1.68 4.37 -10.17
N GLU A 56 1.84 5.03 -11.34
CA GLU A 56 2.20 6.48 -11.44
C GLU A 56 3.68 6.69 -11.02
N LYS A 57 4.63 6.52 -11.97
CA LYS A 57 6.11 6.70 -11.78
C LYS A 57 6.78 5.82 -10.66
N ASP A 58 8.13 5.80 -10.63
CA ASP A 58 8.90 5.07 -9.57
C ASP A 58 8.73 5.57 -8.12
N THR A 59 8.66 6.90 -7.95
CA THR A 59 8.36 7.56 -6.64
C THR A 59 7.11 7.05 -5.84
N TYR A 60 6.14 6.40 -6.50
CA TYR A 60 5.15 5.55 -5.82
C TYR A 60 4.89 4.32 -6.74
N LYS A 61 5.51 3.19 -6.36
CA LYS A 61 5.55 1.93 -7.15
C LYS A 61 4.75 0.83 -6.40
N LEU A 62 3.96 0.03 -7.13
CA LEU A 62 3.14 -1.08 -6.56
C LEU A 62 3.59 -2.38 -7.30
N PHE A 63 4.25 -3.32 -6.58
CA PHE A 63 4.62 -4.66 -7.11
C PHE A 63 3.39 -5.57 -7.46
N LYS A 64 3.65 -6.67 -8.21
CA LYS A 64 2.61 -7.61 -8.67
C LYS A 64 2.76 -9.01 -8.00
N ASN A 65 2.54 -9.00 -6.67
CA ASN A 65 2.25 -10.18 -5.83
C ASN A 65 1.64 -9.68 -4.48
N GLY A 66 2.26 -8.68 -3.82
CA GLY A 66 1.74 -8.09 -2.56
C GLY A 66 2.70 -7.08 -1.92
N THR A 67 3.14 -6.04 -2.66
CA THR A 67 4.25 -5.15 -2.22
C THR A 67 4.09 -3.73 -2.86
N LEU A 68 4.82 -2.79 -2.27
CA LEU A 68 5.01 -1.40 -2.72
C LEU A 68 6.52 -1.01 -2.60
N LYS A 69 6.99 -0.03 -3.39
CA LYS A 69 8.31 0.64 -3.21
C LYS A 69 8.15 2.16 -3.50
N ILE A 70 8.29 3.01 -2.46
CA ILE A 70 8.05 4.48 -2.53
C ILE A 70 9.45 5.12 -2.73
N LYS A 71 9.83 5.47 -3.99
CA LYS A 71 11.26 5.75 -4.33
C LYS A 71 11.72 7.16 -3.90
N HIS A 72 12.64 7.20 -2.91
CA HIS A 72 13.48 8.35 -2.52
C HIS A 72 12.86 9.77 -2.52
N LEU A 73 12.31 10.22 -1.36
CA LEU A 73 12.21 11.67 -1.02
C LEU A 73 11.50 11.92 0.34
N LYS A 74 11.76 13.13 0.89
CA LYS A 74 11.06 13.81 2.02
C LYS A 74 9.49 13.69 2.18
N THR A 75 8.92 14.61 2.98
CA THR A 75 7.50 14.65 3.39
C THR A 75 6.44 14.61 2.25
N ASP A 76 6.67 15.43 1.21
CA ASP A 76 5.83 15.42 -0.02
C ASP A 76 6.39 14.40 -1.06
N ASP A 77 6.16 13.15 -0.67
CA ASP A 77 6.57 11.91 -1.38
C ASP A 77 5.83 10.71 -0.71
N GLN A 78 5.71 10.66 0.66
CA GLN A 78 5.47 9.37 1.37
C GLN A 78 4.56 9.55 2.62
N ASP A 79 3.52 8.69 2.75
CA ASP A 79 2.26 9.06 3.46
C ASP A 79 1.54 7.88 4.19
N ILE A 80 0.50 8.26 4.96
CA ILE A 80 -0.49 7.34 5.59
C ILE A 80 -1.33 6.52 4.54
N TYR A 81 -1.53 5.21 4.79
CA TYR A 81 -2.24 4.30 3.83
C TYR A 81 -3.26 3.32 4.49
N LYS A 82 -4.04 2.61 3.64
CA LYS A 82 -4.88 1.45 4.02
C LYS A 82 -4.85 0.46 2.81
N VAL A 83 -4.61 -0.83 3.09
CA VAL A 83 -4.49 -1.90 2.06
C VAL A 83 -5.80 -2.75 1.93
N SER A 84 -6.14 -3.08 0.68
CA SER A 84 -7.09 -4.18 0.35
C SER A 84 -6.43 -5.11 -0.71
N ILE A 85 -6.80 -6.41 -0.70
CA ILE A 85 -6.41 -7.39 -1.76
C ILE A 85 -7.74 -8.04 -2.27
N TYR A 86 -7.89 -8.04 -3.61
CA TYR A 86 -9.03 -8.67 -4.33
C TYR A 86 -8.47 -9.76 -5.28
N ASP A 87 -9.29 -10.79 -5.55
CA ASP A 87 -8.80 -12.05 -6.20
C ASP A 87 -8.86 -11.98 -7.77
N THR A 88 -8.71 -13.14 -8.44
CA THR A 88 -9.06 -13.30 -9.89
C THR A 88 -10.53 -12.91 -10.24
N LYS A 89 -11.51 -13.39 -9.46
CA LYS A 89 -12.92 -12.91 -9.51
C LYS A 89 -13.15 -11.44 -9.04
N GLY A 90 -12.36 -10.89 -8.08
CA GLY A 90 -12.56 -9.52 -7.57
C GLY A 90 -13.44 -9.46 -6.29
N LYS A 91 -12.94 -10.07 -5.20
CA LYS A 91 -13.68 -10.21 -3.92
C LYS A 91 -12.68 -9.91 -2.78
N ASN A 92 -13.05 -8.98 -1.86
CA ASN A 92 -12.12 -8.50 -0.80
C ASN A 92 -11.86 -9.60 0.27
N VAL A 93 -10.66 -10.20 0.18
CA VAL A 93 -10.18 -11.27 1.11
C VAL A 93 -9.43 -10.72 2.36
N LEU A 94 -8.48 -9.82 2.12
CA LEU A 94 -7.47 -9.38 3.12
C LEU A 94 -7.51 -7.83 3.24
N GLU A 95 -7.58 -7.33 4.48
CA GLU A 95 -7.78 -5.88 4.77
C GLU A 95 -6.93 -5.53 6.04
N LYS A 96 -6.11 -4.47 5.94
CA LYS A 96 -5.32 -3.91 7.07
C LYS A 96 -5.21 -2.36 6.89
N ILE A 97 -4.74 -1.69 7.96
CA ILE A 97 -4.55 -0.22 8.00
C ILE A 97 -3.03 0.03 8.29
N PHE A 98 -2.48 1.14 7.74
CA PHE A 98 -1.01 1.41 7.71
C PHE A 98 -0.73 2.93 7.82
N ASP A 99 0.54 3.33 8.11
CA ASP A 99 0.85 4.77 8.38
C ASP A 99 2.32 5.09 8.05
N LEU A 100 2.74 5.64 6.86
CA LEU A 100 4.17 6.04 6.71
C LEU A 100 4.38 7.49 7.22
N LYS A 101 4.96 7.57 8.44
CA LYS A 101 5.52 8.81 9.01
C LYS A 101 7.08 8.82 8.91
N ILE A 102 7.65 10.00 9.19
CA ILE A 102 9.13 10.24 9.13
C ILE A 102 9.63 10.79 10.50
N GLN A 103 10.94 10.65 10.71
CA GLN A 103 11.59 10.85 12.05
C GLN A 103 12.33 12.21 12.08
N GLU A 104 12.25 12.88 13.24
CA GLU A 104 12.75 14.27 13.44
C GLU A 104 13.37 14.37 14.85
N ARG A 105 14.67 14.01 14.90
CA ARG A 105 15.51 14.01 16.13
C ARG A 105 15.20 12.78 17.02
N LYS A 1 -11.67 -11.30 15.99
CA LYS A 1 -11.95 -9.92 15.50
C LYS A 1 -11.10 -8.93 16.34
N GLU A 2 -10.08 -8.33 15.69
CA GLU A 2 -9.23 -7.27 16.30
C GLU A 2 -9.82 -5.86 15.97
N ILE A 3 -9.90 -4.99 16.99
CA ILE A 3 -10.31 -3.54 16.80
C ILE A 3 -9.15 -2.49 16.63
N THR A 4 -8.11 -2.99 15.99
CA THR A 4 -6.84 -2.27 15.71
C THR A 4 -6.87 -1.76 14.24
N ASN A 5 -6.25 -0.59 14.02
CA ASN A 5 -6.41 0.18 12.75
C ASN A 5 -5.13 0.94 12.25
N ALA A 6 -3.96 0.28 12.37
CA ALA A 6 -2.68 0.73 11.75
C ALA A 6 -1.49 -0.23 12.06
N LEU A 7 -0.53 -0.19 11.13
CA LEU A 7 0.87 -0.57 11.38
C LEU A 7 1.68 0.76 11.54
N GLU A 8 2.45 0.85 12.63
CA GLU A 8 3.51 1.90 12.78
C GLU A 8 4.71 1.59 11.83
N THR A 9 4.99 2.56 10.94
CA THR A 9 5.86 2.35 9.75
C THR A 9 6.80 3.59 9.70
N TRP A 10 8.11 3.40 9.97
CA TRP A 10 9.06 4.52 10.20
C TRP A 10 10.10 4.69 9.05
N GLY A 11 10.56 5.93 8.87
CA GLY A 11 11.60 6.26 7.87
C GLY A 11 12.32 7.60 8.18
N ALA A 12 12.93 8.15 7.12
CA ALA A 12 13.72 9.41 7.19
C ALA A 12 13.52 10.25 5.88
N LEU A 13 13.93 11.54 5.92
CA LEU A 13 13.87 12.41 4.71
C LEU A 13 15.03 12.02 3.74
N GLY A 14 14.69 11.74 2.48
CA GLY A 14 15.64 11.18 1.49
C GLY A 14 15.85 9.66 1.67
N GLN A 15 14.79 8.85 1.45
CA GLN A 15 14.82 7.41 1.83
C GLN A 15 13.75 6.57 1.08
N ASP A 16 14.16 5.38 0.57
CA ASP A 16 13.26 4.42 -0.12
C ASP A 16 12.58 3.50 0.94
N ILE A 17 11.24 3.49 1.03
CA ILE A 17 10.51 2.70 2.07
C ILE A 17 9.35 1.89 1.39
N ASN A 18 9.26 0.58 1.71
CA ASN A 18 8.30 -0.36 1.07
C ASN A 18 7.00 -0.59 1.91
N LEU A 19 5.89 -0.84 1.16
CA LEU A 19 4.64 -1.44 1.72
C LEU A 19 4.61 -2.92 1.26
N ASP A 20 4.46 -3.83 2.24
CA ASP A 20 4.49 -5.29 2.01
C ASP A 20 3.86 -5.95 3.26
N ILE A 21 2.73 -6.65 3.09
CA ILE A 21 1.98 -7.31 4.20
C ILE A 21 2.24 -8.86 4.19
N PRO A 22 3.04 -9.48 5.12
CA PRO A 22 3.13 -10.95 5.28
C PRO A 22 1.93 -11.56 6.07
N SER A 23 1.95 -12.91 6.17
CA SER A 23 0.88 -13.73 6.80
C SER A 23 -0.43 -13.76 5.95
N PHE A 24 -0.37 -14.44 4.79
CA PHE A 24 -1.54 -14.69 3.92
C PHE A 24 -1.31 -16.03 3.17
N GLN A 25 -2.12 -17.04 3.50
CA GLN A 25 -2.10 -18.37 2.82
C GLN A 25 -2.83 -18.29 1.44
N MET A 26 -2.10 -18.60 0.37
CA MET A 26 -2.62 -18.54 -1.02
C MET A 26 -3.22 -19.93 -1.41
N SER A 27 -4.51 -19.91 -1.76
CA SER A 27 -5.30 -21.15 -2.02
C SER A 27 -5.69 -21.33 -3.51
N ASP A 28 -6.39 -20.35 -4.13
CA ASP A 28 -6.88 -20.44 -5.52
C ASP A 28 -7.41 -19.02 -5.90
N ASP A 29 -6.66 -18.34 -6.79
CA ASP A 29 -7.07 -17.07 -7.46
C ASP A 29 -6.75 -15.83 -6.56
N ILE A 30 -5.64 -15.14 -6.87
CA ILE A 30 -5.23 -13.87 -6.18
C ILE A 30 -4.60 -13.01 -7.32
N ASP A 31 -5.27 -11.89 -7.68
CA ASP A 31 -4.80 -10.99 -8.79
C ASP A 31 -4.72 -9.50 -8.36
N ASP A 32 -5.85 -8.92 -7.91
CA ASP A 32 -6.05 -7.46 -7.79
C ASP A 32 -5.64 -6.98 -6.37
N ILE A 33 -4.85 -5.89 -6.28
CA ILE A 33 -4.47 -5.29 -4.95
C ILE A 33 -4.55 -3.73 -5.11
N LYS A 34 -4.79 -3.02 -4.00
CA LYS A 34 -4.98 -1.54 -4.02
C LYS A 34 -4.45 -0.91 -2.72
N TRP A 35 -3.71 0.19 -2.90
CA TRP A 35 -3.20 1.03 -1.80
C TRP A 35 -3.81 2.47 -1.99
N GLU A 36 -4.68 2.78 -1.03
CA GLU A 36 -5.43 4.07 -0.91
C GLU A 36 -5.20 4.68 0.50
N LYS A 37 -5.31 6.02 0.67
CA LYS A 37 -4.94 6.70 1.95
C LYS A 37 -6.16 6.82 2.91
N THR A 38 -5.90 6.84 4.24
CA THR A 38 -6.94 7.22 5.26
C THR A 38 -7.04 8.74 5.61
N SER A 39 -6.12 9.61 5.12
CA SER A 39 -6.14 11.08 5.36
C SER A 39 -7.46 11.79 4.92
N ASP A 40 -7.80 11.78 3.61
CA ASP A 40 -9.20 12.01 3.15
C ASP A 40 -9.58 11.05 1.98
N LYS A 41 -9.46 9.72 2.19
CA LYS A 41 -9.90 8.65 1.24
C LYS A 41 -9.31 8.80 -0.19
N LYS A 42 -7.97 8.67 -0.31
CA LYS A 42 -7.25 9.05 -1.55
C LYS A 42 -6.61 7.82 -2.22
N LYS A 43 -7.29 7.27 -3.24
CA LYS A 43 -6.74 6.16 -4.10
C LYS A 43 -5.50 6.62 -4.90
N ILE A 44 -4.34 6.23 -4.35
CA ILE A 44 -3.00 6.61 -4.88
C ILE A 44 -2.66 5.72 -6.10
N ALA A 45 -2.68 4.37 -5.98
CA ALA A 45 -2.64 3.50 -7.19
C ALA A 45 -3.25 2.10 -6.87
N GLN A 46 -3.60 1.37 -7.94
CA GLN A 46 -4.14 0.00 -7.86
C GLN A 46 -3.87 -0.80 -9.16
N PHE A 47 -4.05 -2.12 -9.03
CA PHE A 47 -4.03 -3.07 -10.17
C PHE A 47 -5.32 -3.89 -10.15
N ARG A 48 -5.83 -4.13 -11.37
CA ARG A 48 -6.92 -5.11 -11.59
C ARG A 48 -6.65 -6.07 -12.80
N LYS A 49 -7.63 -6.97 -13.09
CA LYS A 49 -7.46 -8.07 -14.07
C LYS A 49 -7.67 -7.57 -15.53
N GLU A 50 -6.54 -7.34 -16.24
CA GLU A 50 -6.51 -6.83 -17.65
C GLU A 50 -7.42 -5.62 -18.04
N LYS A 51 -7.55 -4.62 -17.15
CA LYS A 51 -8.34 -3.39 -17.40
C LYS A 51 -8.06 -2.40 -16.25
N GLU A 52 -7.60 -1.21 -16.66
CA GLU A 52 -7.20 -0.09 -15.79
C GLU A 52 -5.98 -0.44 -14.89
N THR A 53 -4.76 -0.29 -15.45
CA THR A 53 -3.49 -0.37 -14.68
C THR A 53 -3.18 1.08 -14.21
N PHE A 54 -3.50 1.37 -12.95
CA PHE A 54 -3.34 2.72 -12.36
C PHE A 54 -2.02 2.72 -11.55
N LYS A 55 -0.99 3.41 -12.09
CA LYS A 55 0.25 3.76 -11.35
C LYS A 55 1.07 4.77 -12.22
N GLU A 56 1.62 5.81 -11.57
CA GLU A 56 2.31 6.92 -12.26
C GLU A 56 3.54 7.39 -11.42
N LYS A 57 4.70 7.61 -12.10
CA LYS A 57 5.90 8.28 -11.51
C LYS A 57 6.75 7.33 -10.60
N ASP A 58 8.09 7.52 -10.56
CA ASP A 58 8.92 7.05 -9.40
C ASP A 58 9.28 8.24 -8.45
N THR A 59 8.24 8.78 -7.82
CA THR A 59 8.14 8.68 -6.32
C THR A 59 7.51 7.36 -5.79
N TYR A 60 6.98 6.46 -6.63
CA TYR A 60 6.43 5.14 -6.25
C TYR A 60 6.90 4.05 -7.25
N LYS A 61 6.93 2.80 -6.76
CA LYS A 61 6.65 1.62 -7.59
C LYS A 61 5.55 0.85 -6.85
N LEU A 62 4.29 1.10 -7.26
CA LEU A 62 3.15 0.22 -6.92
C LEU A 62 3.30 -1.07 -7.80
N PHE A 63 3.51 -2.13 -7.01
CA PHE A 63 3.85 -3.53 -7.39
C PHE A 63 3.67 -4.20 -8.77
N LYS A 64 4.41 -5.31 -8.91
CA LYS A 64 3.76 -6.61 -9.26
C LYS A 64 4.24 -7.68 -8.22
N ASN A 65 3.47 -7.78 -7.13
CA ASN A 65 3.56 -8.75 -5.99
C ASN A 65 2.90 -8.15 -4.69
N GLY A 66 1.66 -7.61 -4.78
CA GLY A 66 0.90 -7.00 -3.65
C GLY A 66 1.60 -5.97 -2.74
N THR A 67 2.08 -4.84 -3.30
CA THR A 67 3.25 -4.11 -2.70
C THR A 67 3.24 -2.58 -3.08
N LEU A 68 4.11 -1.82 -2.40
CA LEU A 68 4.51 -0.45 -2.78
C LEU A 68 6.04 -0.26 -2.53
N LYS A 69 6.68 0.70 -3.22
CA LYS A 69 8.13 1.03 -3.04
C LYS A 69 8.32 2.55 -3.28
N ILE A 70 8.21 3.34 -2.20
CA ILE A 70 8.09 4.82 -2.26
C ILE A 70 9.53 5.39 -2.43
N LYS A 71 9.88 5.78 -3.67
CA LYS A 71 11.28 5.69 -4.15
C LYS A 71 12.03 7.02 -3.88
N HIS A 72 12.69 7.09 -2.70
CA HIS A 72 13.64 8.15 -2.30
C HIS A 72 13.01 9.57 -2.26
N LEU A 73 12.50 10.04 -1.09
CA LEU A 73 12.41 11.50 -0.75
C LEU A 73 11.75 11.74 0.65
N LYS A 74 11.94 12.99 1.13
CA LYS A 74 11.23 13.71 2.24
C LYS A 74 9.81 13.26 2.74
N THR A 75 9.32 13.91 3.81
CA THR A 75 8.01 13.64 4.46
C THR A 75 6.75 13.69 3.56
N ASP A 76 6.65 14.75 2.75
CA ASP A 76 5.60 14.89 1.71
C ASP A 76 5.61 13.90 0.50
N ASP A 77 6.75 13.23 0.21
CA ASP A 77 6.82 12.05 -0.67
C ASP A 77 6.11 10.75 -0.15
N GLN A 78 6.06 10.53 1.19
CA GLN A 78 5.83 9.17 1.77
C GLN A 78 4.97 9.29 3.06
N ASP A 79 3.74 8.74 2.99
CA ASP A 79 2.61 9.17 3.86
C ASP A 79 1.72 7.96 4.31
N ILE A 80 0.44 8.23 4.66
CA ILE A 80 -0.49 7.27 5.30
C ILE A 80 -1.22 6.44 4.19
N TYR A 81 -1.32 5.11 4.40
CA TYR A 81 -1.87 4.16 3.40
C TYR A 81 -2.84 3.12 4.06
N LYS A 82 -3.47 2.30 3.23
CA LYS A 82 -4.28 1.12 3.66
C LYS A 82 -4.48 0.19 2.44
N VAL A 83 -4.41 -1.13 2.66
CA VAL A 83 -4.50 -2.15 1.58
C VAL A 83 -5.91 -2.83 1.54
N SER A 84 -6.33 -3.21 0.32
CA SER A 84 -7.43 -4.20 0.12
C SER A 84 -6.98 -5.21 -0.99
N ILE A 85 -7.33 -6.48 -0.78
CA ILE A 85 -6.90 -7.62 -1.65
C ILE A 85 -8.22 -8.25 -2.22
N TYR A 86 -8.26 -8.39 -3.55
CA TYR A 86 -9.41 -8.97 -4.29
C TYR A 86 -8.89 -10.07 -5.25
N ASP A 87 -9.62 -11.18 -5.40
CA ASP A 87 -9.23 -12.31 -6.29
C ASP A 87 -9.34 -11.99 -7.82
N THR A 88 -9.10 -13.01 -8.67
CA THR A 88 -9.40 -12.94 -10.14
C THR A 88 -10.87 -12.56 -10.56
N LYS A 89 -11.89 -12.95 -9.78
CA LYS A 89 -13.27 -12.41 -9.89
C LYS A 89 -13.43 -10.93 -9.39
N GLY A 90 -12.75 -10.50 -8.31
CA GLY A 90 -13.08 -9.25 -7.59
C GLY A 90 -13.97 -9.53 -6.36
N LYS A 91 -13.36 -10.11 -5.32
CA LYS A 91 -14.06 -10.46 -4.05
C LYS A 91 -13.10 -10.07 -2.90
N ASN A 92 -13.51 -9.07 -2.09
CA ASN A 92 -12.72 -8.52 -0.95
C ASN A 92 -12.45 -9.61 0.13
N VAL A 93 -11.16 -9.89 0.38
CA VAL A 93 -10.68 -10.89 1.36
C VAL A 93 -9.94 -10.13 2.49
N LEU A 94 -8.63 -9.90 2.31
CA LEU A 94 -7.74 -9.33 3.37
C LEU A 94 -7.68 -7.78 3.22
N GLU A 95 -7.93 -7.07 4.35
CA GLU A 95 -7.80 -5.59 4.41
C GLU A 95 -7.10 -5.16 5.74
N LYS A 96 -6.11 -4.26 5.61
CA LYS A 96 -5.26 -3.78 6.74
C LYS A 96 -4.92 -2.27 6.54
N ILE A 97 -4.45 -1.59 7.61
CA ILE A 97 -4.18 -0.10 7.60
C ILE A 97 -2.68 0.12 7.99
N PHE A 98 -2.09 1.21 7.45
CA PHE A 98 -0.63 1.49 7.47
C PHE A 98 -0.45 3.04 7.61
N ASP A 99 0.67 3.52 8.16
CA ASP A 99 0.86 4.98 8.42
C ASP A 99 2.36 5.30 8.28
N LEU A 100 2.87 5.91 7.18
CA LEU A 100 4.33 6.21 7.12
C LEU A 100 4.64 7.55 7.84
N LYS A 101 5.10 7.41 9.09
CA LYS A 101 5.68 8.51 9.90
C LYS A 101 7.22 8.61 9.67
N ILE A 102 7.77 9.77 10.05
CA ILE A 102 9.19 10.15 9.74
C ILE A 102 9.84 10.58 11.10
N GLN A 103 11.02 10.03 11.37
CA GLN A 103 11.67 10.05 12.71
C GLN A 103 12.08 11.48 13.15
N GLU A 104 11.67 11.85 14.38
CA GLU A 104 11.38 13.24 14.86
C GLU A 104 11.96 14.47 14.08
N ARG A 105 11.28 14.68 12.95
CA ARG A 105 11.51 15.82 12.03
C ARG A 105 10.38 15.81 10.99
N LYS A 1 -13.35 5.60 23.78
CA LYS A 1 -13.59 5.35 22.33
C LYS A 1 -12.56 4.33 21.73
N GLU A 2 -12.96 3.72 20.60
CA GLU A 2 -12.31 2.49 20.07
C GLU A 2 -10.95 2.73 19.33
N ILE A 3 -10.19 1.63 19.18
CA ILE A 3 -8.77 1.63 18.72
C ILE A 3 -8.71 1.13 17.24
N THR A 4 -7.88 1.82 16.43
CA THR A 4 -7.62 1.49 15.00
C THR A 4 -6.86 0.12 14.83
N ASN A 5 -6.85 -0.38 13.59
CA ASN A 5 -6.04 -1.57 13.20
C ASN A 5 -4.83 -1.18 12.28
N ALA A 6 -4.04 -0.23 12.78
CA ALA A 6 -2.96 0.45 12.01
C ALA A 6 -1.54 0.11 12.53
N LEU A 7 -0.56 0.19 11.61
CA LEU A 7 0.87 -0.06 11.92
C LEU A 7 1.63 1.28 11.83
N GLU A 8 2.41 1.50 12.90
CA GLU A 8 3.39 2.62 12.98
C GLU A 8 4.67 2.19 12.22
N THR A 9 4.80 2.80 11.03
CA THR A 9 5.67 2.31 9.94
C THR A 9 6.67 3.46 9.65
N TRP A 10 7.90 3.33 10.17
CA TRP A 10 8.86 4.47 10.28
C TRP A 10 9.95 4.34 9.19
N GLY A 11 9.97 5.32 8.29
CA GLY A 11 11.01 5.47 7.25
C GLY A 11 11.61 6.90 7.29
N ALA A 12 12.87 7.01 6.85
CA ALA A 12 13.65 8.27 6.99
C ALA A 12 13.48 9.22 5.76
N LEU A 13 13.66 10.51 6.05
CA LEU A 13 13.85 11.57 5.03
C LEU A 13 15.25 11.43 4.37
N GLY A 14 15.22 11.28 3.04
CA GLY A 14 16.35 10.74 2.27
C GLY A 14 16.32 9.20 2.05
N GLN A 15 15.16 8.58 1.73
CA GLN A 15 15.06 7.07 1.79
C GLN A 15 13.85 6.46 1.01
N ASP A 16 14.04 5.18 0.59
CA ASP A 16 12.95 4.27 0.11
C ASP A 16 12.43 3.35 1.26
N ILE A 17 11.11 3.06 1.26
CA ILE A 17 10.49 2.00 2.13
C ILE A 17 9.24 1.38 1.39
N ASN A 18 9.01 0.06 1.61
CA ASN A 18 8.02 -0.75 0.83
C ASN A 18 6.66 -0.95 1.59
N LEU A 19 5.60 -1.35 0.85
CA LEU A 19 4.27 -1.73 1.45
C LEU A 19 3.91 -3.17 1.01
N ASP A 20 4.19 -4.09 1.94
CA ASP A 20 3.98 -5.56 1.74
C ASP A 20 3.69 -6.14 3.16
N ILE A 21 2.52 -6.78 3.33
CA ILE A 21 2.14 -7.42 4.63
C ILE A 21 1.79 -8.94 4.43
N PRO A 22 2.39 -9.91 5.20
CA PRO A 22 1.90 -11.32 5.32
C PRO A 22 0.45 -11.52 5.88
N SER A 23 0.10 -12.80 6.10
CA SER A 23 -1.21 -13.27 6.64
C SER A 23 -2.29 -13.42 5.52
N PHE A 24 -2.01 -14.30 4.56
CA PHE A 24 -2.88 -14.54 3.38
C PHE A 24 -2.38 -15.83 2.68
N GLN A 25 -3.27 -16.84 2.56
CA GLN A 25 -2.92 -18.19 2.04
C GLN A 25 -2.91 -18.13 0.48
N MET A 26 -1.68 -18.09 -0.09
CA MET A 26 -1.45 -17.83 -1.53
C MET A 26 -1.34 -19.16 -2.32
N SER A 27 -2.14 -19.28 -3.39
CA SER A 27 -2.08 -20.43 -4.33
C SER A 27 -1.59 -19.87 -5.70
N ASP A 28 -2.50 -19.56 -6.64
CA ASP A 28 -2.18 -18.82 -7.89
C ASP A 28 -3.45 -18.06 -8.41
N ASP A 29 -4.00 -17.14 -7.60
CA ASP A 29 -5.24 -16.39 -7.93
C ASP A 29 -5.34 -15.07 -7.09
N ILE A 30 -4.45 -14.10 -7.33
CA ILE A 30 -4.45 -12.78 -6.63
C ILE A 30 -4.21 -11.73 -7.75
N ASP A 31 -5.31 -11.16 -8.27
CA ASP A 31 -5.28 -10.13 -9.35
C ASP A 31 -5.21 -8.67 -8.81
N ASP A 32 -6.08 -8.31 -7.84
CA ASP A 32 -6.30 -6.91 -7.40
C ASP A 32 -5.42 -6.58 -6.15
N ILE A 33 -4.65 -5.48 -6.28
CA ILE A 33 -3.74 -4.97 -5.21
C ILE A 33 -4.15 -3.49 -5.02
N LYS A 34 -4.72 -3.13 -3.85
CA LYS A 34 -5.29 -1.78 -3.61
C LYS A 34 -4.69 -1.11 -2.36
N TRP A 35 -4.41 0.20 -2.50
CA TRP A 35 -3.68 1.02 -1.51
C TRP A 35 -4.17 2.50 -1.74
N GLU A 36 -4.79 3.09 -0.70
CA GLU A 36 -5.40 4.46 -0.76
C GLU A 36 -5.01 5.31 0.50
N LYS A 37 -5.02 6.66 0.39
CA LYS A 37 -4.52 7.55 1.50
C LYS A 37 -5.67 7.93 2.47
N THR A 38 -5.39 7.98 3.79
CA THR A 38 -6.44 8.38 4.81
C THR A 38 -6.71 9.92 4.94
N SER A 39 -5.85 10.81 4.41
CA SER A 39 -6.05 12.29 4.45
C SER A 39 -7.31 12.78 3.67
N ASP A 40 -7.37 12.56 2.35
CA ASP A 40 -8.57 12.91 1.51
C ASP A 40 -9.34 11.66 0.92
N LYS A 41 -9.16 10.43 1.45
CA LYS A 41 -9.80 9.17 0.93
C LYS A 41 -9.40 8.86 -0.54
N LYS A 42 -8.07 8.72 -0.74
CA LYS A 42 -7.44 8.98 -2.06
C LYS A 42 -7.11 7.67 -2.80
N LYS A 43 -8.04 7.21 -3.65
CA LYS A 43 -7.87 5.97 -4.46
C LYS A 43 -6.99 6.28 -5.69
N ILE A 44 -5.70 5.90 -5.57
CA ILE A 44 -4.63 6.24 -6.53
C ILE A 44 -3.71 5.01 -6.82
N ALA A 45 -3.33 4.19 -5.81
CA ALA A 45 -2.28 3.17 -5.95
C ALA A 45 -2.95 1.79 -6.00
N GLN A 46 -3.38 1.43 -7.21
CA GLN A 46 -4.43 0.41 -7.38
C GLN A 46 -4.18 -0.29 -8.74
N PHE A 47 -4.48 -1.58 -8.66
CA PHE A 47 -4.46 -2.50 -9.81
C PHE A 47 -5.81 -3.22 -9.79
N ARG A 48 -6.59 -3.06 -10.88
CA ARG A 48 -7.68 -4.01 -11.21
C ARG A 48 -8.21 -3.77 -12.69
N LYS A 49 -9.49 -4.10 -12.95
CA LYS A 49 -10.21 -3.88 -14.24
C LYS A 49 -9.73 -4.75 -15.45
N GLU A 50 -9.41 -6.04 -15.19
CA GLU A 50 -8.74 -6.97 -16.18
C GLU A 50 -7.39 -6.54 -16.86
N LYS A 51 -6.86 -5.37 -16.49
CA LYS A 51 -5.92 -4.52 -17.26
C LYS A 51 -6.24 -3.06 -16.88
N GLU A 52 -5.33 -2.51 -16.08
CA GLU A 52 -5.27 -1.07 -15.71
C GLU A 52 -4.14 -0.93 -14.65
N THR A 53 -3.04 -0.25 -15.04
CA THR A 53 -1.94 0.12 -14.10
C THR A 53 -2.20 1.59 -13.66
N PHE A 54 -2.62 1.81 -12.40
CA PHE A 54 -2.82 3.17 -11.86
C PHE A 54 -1.89 3.33 -10.62
N LYS A 55 -0.73 3.99 -10.82
CA LYS A 55 0.27 4.23 -9.75
C LYS A 55 1.16 5.48 -10.03
N GLU A 56 1.77 5.59 -11.24
CA GLU A 56 2.52 6.77 -11.73
C GLU A 56 3.92 6.91 -11.05
N LYS A 57 5.00 6.98 -11.87
CA LYS A 57 6.42 7.17 -11.43
C LYS A 57 7.03 6.09 -10.48
N ASP A 58 8.37 6.03 -10.36
CA ASP A 58 9.06 5.15 -9.35
C ASP A 58 8.88 5.54 -7.87
N THR A 59 8.79 6.85 -7.59
CA THR A 59 8.47 7.39 -6.23
C THR A 59 7.23 6.79 -5.52
N TYR A 60 6.25 6.25 -6.29
CA TYR A 60 5.17 5.42 -5.74
C TYR A 60 4.78 4.35 -6.80
N LYS A 61 5.15 3.09 -6.53
CA LYS A 61 5.33 2.05 -7.58
C LYS A 61 4.83 0.69 -7.03
N LEU A 62 3.56 0.39 -7.32
CA LEU A 62 2.85 -0.83 -6.84
C LEU A 62 3.38 -2.05 -7.68
N PHE A 63 3.69 -3.21 -7.04
CA PHE A 63 4.30 -4.37 -7.74
C PHE A 63 3.31 -5.14 -8.69
N LYS A 64 2.99 -6.40 -8.35
CA LYS A 64 2.13 -7.33 -9.12
C LYS A 64 2.13 -8.63 -8.29
N ASN A 65 1.03 -8.86 -7.56
CA ASN A 65 0.79 -9.96 -6.59
C ASN A 65 0.31 -9.37 -5.23
N GLY A 66 1.07 -8.47 -4.58
CA GLY A 66 0.58 -7.79 -3.35
C GLY A 66 1.65 -6.95 -2.65
N THR A 67 2.25 -5.94 -3.34
CA THR A 67 3.47 -5.26 -2.85
C THR A 67 3.49 -3.79 -3.41
N LEU A 68 4.38 -2.99 -2.81
CA LEU A 68 4.71 -1.62 -3.22
C LEU A 68 6.23 -1.36 -2.99
N LYS A 69 6.77 -0.39 -3.75
CA LYS A 69 8.07 0.26 -3.50
C LYS A 69 7.83 1.79 -3.57
N ILE A 70 7.98 2.49 -2.43
CA ILE A 70 7.80 3.96 -2.36
C ILE A 70 9.24 4.55 -2.44
N LYS A 71 9.74 5.03 -3.61
CA LYS A 71 11.08 5.66 -3.68
C LYS A 71 11.08 7.12 -3.17
N HIS A 72 12.26 7.56 -2.70
CA HIS A 72 12.64 8.98 -2.58
C HIS A 72 12.16 9.66 -1.27
N LEU A 73 13.08 10.54 -0.88
CA LEU A 73 13.13 11.45 0.26
C LEU A 73 11.80 11.80 1.02
N LYS A 74 11.69 13.09 1.17
CA LYS A 74 10.80 13.86 2.07
C LYS A 74 9.39 13.40 2.44
N THR A 75 8.83 14.19 3.40
CA THR A 75 7.57 13.87 4.08
C THR A 75 6.33 13.76 3.13
N ASP A 76 6.18 14.75 2.23
CA ASP A 76 5.23 14.71 1.08
C ASP A 76 5.62 13.78 -0.12
N ASP A 77 6.92 13.38 -0.29
CA ASP A 77 7.30 12.25 -1.17
C ASP A 77 6.81 10.84 -0.70
N GLN A 78 6.53 10.59 0.60
CA GLN A 78 6.18 9.23 1.10
C GLN A 78 5.31 9.29 2.40
N ASP A 79 4.09 8.70 2.37
CA ASP A 79 2.95 9.14 3.25
C ASP A 79 2.06 7.99 3.86
N ILE A 80 0.88 8.35 4.42
CA ILE A 80 -0.08 7.46 5.14
C ILE A 80 -0.97 6.68 4.13
N TYR A 81 -1.31 5.41 4.48
CA TYR A 81 -2.00 4.47 3.55
C TYR A 81 -3.04 3.56 4.28
N LYS A 82 -3.82 2.77 3.50
CA LYS A 82 -4.56 1.59 4.01
C LYS A 82 -4.82 0.60 2.84
N VAL A 83 -4.73 -0.71 3.14
CA VAL A 83 -4.78 -1.80 2.12
C VAL A 83 -6.15 -2.51 2.07
N SER A 84 -6.50 -2.97 0.85
CA SER A 84 -7.39 -4.12 0.63
C SER A 84 -6.76 -4.99 -0.51
N ILE A 85 -6.93 -6.31 -0.40
CA ILE A 85 -6.40 -7.29 -1.39
C ILE A 85 -7.63 -8.15 -1.79
N TYR A 86 -7.93 -8.14 -3.10
CA TYR A 86 -9.05 -8.92 -3.69
C TYR A 86 -8.46 -9.90 -4.74
N ASP A 87 -9.13 -11.06 -4.87
CA ASP A 87 -8.69 -12.15 -5.79
C ASP A 87 -9.03 -11.85 -7.28
N THR A 88 -8.85 -12.84 -8.19
CA THR A 88 -9.40 -12.78 -9.58
C THR A 88 -10.94 -12.53 -9.71
N LYS A 89 -11.75 -13.14 -8.82
CA LYS A 89 -13.21 -12.86 -8.72
C LYS A 89 -13.58 -11.42 -8.21
N GLY A 90 -12.80 -10.80 -7.29
CA GLY A 90 -13.23 -9.57 -6.58
C GLY A 90 -13.93 -9.87 -5.24
N LYS A 91 -13.20 -10.50 -4.31
CA LYS A 91 -13.73 -10.91 -2.98
C LYS A 91 -12.55 -10.83 -1.98
N ASN A 92 -12.77 -10.13 -0.85
CA ASN A 92 -11.67 -9.69 0.05
C ASN A 92 -11.07 -10.85 0.90
N VAL A 93 -9.74 -10.93 0.86
CA VAL A 93 -8.93 -11.82 1.74
C VAL A 93 -8.33 -11.00 2.92
N LEU A 94 -7.39 -10.10 2.60
CA LEU A 94 -6.58 -9.34 3.59
C LEU A 94 -6.85 -7.82 3.44
N GLU A 95 -7.36 -7.18 4.53
CA GLU A 95 -7.44 -5.70 4.63
C GLU A 95 -6.86 -5.21 6.00
N LYS A 96 -6.10 -4.11 5.95
CA LYS A 96 -5.30 -3.56 7.09
C LYS A 96 -5.11 -2.02 6.89
N ILE A 97 -4.50 -1.37 7.89
CA ILE A 97 -4.32 0.12 7.93
C ILE A 97 -2.81 0.41 8.22
N PHE A 98 -2.27 1.50 7.63
CA PHE A 98 -0.81 1.80 7.62
C PHE A 98 -0.55 3.34 7.74
N ASP A 99 0.67 3.74 8.13
CA ASP A 99 1.02 5.18 8.28
C ASP A 99 2.53 5.36 8.00
N LEU A 100 3.01 6.00 6.88
CA LEU A 100 4.47 6.32 6.82
C LEU A 100 4.77 7.64 7.58
N LYS A 101 5.32 7.49 8.81
CA LYS A 101 5.72 8.63 9.66
C LYS A 101 7.27 8.84 9.60
N ILE A 102 7.68 10.13 9.63
CA ILE A 102 9.09 10.54 9.38
C ILE A 102 9.73 10.97 10.72
N GLN A 103 10.94 10.46 11.00
CA GLN A 103 11.72 10.79 12.22
C GLN A 103 12.30 12.23 12.12
N GLU A 104 12.07 13.05 13.16
CA GLU A 104 12.45 14.48 13.18
C GLU A 104 12.49 14.96 14.65
N ARG A 105 13.72 14.91 15.21
CA ARG A 105 14.04 15.27 16.63
C ARG A 105 13.46 14.23 17.62
N LYS A 1 -12.98 2.43 22.83
CA LYS A 1 -12.14 2.53 21.61
C LYS A 1 -12.63 1.50 20.55
N GLU A 2 -12.72 1.96 19.29
CA GLU A 2 -12.90 1.05 18.12
C GLU A 2 -11.56 0.37 17.76
N ILE A 3 -11.56 -0.98 17.71
CA ILE A 3 -10.32 -1.79 17.58
C ILE A 3 -9.62 -1.64 16.19
N THR A 4 -8.29 -1.49 16.26
CA THR A 4 -7.42 -1.12 15.11
C THR A 4 -6.55 -2.34 14.68
N ASN A 5 -6.11 -2.33 13.41
CA ASN A 5 -5.04 -3.26 12.91
C ASN A 5 -3.94 -2.45 12.15
N ALA A 6 -3.35 -1.49 12.86
CA ALA A 6 -2.46 -0.45 12.28
C ALA A 6 -0.99 -0.61 12.74
N LEU A 7 -0.07 -0.25 11.84
CA LEU A 7 1.40 -0.40 12.07
C LEU A 7 2.05 0.99 11.90
N GLU A 8 2.82 1.35 12.93
CA GLU A 8 3.70 2.57 12.91
C GLU A 8 5.01 2.23 12.15
N THR A 9 5.20 2.94 11.03
CA THR A 9 6.09 2.49 9.92
C THR A 9 6.94 3.73 9.52
N TRP A 10 8.22 3.74 9.91
CA TRP A 10 9.03 5.00 10.03
C TRP A 10 10.07 5.19 8.88
N GLY A 11 10.51 6.45 8.71
CA GLY A 11 11.45 6.85 7.64
C GLY A 11 12.30 8.10 7.97
N ALA A 12 13.04 8.57 6.94
CA ALA A 12 14.02 9.70 7.06
C ALA A 12 14.32 10.23 5.64
N LEU A 13 14.17 11.55 5.40
CA LEU A 13 14.02 12.15 4.03
C LEU A 13 15.08 11.66 2.99
N GLY A 14 14.61 11.17 1.83
CA GLY A 14 15.44 10.32 0.94
C GLY A 14 15.31 8.85 1.37
N GLN A 15 14.12 8.27 1.16
CA GLN A 15 13.69 7.04 1.87
C GLN A 15 13.13 6.01 0.85
N ASP A 16 13.76 4.82 0.82
CA ASP A 16 13.36 3.71 -0.10
C ASP A 16 12.78 2.59 0.81
N ILE A 17 11.44 2.33 0.75
CA ILE A 17 10.80 1.25 1.57
C ILE A 17 9.72 0.49 0.72
N ASN A 18 9.44 -0.76 1.13
CA ASN A 18 8.35 -1.58 0.54
C ASN A 18 7.06 -1.50 1.41
N LEU A 19 5.87 -1.44 0.76
CA LEU A 19 4.57 -1.73 1.44
C LEU A 19 4.10 -3.14 1.02
N ASP A 20 4.19 -4.07 1.97
CA ASP A 20 3.80 -5.49 1.80
C ASP A 20 2.58 -5.75 2.76
N ILE A 21 2.18 -7.02 2.87
CA ILE A 21 1.32 -7.49 4.00
C ILE A 21 1.80 -8.95 4.39
N PRO A 22 2.80 -9.15 5.31
CA PRO A 22 3.34 -10.50 5.66
C PRO A 22 2.41 -11.47 6.43
N SER A 23 2.84 -12.75 6.44
CA SER A 23 2.29 -13.84 7.30
C SER A 23 0.83 -14.27 6.99
N PHE A 24 0.57 -14.64 5.72
CA PHE A 24 -0.75 -15.14 5.27
C PHE A 24 -0.55 -16.22 4.17
N GLN A 25 -1.27 -17.36 4.34
CA GLN A 25 -1.22 -18.50 3.39
C GLN A 25 -2.10 -18.24 2.13
N MET A 26 -1.56 -18.60 0.95
CA MET A 26 -2.10 -18.18 -0.36
C MET A 26 -3.26 -19.11 -0.83
N SER A 27 -4.36 -18.48 -1.27
CA SER A 27 -5.41 -19.13 -2.11
C SER A 27 -4.98 -19.45 -3.58
N ASP A 28 -4.10 -18.65 -4.19
CA ASP A 28 -3.56 -18.84 -5.58
C ASP A 28 -4.55 -18.48 -6.75
N ASP A 29 -5.41 -17.46 -6.54
CA ASP A 29 -6.15 -16.75 -7.62
C ASP A 29 -6.20 -15.27 -7.16
N ILE A 30 -5.14 -14.49 -7.46
CA ILE A 30 -4.95 -13.12 -6.90
C ILE A 30 -4.34 -12.20 -8.00
N ASP A 31 -4.94 -11.00 -8.11
CA ASP A 31 -4.60 -10.00 -9.17
C ASP A 31 -4.52 -8.56 -8.61
N ASP A 32 -5.56 -8.07 -7.91
CA ASP A 32 -5.69 -6.62 -7.58
C ASP A 32 -4.97 -6.26 -6.26
N ILE A 33 -4.12 -5.22 -6.33
CA ILE A 33 -3.22 -4.85 -5.20
C ILE A 33 -3.46 -3.34 -4.92
N LYS A 34 -4.25 -3.06 -3.86
CA LYS A 34 -4.81 -1.71 -3.57
C LYS A 34 -4.08 -1.05 -2.39
N TRP A 35 -3.81 0.25 -2.52
CA TRP A 35 -3.23 1.09 -1.43
C TRP A 35 -3.81 2.54 -1.55
N GLU A 36 -4.48 2.92 -0.45
CA GLU A 36 -5.55 3.97 -0.39
C GLU A 36 -5.24 4.84 0.85
N LYS A 37 -5.00 6.15 0.61
CA LYS A 37 -4.61 7.11 1.68
C LYS A 37 -5.84 7.50 2.53
N THR A 38 -5.85 7.14 3.83
CA THR A 38 -7.03 7.39 4.72
C THR A 38 -7.28 8.89 5.07
N SER A 39 -6.21 9.66 5.38
CA SER A 39 -6.31 11.12 5.66
C SER A 39 -6.81 12.02 4.48
N ASP A 40 -6.39 11.76 3.22
CA ASP A 40 -6.85 12.55 2.04
C ASP A 40 -7.47 11.63 0.93
N LYS A 41 -8.54 10.88 1.30
CA LYS A 41 -9.54 10.30 0.36
C LYS A 41 -9.00 9.13 -0.51
N LYS A 42 -9.02 7.93 0.12
CA LYS A 42 -8.76 6.57 -0.44
C LYS A 42 -8.84 6.33 -1.98
N LYS A 43 -7.78 6.77 -2.66
CA LYS A 43 -7.48 6.45 -4.08
C LYS A 43 -6.16 7.20 -4.42
N ILE A 44 -5.01 6.56 -4.12
CA ILE A 44 -3.69 7.01 -4.64
C ILE A 44 -3.32 6.05 -5.79
N ALA A 45 -3.06 4.76 -5.49
CA ALA A 45 -2.71 3.78 -6.54
C ALA A 45 -3.36 2.41 -6.23
N GLN A 46 -3.47 1.58 -7.28
CA GLN A 46 -4.32 0.38 -7.26
C GLN A 46 -4.09 -0.41 -8.58
N PHE A 47 -3.96 -1.72 -8.44
CA PHE A 47 -3.56 -2.62 -9.55
C PHE A 47 -4.66 -3.67 -9.85
N ARG A 48 -4.51 -4.27 -11.05
CA ARG A 48 -5.26 -5.50 -11.46
C ARG A 48 -4.34 -6.26 -12.45
N LYS A 49 -4.24 -5.78 -13.71
CA LYS A 49 -3.38 -6.29 -14.82
C LYS A 49 -4.25 -6.21 -16.10
N GLU A 50 -3.87 -5.33 -17.04
CA GLU A 50 -4.57 -5.15 -18.36
C GLU A 50 -6.03 -4.58 -18.40
N LYS A 51 -6.61 -4.24 -17.23
CA LYS A 51 -7.91 -3.54 -17.10
C LYS A 51 -7.79 -2.69 -15.82
N GLU A 52 -7.92 -1.38 -16.04
CA GLU A 52 -8.14 -0.35 -14.98
C GLU A 52 -7.01 -0.31 -13.89
N THR A 53 -5.93 0.45 -14.13
CA THR A 53 -4.74 0.48 -13.24
C THR A 53 -4.33 1.96 -13.03
N PHE A 54 -4.32 2.40 -11.75
CA PHE A 54 -3.78 3.72 -11.35
C PHE A 54 -2.30 3.56 -10.90
N LYS A 55 -1.39 4.29 -11.58
CA LYS A 55 0.01 4.49 -11.10
C LYS A 55 0.57 5.82 -11.69
N GLU A 56 1.33 6.56 -10.87
CA GLU A 56 1.92 7.88 -11.26
C GLU A 56 3.42 7.71 -11.62
N LYS A 57 4.29 7.43 -10.64
CA LYS A 57 5.78 7.34 -10.81
C LYS A 57 6.34 6.08 -10.10
N ASP A 58 7.67 5.88 -10.24
CA ASP A 58 8.45 4.99 -9.32
C ASP A 58 8.40 5.37 -7.81
N THR A 59 8.43 6.67 -7.52
CA THR A 59 8.11 7.28 -6.19
C THR A 59 6.85 6.74 -5.45
N TYR A 60 5.82 6.23 -6.18
CA TYR A 60 4.74 5.44 -5.58
C TYR A 60 4.21 4.44 -6.65
N LYS A 61 4.67 3.18 -6.56
CA LYS A 61 4.36 2.10 -7.56
C LYS A 61 3.95 0.78 -6.85
N LEU A 62 2.84 0.14 -7.28
CA LEU A 62 2.25 -1.01 -6.53
C LEU A 62 2.55 -2.30 -7.34
N PHE A 63 3.45 -3.19 -6.85
CA PHE A 63 3.84 -4.42 -7.59
C PHE A 63 2.70 -5.48 -7.77
N LYS A 64 2.84 -6.33 -8.80
CA LYS A 64 1.86 -7.40 -9.13
C LYS A 64 1.70 -8.56 -8.11
N ASN A 65 2.80 -9.21 -7.67
CA ASN A 65 2.77 -10.30 -6.68
C ASN A 65 2.00 -10.00 -5.35
N GLY A 66 2.20 -8.77 -4.83
CA GLY A 66 1.43 -8.23 -3.70
C GLY A 66 2.27 -7.30 -2.84
N THR A 67 2.71 -6.17 -3.43
CA THR A 67 3.84 -5.37 -2.89
C THR A 67 3.67 -3.88 -3.37
N LEU A 68 4.58 -3.03 -2.88
CA LEU A 68 4.72 -1.61 -3.25
C LEU A 68 6.22 -1.19 -3.14
N LYS A 69 6.63 -0.14 -3.88
CA LYS A 69 7.93 0.56 -3.66
C LYS A 69 7.70 2.10 -3.62
N ILE A 70 8.05 2.72 -2.47
CA ILE A 70 8.07 4.20 -2.28
C ILE A 70 9.56 4.60 -2.52
N LYS A 71 9.91 5.12 -3.71
CA LYS A 71 11.34 5.17 -4.13
C LYS A 71 12.03 6.52 -3.74
N HIS A 72 12.94 6.43 -2.75
CA HIS A 72 13.99 7.45 -2.43
C HIS A 72 13.57 8.93 -2.16
N LEU A 73 12.51 9.23 -1.34
CA LEU A 73 12.07 10.64 -1.12
C LEU A 73 11.44 10.96 0.28
N LYS A 74 11.48 12.29 0.49
CA LYS A 74 10.92 13.12 1.60
C LYS A 74 9.46 12.89 2.10
N THR A 75 9.00 13.88 2.91
CA THR A 75 7.78 13.83 3.73
C THR A 75 6.42 13.88 2.98
N ASP A 76 6.29 14.79 2.02
CA ASP A 76 5.14 14.81 1.06
C ASP A 76 5.01 13.58 0.11
N ASP A 77 6.12 12.86 -0.16
CA ASP A 77 6.11 11.55 -0.88
C ASP A 77 5.59 10.31 -0.06
N GLN A 78 5.29 10.42 1.26
CA GLN A 78 4.74 9.29 2.07
C GLN A 78 3.71 9.76 3.15
N ASP A 79 2.76 8.87 3.49
CA ASP A 79 1.55 9.26 4.29
C ASP A 79 0.85 8.02 4.96
N ILE A 80 -0.29 8.25 5.65
CA ILE A 80 -1.18 7.17 6.18
C ILE A 80 -1.80 6.36 5.02
N TYR A 81 -1.64 5.01 5.05
CA TYR A 81 -2.22 4.08 4.04
C TYR A 81 -3.17 3.03 4.69
N LYS A 82 -3.92 2.34 3.81
CA LYS A 82 -4.71 1.14 4.19
C LYS A 82 -4.81 0.24 2.91
N VAL A 83 -4.41 -1.03 3.07
CA VAL A 83 -4.44 -2.03 1.97
C VAL A 83 -5.84 -2.68 1.82
N SER A 84 -6.19 -2.98 0.56
CA SER A 84 -7.19 -4.01 0.21
C SER A 84 -6.56 -4.98 -0.84
N ILE A 85 -7.01 -6.25 -0.83
CA ILE A 85 -6.61 -7.27 -1.83
C ILE A 85 -7.94 -7.79 -2.44
N TYR A 86 -8.06 -7.72 -3.77
CA TYR A 86 -9.21 -8.32 -4.53
C TYR A 86 -8.64 -9.41 -5.48
N ASP A 87 -9.41 -10.48 -5.71
CA ASP A 87 -9.01 -11.60 -6.62
C ASP A 87 -9.01 -11.22 -8.15
N THR A 88 -8.69 -12.20 -9.02
CA THR A 88 -8.98 -12.13 -10.49
C THR A 88 -10.44 -11.76 -10.91
N LYS A 89 -11.44 -12.28 -10.18
CA LYS A 89 -12.85 -11.80 -10.27
C LYS A 89 -13.09 -10.34 -9.75
N GLY A 90 -12.40 -9.88 -8.67
CA GLY A 90 -12.67 -8.56 -8.04
C GLY A 90 -13.46 -8.54 -6.71
N LYS A 91 -13.63 -9.69 -6.02
CA LYS A 91 -14.28 -9.77 -4.68
C LYS A 91 -13.20 -9.57 -3.57
N ASN A 92 -13.50 -8.69 -2.60
CA ASN A 92 -12.55 -8.33 -1.51
C ASN A 92 -12.20 -9.53 -0.55
N VAL A 93 -10.92 -9.53 -0.16
CA VAL A 93 -10.23 -10.69 0.48
C VAL A 93 -9.76 -10.26 1.90
N LEU A 94 -8.71 -9.44 1.92
CA LEU A 94 -7.96 -9.05 3.14
C LEU A 94 -7.78 -7.50 3.16
N GLU A 95 -8.13 -6.88 4.30
CA GLU A 95 -7.91 -5.42 4.53
C GLU A 95 -7.11 -5.20 5.84
N LYS A 96 -6.19 -4.21 5.86
CA LYS A 96 -5.33 -3.91 7.04
C LYS A 96 -4.78 -2.45 6.96
N ILE A 97 -4.54 -1.83 8.13
CA ILE A 97 -4.25 -0.37 8.28
C ILE A 97 -2.70 -0.17 8.46
N PHE A 98 -2.18 0.96 7.95
CA PHE A 98 -0.72 1.25 7.82
C PHE A 98 -0.47 2.78 7.97
N ASP A 99 0.79 3.22 8.25
CA ASP A 99 1.09 4.65 8.57
C ASP A 99 2.53 5.03 8.13
N LEU A 100 2.80 5.65 6.95
CA LEU A 100 4.17 6.15 6.66
C LEU A 100 4.39 7.57 7.24
N LYS A 101 5.22 7.61 8.30
CA LYS A 101 5.60 8.85 9.03
C LYS A 101 7.14 9.03 8.98
N ILE A 102 7.60 10.29 8.93
CA ILE A 102 9.05 10.64 8.83
C ILE A 102 9.53 11.13 10.24
N GLN A 103 10.72 10.66 10.64
CA GLN A 103 11.24 10.81 12.03
C GLN A 103 11.64 12.27 12.39
N GLU A 104 11.34 12.65 13.64
CA GLU A 104 11.64 13.99 14.19
C GLU A 104 11.63 13.83 15.74
N ARG A 105 12.84 13.67 16.32
CA ARG A 105 13.07 13.41 17.77
C ARG A 105 12.48 12.07 18.27
N LYS A 1 -11.75 4.52 24.89
CA LYS A 1 -11.40 3.14 24.49
C LYS A 1 -11.38 3.09 22.94
N GLU A 2 -10.17 2.90 22.37
CA GLU A 2 -9.99 2.68 20.91
C GLU A 2 -9.01 1.49 20.71
N ILE A 3 -9.41 0.52 19.87
CA ILE A 3 -8.55 -0.65 19.51
C ILE A 3 -8.50 -0.63 17.96
N THR A 4 -7.31 -0.31 17.46
CA THR A 4 -7.01 -0.16 16.02
C THR A 4 -6.61 -1.54 15.40
N ASN A 5 -6.59 -1.57 14.06
CA ASN A 5 -6.00 -2.71 13.29
C ASN A 5 -5.05 -2.13 12.19
N ALA A 6 -3.99 -1.48 12.67
CA ALA A 6 -3.06 -0.66 11.85
C ALA A 6 -1.60 -0.76 12.39
N LEU A 7 -0.64 -0.52 11.48
CA LEU A 7 0.81 -0.58 11.79
C LEU A 7 1.39 0.85 11.63
N GLU A 8 2.09 1.26 12.68
CA GLU A 8 2.96 2.47 12.65
C GLU A 8 4.33 2.08 12.05
N THR A 9 4.60 2.67 10.88
CA THR A 9 5.58 2.10 9.90
C THR A 9 6.59 3.24 9.61
N TRP A 10 7.79 3.14 10.21
CA TRP A 10 8.71 4.30 10.38
C TRP A 10 9.88 4.27 9.37
N GLY A 11 10.15 5.45 8.77
CA GLY A 11 11.34 5.65 7.91
C GLY A 11 12.16 6.89 8.35
N ALA A 12 12.81 7.53 7.35
CA ALA A 12 13.68 8.71 7.57
C ALA A 12 13.67 9.65 6.32
N LEU A 13 14.23 10.87 6.47
CA LEU A 13 14.46 11.80 5.33
C LEU A 13 15.75 11.35 4.59
N GLY A 14 15.64 11.10 3.28
CA GLY A 14 16.71 10.41 2.51
C GLY A 14 16.62 8.88 2.57
N GLN A 15 15.46 8.29 2.19
CA GLN A 15 15.20 6.85 2.46
C GLN A 15 14.08 6.29 1.54
N ASP A 16 14.40 5.13 0.93
CA ASP A 16 13.48 4.41 -0.01
C ASP A 16 12.81 3.24 0.78
N ILE A 17 11.47 3.26 0.79
CA ILE A 17 10.63 2.40 1.70
C ILE A 17 9.72 1.45 0.85
N ASN A 18 9.18 0.38 1.49
CA ASN A 18 8.26 -0.60 0.83
C ASN A 18 6.89 -0.71 1.60
N LEU A 19 5.78 -0.94 0.85
CA LEU A 19 4.45 -1.30 1.44
C LEU A 19 4.13 -2.75 1.05
N ASP A 20 4.45 -3.65 1.99
CA ASP A 20 4.17 -5.10 1.89
C ASP A 20 2.86 -5.42 2.68
N ILE A 21 2.48 -6.70 2.55
CA ILE A 21 1.22 -7.25 3.15
C ILE A 21 1.70 -8.44 4.05
N PRO A 22 1.93 -8.29 5.39
CA PRO A 22 2.53 -9.37 6.23
C PRO A 22 1.49 -10.36 6.82
N SER A 23 2.02 -11.53 7.24
CA SER A 23 1.26 -12.58 7.99
C SER A 23 -0.04 -13.13 7.31
N PHE A 24 0.00 -13.34 5.98
CA PHE A 24 -1.16 -13.85 5.20
C PHE A 24 -0.59 -14.47 3.89
N GLN A 25 -0.70 -15.81 3.78
CA GLN A 25 -0.05 -16.59 2.69
C GLN A 25 -1.13 -17.29 1.82
N MET A 26 -1.29 -16.81 0.57
CA MET A 26 -2.20 -17.42 -0.43
C MET A 26 -1.39 -18.22 -1.50
N SER A 27 -1.98 -19.31 -2.00
CA SER A 27 -1.30 -20.26 -2.92
C SER A 27 -0.93 -19.68 -4.32
N ASP A 28 -1.92 -19.29 -5.15
CA ASP A 28 -1.69 -18.83 -6.55
C ASP A 28 -2.67 -17.70 -6.97
N ASP A 29 -3.98 -17.82 -6.71
CA ASP A 29 -5.03 -16.98 -7.36
C ASP A 29 -5.36 -15.59 -6.71
N ILE A 30 -4.33 -14.83 -6.24
CA ILE A 30 -4.47 -13.40 -5.86
C ILE A 30 -3.77 -12.54 -6.95
N ASP A 31 -4.59 -11.85 -7.76
CA ASP A 31 -4.12 -10.90 -8.81
C ASP A 31 -4.16 -9.42 -8.34
N ASP A 32 -5.31 -8.98 -7.79
CA ASP A 32 -5.67 -7.54 -7.67
C ASP A 32 -5.21 -6.99 -6.30
N ILE A 33 -4.49 -5.84 -6.33
CA ILE A 33 -3.80 -5.28 -5.12
C ILE A 33 -3.95 -3.74 -5.21
N LYS A 34 -4.56 -3.13 -4.17
CA LYS A 34 -4.83 -1.67 -4.12
C LYS A 34 -4.23 -1.04 -2.85
N TRP A 35 -3.59 0.13 -3.05
CA TRP A 35 -3.13 1.01 -1.94
C TRP A 35 -3.70 2.44 -2.17
N GLU A 36 -4.30 2.92 -1.07
CA GLU A 36 -5.36 3.95 -1.06
C GLU A 36 -5.08 4.85 0.18
N LYS A 37 -4.73 6.11 -0.12
CA LYS A 37 -4.23 7.10 0.87
C LYS A 37 -5.38 7.65 1.74
N THR A 38 -5.36 7.41 3.06
CA THR A 38 -6.42 7.92 3.98
C THR A 38 -6.41 9.47 4.21
N SER A 39 -5.22 10.13 4.17
CA SER A 39 -5.10 11.61 4.31
C SER A 39 -5.80 12.45 3.20
N ASP A 40 -5.62 12.15 1.90
CA ASP A 40 -6.26 12.92 0.79
C ASP A 40 -6.94 11.98 -0.25
N LYS A 41 -7.95 11.21 0.20
CA LYS A 41 -9.00 10.59 -0.65
C LYS A 41 -8.49 9.33 -1.41
N LYS A 42 -8.56 8.18 -0.69
CA LYS A 42 -8.28 6.79 -1.14
C LYS A 42 -8.28 6.43 -2.65
N LYS A 43 -7.15 6.81 -3.26
CA LYS A 43 -6.78 6.52 -4.66
C LYS A 43 -5.41 7.20 -4.82
N ILE A 44 -4.31 6.47 -4.53
CA ILE A 44 -2.98 6.78 -5.12
C ILE A 44 -2.80 5.82 -6.35
N ALA A 45 -2.77 4.47 -6.16
CA ALA A 45 -2.66 3.55 -7.32
C ALA A 45 -3.33 2.20 -6.97
N GLN A 46 -3.63 1.40 -8.00
CA GLN A 46 -4.29 0.08 -7.82
C GLN A 46 -4.09 -0.83 -9.06
N PHE A 47 -4.39 -2.12 -8.83
CA PHE A 47 -4.67 -3.10 -9.89
C PHE A 47 -6.02 -3.73 -9.58
N ARG A 48 -6.94 -3.72 -10.56
CA ARG A 48 -8.14 -4.57 -10.49
C ARG A 48 -8.76 -4.85 -11.89
N LYS A 49 -9.30 -6.08 -12.05
CA LYS A 49 -10.36 -6.49 -13.02
C LYS A 49 -10.93 -5.47 -14.05
N GLU A 50 -10.86 -5.88 -15.32
CA GLU A 50 -11.53 -5.23 -16.49
C GLU A 50 -10.86 -3.87 -16.83
N LYS A 51 -9.69 -3.95 -17.49
CA LYS A 51 -8.75 -2.81 -17.77
C LYS A 51 -8.86 -1.51 -16.93
N GLU A 52 -8.23 -1.64 -15.77
CA GLU A 52 -8.11 -0.57 -14.74
C GLU A 52 -6.71 -0.77 -14.11
N THR A 53 -5.78 0.13 -14.45
CA THR A 53 -4.38 0.07 -13.94
C THR A 53 -3.94 1.55 -13.73
N PHE A 54 -3.86 1.94 -12.45
CA PHE A 54 -3.26 3.25 -12.03
C PHE A 54 -1.92 2.92 -11.32
N LYS A 55 -0.82 3.61 -11.70
CA LYS A 55 0.53 3.34 -11.13
C LYS A 55 1.43 4.61 -11.24
N GLU A 56 1.82 5.02 -12.47
CA GLU A 56 2.55 6.29 -12.76
C GLU A 56 4.11 6.14 -12.58
N LYS A 57 4.71 6.67 -11.51
CA LYS A 57 6.18 6.88 -11.40
C LYS A 57 6.86 5.83 -10.47
N ASP A 58 8.20 5.71 -10.52
CA ASP A 58 9.00 4.95 -9.50
C ASP A 58 9.00 5.49 -8.04
N THR A 59 8.97 6.83 -7.90
CA THR A 59 8.77 7.50 -6.59
C THR A 59 7.45 7.15 -5.84
N TYR A 60 6.38 6.74 -6.55
CA TYR A 60 5.24 6.04 -5.92
C TYR A 60 4.75 4.96 -6.91
N LYS A 61 5.26 3.74 -6.71
CA LYS A 61 5.01 2.58 -7.59
C LYS A 61 4.37 1.43 -6.78
N LEU A 62 3.48 0.68 -7.44
CA LEU A 62 2.71 -0.42 -6.81
C LEU A 62 2.87 -1.69 -7.72
N PHE A 63 3.26 -2.83 -7.12
CA PHE A 63 3.40 -4.15 -7.82
C PHE A 63 2.11 -5.03 -7.78
N LYS A 64 2.03 -6.03 -8.69
CA LYS A 64 0.87 -6.97 -8.78
C LYS A 64 0.77 -8.10 -7.72
N ASN A 65 1.88 -8.77 -7.34
CA ASN A 65 1.87 -9.85 -6.33
C ASN A 65 1.32 -9.45 -4.93
N GLY A 66 1.74 -8.26 -4.46
CA GLY A 66 1.31 -7.72 -3.15
C GLY A 66 2.33 -6.72 -2.56
N THR A 67 2.71 -5.66 -3.30
CA THR A 67 3.87 -4.82 -2.92
C THR A 67 3.63 -3.38 -3.47
N LEU A 68 4.35 -2.44 -2.84
CA LEU A 68 4.53 -1.06 -3.31
C LEU A 68 5.99 -0.64 -3.01
N LYS A 69 6.70 -0.01 -3.98
CA LYS A 69 8.05 0.58 -3.75
C LYS A 69 7.95 2.14 -3.83
N ILE A 70 8.21 2.80 -2.67
CA ILE A 70 8.35 4.28 -2.57
C ILE A 70 9.88 4.55 -2.80
N LYS A 71 10.28 5.14 -3.94
CA LYS A 71 11.68 5.66 -4.07
C LYS A 71 11.66 7.19 -3.79
N HIS A 72 11.81 7.60 -2.51
CA HIS A 72 12.09 9.00 -2.12
C HIS A 72 12.00 9.16 -0.57
N LEU A 73 13.00 9.92 -0.09
CA LEU A 73 13.02 10.79 1.11
C LEU A 73 11.71 11.30 1.80
N LYS A 74 11.74 12.59 2.05
CA LYS A 74 11.16 13.27 3.23
C LYS A 74 9.63 13.19 3.48
N THR A 75 9.14 14.05 4.39
CA THR A 75 7.77 14.06 4.95
C THR A 75 6.61 13.98 3.92
N ASP A 76 6.70 14.97 3.01
CA ASP A 76 5.79 15.08 1.83
C ASP A 76 5.92 13.99 0.73
N ASP A 77 7.09 13.33 0.62
CA ASP A 77 7.27 12.12 -0.21
C ASP A 77 6.64 10.80 0.36
N GLN A 78 6.25 10.69 1.67
CA GLN A 78 5.73 9.40 2.23
C GLN A 78 4.61 9.62 3.28
N ASP A 79 3.49 8.87 3.13
CA ASP A 79 2.16 9.26 3.71
C ASP A 79 1.38 8.06 4.37
N ILE A 80 0.15 8.32 4.88
CA ILE A 80 -0.75 7.28 5.48
C ILE A 80 -1.45 6.42 4.37
N TYR A 81 -1.60 5.09 4.60
CA TYR A 81 -2.20 4.14 3.61
C TYR A 81 -3.15 3.09 4.27
N LYS A 82 -3.96 2.41 3.44
CA LYS A 82 -4.47 1.04 3.76
C LYS A 82 -4.47 0.16 2.46
N VAL A 83 -4.60 -1.16 2.63
CA VAL A 83 -4.61 -2.16 1.52
C VAL A 83 -5.96 -2.93 1.49
N SER A 84 -6.40 -3.27 0.26
CA SER A 84 -7.44 -4.31 0.03
C SER A 84 -6.93 -5.32 -1.04
N ILE A 85 -7.32 -6.60 -0.86
CA ILE A 85 -6.90 -7.73 -1.74
C ILE A 85 -8.19 -8.28 -2.42
N TYR A 86 -8.10 -8.56 -3.73
CA TYR A 86 -9.18 -9.24 -4.51
C TYR A 86 -8.52 -10.36 -5.38
N ASP A 87 -9.23 -11.49 -5.55
CA ASP A 87 -8.75 -12.62 -6.40
C ASP A 87 -8.89 -12.33 -7.93
N THR A 88 -8.51 -13.33 -8.77
CA THR A 88 -8.87 -13.37 -10.22
C THR A 88 -10.39 -13.20 -10.59
N LYS A 89 -11.31 -13.74 -9.77
CA LYS A 89 -12.76 -13.36 -9.79
C LYS A 89 -13.05 -11.85 -9.51
N GLY A 90 -12.40 -11.24 -8.48
CA GLY A 90 -12.75 -9.90 -7.98
C GLY A 90 -13.68 -9.82 -6.74
N LYS A 91 -13.62 -10.82 -5.83
CA LYS A 91 -14.36 -10.81 -4.54
C LYS A 91 -13.39 -10.34 -3.42
N ASN A 92 -13.89 -9.50 -2.50
CA ASN A 92 -13.07 -8.89 -1.40
C ASN A 92 -12.56 -9.95 -0.36
N VAL A 93 -11.24 -9.91 -0.10
CA VAL A 93 -10.50 -10.98 0.63
C VAL A 93 -10.11 -10.42 2.03
N LEU A 94 -9.00 -9.67 2.06
CA LEU A 94 -8.27 -9.29 3.29
C LEU A 94 -7.99 -7.76 3.23
N GLU A 95 -8.19 -7.08 4.37
CA GLU A 95 -7.95 -5.63 4.50
C GLU A 95 -7.01 -5.39 5.73
N LYS A 96 -5.99 -4.54 5.52
CA LYS A 96 -5.02 -4.13 6.58
C LYS A 96 -4.71 -2.61 6.44
N ILE A 97 -4.42 -1.93 7.57
CA ILE A 97 -4.23 -0.45 7.64
C ILE A 97 -2.72 -0.18 7.99
N PHE A 98 -2.18 0.92 7.46
CA PHE A 98 -0.72 1.24 7.47
C PHE A 98 -0.51 2.78 7.62
N ASP A 99 0.73 3.22 7.95
CA ASP A 99 1.00 4.65 8.23
C ASP A 99 2.47 4.96 7.84
N LEU A 100 2.82 5.54 6.66
CA LEU A 100 4.23 5.99 6.45
C LEU A 100 4.47 7.39 7.07
N LYS A 101 5.10 7.36 8.25
CA LYS A 101 5.54 8.58 8.99
C LYS A 101 7.09 8.51 9.18
N ILE A 102 7.70 9.70 9.24
CA ILE A 102 9.16 9.86 9.46
C ILE A 102 9.46 10.31 10.92
N GLN A 103 10.63 9.91 11.43
CA GLN A 103 11.09 10.22 12.81
C GLN A 103 11.78 11.63 12.85
N GLU A 104 11.43 12.43 13.87
CA GLU A 104 12.04 13.76 14.12
C GLU A 104 12.53 13.82 15.60
N ARG A 105 13.71 13.22 15.80
CA ARG A 105 14.33 13.02 17.14
C ARG A 105 15.75 13.60 17.09
N LYS A 1 -13.67 4.61 24.02
CA LYS A 1 -12.23 4.58 23.68
C LYS A 1 -12.01 3.72 22.40
N GLU A 2 -11.43 4.34 21.36
CA GLU A 2 -11.30 3.71 20.01
C GLU A 2 -9.81 3.67 19.56
N ILE A 3 -9.37 2.45 19.20
CA ILE A 3 -7.98 2.18 18.73
C ILE A 3 -8.06 1.25 17.48
N THR A 4 -7.24 1.58 16.47
CA THR A 4 -7.31 0.98 15.11
C THR A 4 -6.64 -0.44 15.04
N ASN A 5 -6.81 -1.09 13.87
CA ASN A 5 -5.96 -2.23 13.45
C ASN A 5 -4.97 -1.77 12.35
N ALA A 6 -4.12 -0.82 12.78
CA ALA A 6 -3.19 -0.08 11.90
C ALA A 6 -1.72 -0.19 12.38
N LEU A 7 -0.83 0.15 11.43
CA LEU A 7 0.61 -0.17 11.51
C LEU A 7 1.37 1.16 11.30
N GLU A 8 2.07 1.61 12.35
CA GLU A 8 2.96 2.79 12.26
C GLU A 8 4.29 2.33 11.60
N THR A 9 4.41 2.78 10.35
CA THR A 9 5.33 2.22 9.34
C THR A 9 6.49 3.25 9.22
N TRP A 10 7.61 2.96 9.90
CA TRP A 10 8.63 3.99 10.24
C TRP A 10 9.76 3.99 9.17
N GLY A 11 10.15 5.20 8.74
CA GLY A 11 11.13 5.39 7.66
C GLY A 11 11.63 6.84 7.60
N ALA A 12 12.97 7.01 7.59
CA ALA A 12 13.62 8.33 7.44
C ALA A 12 13.47 8.93 6.00
N LEU A 13 13.31 10.27 5.91
CA LEU A 13 13.07 10.97 4.62
C LEU A 13 14.37 11.03 3.75
N GLY A 14 14.22 10.87 2.43
CA GLY A 14 15.36 10.64 1.51
C GLY A 14 15.82 9.16 1.50
N GLN A 15 14.90 8.23 1.16
CA GLN A 15 15.11 6.77 1.46
C GLN A 15 13.98 5.85 0.88
N ASP A 16 14.38 4.64 0.47
CA ASP A 16 13.47 3.59 -0.08
C ASP A 16 12.69 2.88 1.05
N ILE A 17 11.36 2.71 0.94
CA ILE A 17 10.56 2.05 2.03
C ILE A 17 9.35 1.20 1.47
N ASN A 18 9.33 -0.09 1.84
CA ASN A 18 8.44 -1.13 1.24
C ASN A 18 7.07 -1.34 1.97
N LEU A 19 6.00 -1.67 1.18
CA LEU A 19 4.73 -2.25 1.69
C LEU A 19 4.49 -3.66 1.08
N ASP A 20 5.21 -4.69 1.57
CA ASP A 20 4.94 -6.11 1.24
C ASP A 20 3.96 -6.65 2.32
N ILE A 21 2.76 -7.07 1.88
CA ILE A 21 1.59 -7.33 2.78
C ILE A 21 1.84 -8.50 3.82
N PRO A 22 1.72 -8.31 5.16
CA PRO A 22 2.02 -9.38 6.16
C PRO A 22 0.79 -10.22 6.60
N SER A 23 1.10 -11.39 7.23
CA SER A 23 0.12 -12.28 7.92
C SER A 23 -1.05 -12.83 7.05
N PHE A 24 -0.69 -13.40 5.89
CA PHE A 24 -1.65 -14.03 4.95
C PHE A 24 -0.83 -14.93 3.97
N GLN A 25 -1.17 -16.23 3.93
CA GLN A 25 -0.54 -17.19 2.98
C GLN A 25 -1.13 -17.06 1.55
N MET A 26 -0.26 -16.76 0.57
CA MET A 26 -0.67 -16.66 -0.86
C MET A 26 -0.63 -18.08 -1.51
N SER A 27 -1.74 -18.43 -2.17
CA SER A 27 -1.85 -19.71 -2.94
C SER A 27 -2.07 -19.34 -4.43
N ASP A 28 -3.27 -19.51 -5.01
CA ASP A 28 -3.57 -19.05 -6.40
C ASP A 28 -5.09 -18.74 -6.64
N ASP A 29 -5.72 -17.93 -5.77
CA ASP A 29 -6.99 -17.21 -6.10
C ASP A 29 -7.04 -15.83 -5.37
N ILE A 30 -6.06 -14.96 -5.66
CA ILE A 30 -5.98 -13.57 -5.13
C ILE A 30 -5.10 -12.81 -6.16
N ASP A 31 -5.76 -12.05 -7.07
CA ASP A 31 -5.06 -11.30 -8.15
C ASP A 31 -4.74 -9.84 -7.73
N ASP A 32 -5.77 -9.05 -7.35
CA ASP A 32 -5.74 -7.57 -7.43
C ASP A 32 -5.20 -6.92 -6.12
N ILE A 33 -4.51 -5.78 -6.28
CA ILE A 33 -3.61 -5.21 -5.20
C ILE A 33 -3.95 -3.70 -5.12
N LYS A 34 -4.33 -3.17 -3.93
CA LYS A 34 -4.84 -1.76 -3.83
C LYS A 34 -4.23 -1.04 -2.60
N TRP A 35 -3.79 0.21 -2.81
CA TRP A 35 -3.19 1.06 -1.75
C TRP A 35 -3.79 2.49 -1.88
N GLU A 36 -4.50 2.90 -0.81
CA GLU A 36 -5.44 4.07 -0.80
C GLU A 36 -5.25 4.92 0.51
N LYS A 37 -5.78 6.16 0.61
CA LYS A 37 -5.62 7.01 1.85
C LYS A 37 -6.63 6.60 2.97
N THR A 38 -6.24 6.79 4.26
CA THR A 38 -7.20 6.61 5.41
C THR A 38 -8.25 7.75 5.51
N SER A 39 -7.87 8.97 5.97
CA SER A 39 -8.82 10.05 6.33
C SER A 39 -9.62 10.68 5.15
N ASP A 40 -8.95 10.99 4.03
CA ASP A 40 -9.64 11.37 2.75
C ASP A 40 -10.48 10.23 2.09
N LYS A 41 -9.99 8.96 2.12
CA LYS A 41 -10.49 7.87 1.22
C LYS A 41 -10.16 8.21 -0.26
N LYS A 42 -8.86 8.13 -0.61
CA LYS A 42 -8.34 8.62 -1.91
C LYS A 42 -7.32 7.59 -2.40
N LYS A 43 -7.68 6.82 -3.44
CA LYS A 43 -6.79 5.87 -4.13
C LYS A 43 -5.51 6.54 -4.69
N ILE A 44 -4.37 6.33 -3.98
CA ILE A 44 -3.04 6.80 -4.45
C ILE A 44 -2.65 6.00 -5.73
N ALA A 45 -2.57 4.65 -5.70
CA ALA A 45 -2.70 3.84 -6.96
C ALA A 45 -3.09 2.36 -6.66
N GLN A 46 -3.33 1.56 -7.73
CA GLN A 46 -4.00 0.25 -7.63
C GLN A 46 -3.84 -0.56 -8.96
N PHE A 47 -3.62 -1.87 -8.80
CA PHE A 47 -3.86 -2.88 -9.86
C PHE A 47 -5.30 -3.42 -9.76
N ARG A 48 -5.96 -3.49 -10.95
CA ARG A 48 -7.21 -4.27 -11.12
C ARG A 48 -7.32 -5.21 -12.36
N LYS A 49 -6.26 -5.45 -13.18
CA LYS A 49 -6.20 -6.57 -14.16
C LYS A 49 -7.07 -6.33 -15.44
N GLU A 50 -6.59 -6.87 -16.58
CA GLU A 50 -7.30 -6.86 -17.90
C GLU A 50 -7.35 -5.46 -18.59
N LYS A 51 -6.18 -4.80 -18.75
CA LYS A 51 -6.10 -3.41 -19.27
C LYS A 51 -6.59 -2.39 -18.20
N GLU A 52 -5.87 -1.28 -18.27
CA GLU A 52 -5.93 -0.12 -17.33
C GLU A 52 -5.46 -0.43 -15.88
N THR A 53 -4.13 -0.58 -15.70
CA THR A 53 -3.46 -0.44 -14.38
C THR A 53 -3.36 1.08 -14.07
N PHE A 54 -3.84 1.48 -12.88
CA PHE A 54 -3.76 2.89 -12.42
C PHE A 54 -2.47 3.07 -11.59
N LYS A 55 -1.52 3.88 -12.09
CA LYS A 55 -0.28 4.25 -11.34
C LYS A 55 0.37 5.52 -11.96
N GLU A 56 0.46 6.60 -11.14
CA GLU A 56 0.96 7.94 -11.61
C GLU A 56 2.50 8.17 -11.41
N LYS A 57 2.98 9.37 -11.78
CA LYS A 57 4.43 9.74 -11.70
C LYS A 57 4.89 9.98 -10.23
N ASP A 58 5.78 9.11 -9.74
CA ASP A 58 6.40 9.21 -8.39
C ASP A 58 7.95 9.02 -8.59
N THR A 59 8.22 7.80 -8.24
CA THR A 59 9.40 7.26 -7.52
C THR A 59 8.93 5.78 -7.36
N TYR A 60 7.73 5.61 -6.69
CA TYR A 60 7.09 4.33 -6.30
C TYR A 60 7.31 3.09 -7.21
N LYS A 61 7.33 1.91 -6.57
CA LYS A 61 7.07 0.62 -7.24
C LYS A 61 5.81 0.01 -6.58
N LEU A 62 4.62 0.48 -7.03
CA LEU A 62 3.32 -0.21 -6.77
C LEU A 62 3.29 -1.47 -7.70
N PHE A 63 3.45 -2.67 -7.10
CA PHE A 63 3.99 -3.88 -7.78
C PHE A 63 2.96 -5.04 -7.87
N LYS A 64 3.26 -6.03 -8.74
CA LYS A 64 2.36 -7.17 -9.02
C LYS A 64 2.28 -8.26 -7.91
N ASN A 65 3.41 -8.80 -7.42
CA ASN A 65 3.45 -9.79 -6.31
C ASN A 65 2.62 -9.40 -5.04
N GLY A 66 2.72 -8.13 -4.64
CA GLY A 66 1.87 -7.53 -3.60
C GLY A 66 2.65 -6.50 -2.78
N THR A 67 3.12 -5.41 -3.42
CA THR A 67 4.22 -4.57 -2.86
C THR A 67 3.94 -3.04 -3.11
N LEU A 68 4.47 -2.18 -2.23
CA LEU A 68 4.65 -0.73 -2.53
C LEU A 68 6.00 -0.22 -1.96
N LYS A 69 7.09 -0.29 -2.77
CA LYS A 69 8.33 0.48 -2.51
C LYS A 69 8.11 1.99 -2.85
N ILE A 70 8.64 2.90 -2.02
CA ILE A 70 8.50 4.37 -2.22
C ILE A 70 9.95 4.84 -2.48
N LYS A 71 10.32 5.14 -3.76
CA LYS A 71 11.74 4.95 -4.19
C LYS A 71 12.64 6.20 -3.93
N HIS A 72 13.32 6.21 -2.78
CA HIS A 72 14.36 7.20 -2.40
C HIS A 72 13.92 8.69 -2.44
N LEU A 73 13.06 9.14 -1.48
CA LEU A 73 12.73 10.60 -1.35
C LEU A 73 11.99 10.96 -0.01
N LYS A 74 12.13 12.26 0.30
CA LYS A 74 11.62 13.00 1.49
C LYS A 74 10.13 12.76 1.94
N THR A 75 9.68 13.54 2.95
CA THR A 75 8.43 13.28 3.74
C THR A 75 7.14 13.17 2.89
N ASP A 76 6.95 14.18 2.05
CA ASP A 76 5.80 14.27 1.10
C ASP A 76 5.73 13.23 -0.07
N ASP A 77 6.84 12.52 -0.36
CA ASP A 77 6.78 11.21 -1.08
C ASP A 77 5.98 10.10 -0.32
N GLN A 78 6.19 9.93 1.00
CA GLN A 78 5.77 8.71 1.75
C GLN A 78 4.72 9.04 2.83
N ASP A 79 3.49 8.51 2.66
CA ASP A 79 2.28 9.04 3.34
C ASP A 79 1.34 7.94 3.94
N ILE A 80 0.21 8.36 4.56
CA ILE A 80 -0.75 7.46 5.25
C ILE A 80 -1.53 6.59 4.23
N TYR A 81 -1.46 5.25 4.40
CA TYR A 81 -2.09 4.28 3.46
C TYR A 81 -3.09 3.30 4.15
N LYS A 82 -3.76 2.48 3.34
CA LYS A 82 -4.76 1.49 3.78
C LYS A 82 -4.88 0.48 2.61
N VAL A 83 -4.47 -0.79 2.84
CA VAL A 83 -4.54 -1.85 1.82
C VAL A 83 -5.94 -2.52 1.82
N SER A 84 -6.52 -2.67 0.63
CA SER A 84 -7.46 -3.78 0.36
C SER A 84 -6.76 -4.77 -0.61
N ILE A 85 -7.02 -6.07 -0.40
CA ILE A 85 -6.70 -7.13 -1.39
C ILE A 85 -8.06 -7.60 -1.92
N TYR A 86 -8.12 -7.54 -3.24
CA TYR A 86 -9.28 -8.04 -4.04
C TYR A 86 -8.86 -9.32 -4.79
N ASP A 87 -9.89 -10.12 -5.10
CA ASP A 87 -9.74 -11.45 -5.74
C ASP A 87 -9.53 -11.36 -7.28
N THR A 88 -9.47 -12.54 -7.94
CA THR A 88 -9.57 -12.63 -9.43
C THR A 88 -10.84 -11.97 -10.07
N LYS A 89 -12.03 -12.16 -9.46
CA LYS A 89 -13.25 -11.40 -9.80
C LYS A 89 -13.33 -9.94 -9.22
N GLY A 90 -12.61 -9.56 -8.14
CA GLY A 90 -12.65 -8.19 -7.59
C GLY A 90 -13.52 -8.09 -6.33
N LYS A 91 -13.04 -8.67 -5.21
CA LYS A 91 -13.86 -8.85 -3.99
C LYS A 91 -12.94 -8.83 -2.72
N ASN A 92 -13.23 -7.86 -1.82
CA ASN A 92 -12.49 -7.63 -0.55
C ASN A 92 -12.32 -8.91 0.34
N VAL A 93 -11.04 -9.28 0.53
CA VAL A 93 -10.64 -10.42 1.40
C VAL A 93 -9.77 -9.85 2.55
N LEU A 94 -8.45 -9.72 2.32
CA LEU A 94 -7.47 -9.25 3.34
C LEU A 94 -7.43 -7.70 3.35
N GLU A 95 -7.85 -7.10 4.47
CA GLU A 95 -7.88 -5.62 4.66
C GLU A 95 -7.04 -5.28 5.91
N LYS A 96 -5.97 -4.51 5.70
CA LYS A 96 -5.05 -4.03 6.78
C LYS A 96 -4.81 -2.50 6.59
N ILE A 97 -4.33 -1.82 7.64
CA ILE A 97 -4.30 -0.32 7.73
C ILE A 97 -2.84 0.12 8.07
N PHE A 98 -2.39 1.24 7.48
CA PHE A 98 -0.93 1.58 7.38
C PHE A 98 -0.69 3.11 7.48
N ASP A 99 0.55 3.53 7.82
CA ASP A 99 0.83 4.97 8.11
C ASP A 99 2.33 5.28 7.86
N LEU A 100 2.79 6.07 6.84
CA LEU A 100 4.23 6.40 6.78
C LEU A 100 4.57 7.69 7.57
N LYS A 101 4.90 7.48 8.86
CA LYS A 101 5.39 8.53 9.78
C LYS A 101 6.94 8.47 9.85
N ILE A 102 7.54 9.66 9.96
CA ILE A 102 8.99 9.88 9.68
C ILE A 102 9.75 9.95 11.03
N GLN A 103 10.89 9.25 11.12
CA GLN A 103 11.71 9.18 12.38
C GLN A 103 12.35 10.56 12.74
N GLU A 104 12.12 11.00 13.98
CA GLU A 104 12.53 12.36 14.46
C GLU A 104 12.89 12.23 15.97
N ARG A 105 14.18 11.94 16.19
CA ARG A 105 14.75 11.70 17.54
C ARG A 105 15.58 12.91 18.03
N LYS A 1 2.73 -6.93 24.24
CA LYS A 1 1.58 -7.77 23.84
C LYS A 1 0.37 -6.85 23.56
N GLU A 2 0.04 -6.67 22.27
CA GLU A 2 -1.15 -5.88 21.83
C GLU A 2 -1.70 -6.44 20.48
N ILE A 3 -3.04 -6.48 20.35
CA ILE A 3 -3.73 -6.94 19.12
C ILE A 3 -4.28 -5.65 18.43
N THR A 4 -3.63 -5.33 17.31
CA THR A 4 -3.90 -4.08 16.52
C THR A 4 -4.43 -4.48 15.11
N ASN A 5 -5.14 -3.52 14.48
CA ASN A 5 -5.39 -3.54 13.00
C ASN A 5 -4.76 -2.31 12.27
N ALA A 6 -3.54 -1.94 12.65
CA ALA A 6 -2.82 -0.73 12.15
C ALA A 6 -1.29 -0.79 12.44
N LEU A 7 -0.54 0.00 11.65
CA LEU A 7 0.94 0.06 11.72
C LEU A 7 1.38 1.55 11.61
N GLU A 8 2.19 1.99 12.57
CA GLU A 8 3.00 3.24 12.43
C GLU A 8 4.38 2.88 11.83
N THR A 9 4.65 3.48 10.66
CA THR A 9 5.75 3.07 9.74
C THR A 9 6.70 4.29 9.61
N TRP A 10 7.89 4.24 10.24
CA TRP A 10 8.76 5.44 10.45
C TRP A 10 10.07 5.42 9.62
N GLY A 11 10.60 6.62 9.35
CA GLY A 11 11.87 6.79 8.60
C GLY A 11 12.04 8.25 8.14
N ALA A 12 13.16 8.89 8.53
CA ALA A 12 13.50 10.29 8.14
C ALA A 12 13.67 10.54 6.61
N LEU A 13 13.87 11.82 6.21
CA LEU A 13 13.98 12.21 4.77
C LEU A 13 15.14 11.45 4.04
N GLY A 14 14.77 10.81 2.92
CA GLY A 14 15.71 10.04 2.08
C GLY A 14 15.76 8.54 2.46
N GLN A 15 14.66 7.82 2.21
CA GLN A 15 14.48 6.42 2.70
C GLN A 15 13.85 5.51 1.61
N ASP A 16 14.15 4.20 1.66
CA ASP A 16 13.43 3.16 0.87
C ASP A 16 12.57 2.29 1.84
N ILE A 17 11.26 2.25 1.56
CA ILE A 17 10.23 1.64 2.47
C ILE A 17 9.25 0.80 1.59
N ASN A 18 9.08 -0.49 1.95
CA ASN A 18 8.09 -1.41 1.32
C ASN A 18 6.65 -1.24 1.94
N LEU A 19 5.59 -1.56 1.16
CA LEU A 19 4.24 -1.92 1.73
C LEU A 19 3.93 -3.36 1.29
N ASP A 20 4.08 -4.27 2.25
CA ASP A 20 4.01 -5.74 2.04
C ASP A 20 3.25 -6.31 3.26
N ILE A 21 2.12 -7.00 3.04
CA ILE A 21 1.28 -7.57 4.15
C ILE A 21 1.48 -9.13 4.20
N PRO A 22 2.22 -9.74 5.17
CA PRO A 22 2.41 -11.23 5.28
C PRO A 22 1.21 -11.97 5.95
N SER A 23 1.31 -13.32 5.97
CA SER A 23 0.24 -14.25 6.44
C SER A 23 -1.00 -14.23 5.50
N PHE A 24 -0.82 -14.85 4.32
CA PHE A 24 -1.84 -14.83 3.23
C PHE A 24 -1.73 -16.19 2.49
N GLN A 25 -2.88 -16.89 2.35
CA GLN A 25 -2.99 -18.15 1.56
C GLN A 25 -2.69 -17.97 0.04
N MET A 26 -2.47 -19.10 -0.67
CA MET A 26 -1.78 -19.18 -2.00
C MET A 26 -1.88 -17.97 -3.00
N SER A 27 -0.73 -17.60 -3.59
CA SER A 27 -0.64 -16.50 -4.60
C SER A 27 -1.35 -16.72 -5.97
N ASP A 28 -1.62 -17.98 -6.39
CA ASP A 28 -2.23 -18.33 -7.70
C ASP A 28 -3.56 -17.60 -8.08
N ASP A 29 -4.57 -17.58 -7.17
CA ASP A 29 -5.85 -16.85 -7.41
C ASP A 29 -5.91 -15.57 -6.51
N ILE A 30 -5.11 -14.56 -6.87
CA ILE A 30 -5.17 -13.20 -6.26
C ILE A 30 -4.85 -12.22 -7.43
N ASP A 31 -5.82 -11.38 -7.82
CA ASP A 31 -5.69 -10.48 -9.00
C ASP A 31 -5.44 -8.98 -8.62
N ASP A 32 -6.31 -8.38 -7.79
CA ASP A 32 -6.30 -6.91 -7.51
C ASP A 32 -5.57 -6.60 -6.18
N ILE A 33 -4.68 -5.59 -6.23
CA ILE A 33 -3.80 -5.21 -5.07
C ILE A 33 -3.99 -3.67 -4.91
N LYS A 34 -4.86 -3.25 -3.98
CA LYS A 34 -5.21 -1.82 -3.80
C LYS A 34 -4.63 -1.24 -2.50
N TRP A 35 -4.10 -0.02 -2.60
CA TRP A 35 -3.56 0.75 -1.47
C TRP A 35 -4.12 2.19 -1.61
N GLU A 36 -5.13 2.48 -0.77
CA GLU A 36 -5.77 3.82 -0.66
C GLU A 36 -5.03 4.72 0.37
N LYS A 37 -5.59 5.91 0.65
CA LYS A 37 -5.14 6.76 1.79
C LYS A 37 -6.13 6.72 2.99
N THR A 38 -5.68 7.16 4.18
CA THR A 38 -6.57 7.38 5.35
C THR A 38 -6.36 8.83 5.88
N SER A 39 -7.03 9.76 5.18
CA SER A 39 -7.17 11.19 5.58
C SER A 39 -8.48 11.70 4.90
N ASP A 40 -8.48 11.86 3.56
CA ASP A 40 -9.73 11.91 2.75
C ASP A 40 -10.38 10.52 2.38
N LYS A 41 -9.61 9.41 2.32
CA LYS A 41 -10.11 8.04 1.96
C LYS A 41 -10.29 7.91 0.43
N LYS A 42 -9.18 7.65 -0.29
CA LYS A 42 -9.18 7.59 -1.78
C LYS A 42 -7.96 6.82 -2.31
N LYS A 43 -8.21 5.93 -3.29
CA LYS A 43 -7.18 5.09 -4.00
C LYS A 43 -5.99 5.93 -4.54
N ILE A 44 -4.85 5.88 -3.83
CA ILE A 44 -3.65 6.66 -4.18
C ILE A 44 -2.78 5.92 -5.25
N ALA A 45 -2.50 4.59 -5.14
CA ALA A 45 -2.27 3.74 -6.34
C ALA A 45 -3.13 2.44 -6.20
N GLN A 46 -3.40 1.77 -7.33
CA GLN A 46 -4.20 0.51 -7.36
C GLN A 46 -3.79 -0.36 -8.58
N PHE A 47 -3.85 -1.69 -8.39
CA PHE A 47 -3.77 -2.70 -9.48
C PHE A 47 -5.13 -3.42 -9.66
N ARG A 48 -5.45 -3.70 -10.94
CA ARG A 48 -6.46 -4.72 -11.33
C ARG A 48 -5.92 -5.77 -12.35
N LYS A 49 -5.13 -5.39 -13.38
CA LYS A 49 -4.71 -6.28 -14.50
C LYS A 49 -5.93 -6.64 -15.40
N GLU A 50 -6.36 -5.66 -16.22
CA GLU A 50 -7.40 -5.82 -17.27
C GLU A 50 -7.61 -4.45 -17.97
N LYS A 51 -6.62 -4.02 -18.79
CA LYS A 51 -6.48 -2.64 -19.36
C LYS A 51 -7.07 -1.43 -18.58
N GLU A 52 -6.13 -0.69 -17.98
CA GLU A 52 -6.34 0.45 -17.05
C GLU A 52 -5.75 0.01 -15.69
N THR A 53 -4.60 0.59 -15.33
CA THR A 53 -3.86 0.28 -14.07
C THR A 53 -3.42 1.66 -13.49
N PHE A 54 -3.73 1.89 -12.20
CA PHE A 54 -3.51 3.22 -11.55
C PHE A 54 -2.06 3.28 -10.97
N LYS A 55 -1.17 3.99 -11.68
CA LYS A 55 0.24 4.24 -11.25
C LYS A 55 0.81 5.48 -12.01
N GLU A 56 1.70 6.25 -11.35
CA GLU A 56 2.21 7.55 -11.89
C GLU A 56 3.77 7.59 -11.97
N LYS A 57 4.46 7.83 -10.84
CA LYS A 57 5.93 8.11 -10.81
C LYS A 57 6.76 6.81 -10.53
N ASP A 58 8.09 6.95 -10.42
CA ASP A 58 8.83 6.28 -9.32
C ASP A 58 9.53 7.37 -8.46
N THR A 59 8.76 7.98 -7.54
CA THR A 59 8.98 7.67 -6.11
C THR A 59 8.40 6.29 -5.67
N TYR A 60 7.29 5.74 -6.24
CA TYR A 60 6.86 4.35 -5.93
C TYR A 60 6.16 3.56 -7.07
N LYS A 61 6.10 2.23 -6.86
CA LYS A 61 5.58 1.25 -7.83
C LYS A 61 4.79 0.17 -7.03
N LEU A 62 3.50 0.00 -7.34
CA LEU A 62 2.69 -1.13 -6.80
C LEU A 62 2.97 -2.41 -7.64
N PHE A 63 3.58 -3.47 -7.04
CA PHE A 63 3.97 -4.70 -7.79
C PHE A 63 2.78 -5.68 -8.07
N LYS A 64 3.14 -6.89 -8.55
CA LYS A 64 2.19 -7.90 -9.08
C LYS A 64 1.91 -9.10 -8.13
N ASN A 65 2.87 -9.58 -7.30
CA ASN A 65 2.63 -10.57 -6.25
C ASN A 65 1.66 -10.12 -5.10
N GLY A 66 1.84 -8.86 -4.66
CA GLY A 66 1.11 -8.27 -3.50
C GLY A 66 1.98 -7.27 -2.73
N THR A 67 2.50 -6.21 -3.40
CA THR A 67 3.65 -5.43 -2.85
C THR A 67 3.56 -3.94 -3.32
N LEU A 68 4.35 -3.10 -2.61
CA LEU A 68 4.62 -1.67 -2.95
C LEU A 68 6.14 -1.43 -2.64
N LYS A 69 6.83 -0.62 -3.47
CA LYS A 69 8.26 -0.22 -3.22
C LYS A 69 8.37 1.32 -3.37
N ILE A 70 8.68 2.04 -2.27
CA ILE A 70 8.74 3.53 -2.25
C ILE A 70 10.24 3.93 -2.14
N LYS A 71 10.89 4.24 -3.29
CA LYS A 71 12.35 4.54 -3.36
C LYS A 71 12.56 6.07 -3.46
N HIS A 72 13.48 6.63 -2.64
CA HIS A 72 13.83 8.07 -2.62
C HIS A 72 12.68 8.91 -1.98
N LEU A 73 12.95 9.48 -0.80
CA LEU A 73 11.92 10.08 0.07
C LEU A 73 12.35 11.45 0.69
N LYS A 74 11.31 12.01 1.30
CA LYS A 74 11.14 13.40 1.81
C LYS A 74 9.66 13.39 2.39
N THR A 75 9.27 14.47 3.08
CA THR A 75 7.90 14.65 3.62
C THR A 75 6.75 14.67 2.56
N ASP A 76 6.93 15.47 1.51
CA ASP A 76 6.06 15.42 0.29
C ASP A 76 6.20 14.18 -0.66
N ASP A 77 7.35 13.48 -0.65
CA ASP A 77 7.52 12.18 -1.36
C ASP A 77 6.73 10.98 -0.74
N GLN A 78 6.20 11.03 0.53
CA GLN A 78 5.45 9.89 1.15
C GLN A 78 4.05 10.25 1.75
N ASP A 79 3.25 9.18 2.02
CA ASP A 79 1.79 9.26 2.31
C ASP A 79 1.35 8.31 3.48
N ILE A 80 0.15 8.56 4.00
CA ILE A 80 -0.57 7.63 4.91
C ILE A 80 -1.43 6.65 4.04
N TYR A 81 -1.40 5.33 4.33
CA TYR A 81 -2.05 4.28 3.49
C TYR A 81 -3.12 3.42 4.27
N LYS A 82 -3.91 2.61 3.53
CA LYS A 82 -4.57 1.38 4.09
C LYS A 82 -4.84 0.40 2.91
N VAL A 83 -4.58 -0.90 3.13
CA VAL A 83 -4.73 -1.97 2.10
C VAL A 83 -6.17 -2.57 2.06
N SER A 84 -6.63 -2.89 0.84
CA SER A 84 -7.63 -3.97 0.61
C SER A 84 -7.12 -4.81 -0.58
N ILE A 85 -7.27 -6.14 -0.47
CA ILE A 85 -6.85 -7.11 -1.52
C ILE A 85 -8.11 -7.94 -1.91
N TYR A 86 -8.39 -7.96 -3.22
CA TYR A 86 -9.57 -8.64 -3.83
C TYR A 86 -9.03 -9.70 -4.83
N ASP A 87 -9.74 -10.84 -4.91
CA ASP A 87 -9.28 -12.02 -5.68
C ASP A 87 -9.65 -11.92 -7.21
N THR A 88 -9.46 -13.03 -7.96
CA THR A 88 -9.97 -13.17 -9.37
C THR A 88 -11.51 -13.01 -9.57
N LYS A 89 -12.34 -13.52 -8.65
CA LYS A 89 -13.78 -13.14 -8.56
C LYS A 89 -14.04 -11.67 -8.12
N GLY A 90 -13.23 -11.06 -7.23
CA GLY A 90 -13.39 -9.65 -6.80
C GLY A 90 -14.22 -9.50 -5.50
N LYS A 91 -13.69 -10.04 -4.40
CA LYS A 91 -14.35 -10.03 -3.07
C LYS A 91 -13.22 -9.82 -2.01
N ASN A 92 -13.47 -8.92 -1.04
CA ASN A 92 -12.44 -8.54 -0.04
C ASN A 92 -12.22 -9.66 1.01
N VAL A 93 -11.04 -10.27 0.93
CA VAL A 93 -10.54 -11.27 1.92
C VAL A 93 -9.80 -10.58 3.12
N LEU A 94 -8.80 -9.76 2.82
CA LEU A 94 -7.85 -9.20 3.81
C LEU A 94 -7.74 -7.64 3.64
N GLU A 95 -7.88 -6.91 4.76
CA GLU A 95 -7.72 -5.43 4.83
C GLU A 95 -7.02 -5.02 6.17
N LYS A 96 -6.18 -3.96 6.12
CA LYS A 96 -5.23 -3.58 7.22
C LYS A 96 -4.75 -2.10 7.02
N ILE A 97 -4.21 -1.44 8.07
CA ILE A 97 -3.97 0.04 8.10
C ILE A 97 -2.45 0.32 8.32
N PHE A 98 -1.92 1.37 7.64
CA PHE A 98 -0.45 1.64 7.50
C PHE A 98 -0.22 3.18 7.42
N ASP A 99 1.00 3.69 7.75
CA ASP A 99 1.21 5.16 7.93
C ASP A 99 2.69 5.50 7.64
N LEU A 100 3.12 5.93 6.42
CA LEU A 100 4.52 6.45 6.28
C LEU A 100 4.66 7.86 6.92
N LYS A 101 5.58 7.96 7.90
CA LYS A 101 5.89 9.22 8.64
C LYS A 101 7.43 9.50 8.67
N ILE A 102 7.77 10.75 9.03
CA ILE A 102 9.15 11.31 8.91
C ILE A 102 9.68 11.60 10.34
N GLN A 103 10.82 10.98 10.70
CA GLN A 103 11.57 11.30 11.95
C GLN A 103 12.29 12.68 11.85
N GLU A 104 12.18 13.45 12.95
CA GLU A 104 12.78 14.82 13.03
C GLU A 104 13.53 14.91 14.39
N ARG A 105 14.81 14.54 14.30
CA ARG A 105 15.75 14.48 15.46
C ARG A 105 16.29 15.86 15.86
#